data_2OSE
# 
_entry.id   2OSE 
# 
_audit_conform.dict_name       mmcif_pdbx.dic 
_audit_conform.dict_version    5.377 
_audit_conform.dict_location   http://mmcif.pdb.org/dictionaries/ascii/mmcif_pdbx.dic 
# 
loop_
_database_2.database_id 
_database_2.database_code 
_database_2.pdbx_database_accession 
_database_2.pdbx_DOI 
PDB   2OSE         pdb_00002ose 10.2210/pdb2ose/pdb 
RCSB  RCSB041527   ?            ?                   
WWPDB D_1000041527 ?            ?                   
# 
_pdbx_database_status.entry_id                        2OSE 
_pdbx_database_status.deposit_site                    RCSB 
_pdbx_database_status.process_site                    RCSB 
_pdbx_database_status.recvd_initial_deposition_date   2007-02-05 
_pdbx_database_status.status_code                     REL 
_pdbx_database_status.status_code_sf                  REL 
_pdbx_database_status.status_code_mr                  ? 
_pdbx_database_status.SG_entry                        ? 
_pdbx_database_status.pdb_format_compatible           Y 
_pdbx_database_status.status_code_cs                  ? 
_pdbx_database_status.methods_development_category    ? 
_pdbx_database_status.status_code_nmr_data            ? 
# 
loop_
_audit_author.name 
_audit_author.pdbx_ordinal 
'Eisenmesser, E.Z.' 1 
'Thai, V.'          2 
'Renesto, P.'       3 
'Raoult, D.'        4 
# 
_citation.id                        primary 
_citation.title                     
'Structural, biochemical, and in vivo characterization of the first virally encoded cyclophilin from the Mimivirus.' 
_citation.journal_abbrev            J.Mol.Biol. 
_citation.journal_volume            378 
_citation.page_first                71 
_citation.page_last                 86 
_citation.year                      2008 
_citation.journal_id_ASTM           JMOBAK 
_citation.country                   UK 
_citation.journal_id_ISSN           0022-2836 
_citation.journal_id_CSD            0070 
_citation.book_publisher            ? 
_citation.pdbx_database_id_PubMed   18342330 
_citation.pdbx_database_id_DOI      10.1016/j.jmb.2007.08.051 
# 
loop_
_citation_author.citation_id 
_citation_author.name 
_citation_author.ordinal 
_citation_author.identifier_ORCID 
primary 'Thai, V.'          1  ? 
primary 'Renesto, P.'       2  ? 
primary 'Fowler, C.A.'      3  ? 
primary 'Brown, D.J.'       4  ? 
primary 'Davis, T.'         5  ? 
primary 'Gu, W.'            6  ? 
primary 'Pollock, D.D.'     7  ? 
primary 'Kern, D.'          8  ? 
primary 'Raoult, D.'        9  ? 
primary 'Eisenmesser, E.Z.' 10 ? 
# 
_cell.length_a           95.032 
_cell.length_b           95.032 
_cell.length_c           95.032 
_cell.angle_alpha        90.000 
_cell.angle_beta         90.000 
_cell.angle_gamma        90.000 
_cell.entry_id           2OSE 
_cell.pdbx_unique_axis   ? 
_cell.Z_PDB              12 
_cell.length_a_esd       ? 
_cell.length_b_esd       ? 
_cell.length_c_esd       ? 
_cell.angle_alpha_esd    ? 
_cell.angle_beta_esd     ? 
_cell.angle_gamma_esd    ? 
# 
_symmetry.space_group_name_H-M             'P 21 3' 
_symmetry.entry_id                         2OSE 
_symmetry.Int_Tables_number                198 
_symmetry.pdbx_full_space_group_name_H-M   ? 
_symmetry.cell_setting                     ? 
_symmetry.space_group_name_Hall            ? 
# 
loop_
_entity.id 
_entity.type 
_entity.src_method 
_entity.pdbx_description 
_entity.formula_weight 
_entity.pdbx_number_of_molecules 
_entity.pdbx_ec 
_entity.pdbx_mutation 
_entity.pdbx_fragment 
_entity.details 
1 polymer     man 'Probable peptidyl-prolyl cis-trans isomerase' 26570.861 1  5.2.1.8 ? ? ? 
2 non-polymer syn 'CHLORIDE ION'                                 35.453    2  ?       ? ? ? 
3 water       nat water                                          18.015    77 ?       ? ? ? 
# 
_entity_name_com.entity_id   1 
_entity_name_com.name        'PPIase, Rotamase' 
# 
_entity_poly.entity_id                      1 
_entity_poly.type                           'polypeptide(L)' 
_entity_poly.nstd_linkage                   no 
_entity_poly.nstd_monomer                   no 
_entity_poly.pdbx_seq_one_letter_code       
;MNYSLEDLPNSGKNPRVYMDIVLNNEIIGRLQIKLFRDAFPAGVENFVQLTNGKTYRVNSNGTGKYKYNRHINRTYEGCK
FHNVLHNNYIVSGDIYNSNGSSAGTVYCDEPIPPVFGDYFYPHESKGLLSLVPYTDESGNRYYDSTFMITLDDIRPSNVL
DELDRDQVVIGQVYGGLDVLDKINSMIKPYAGRKYPTFSIGKCGAYLDSSQAQRKRPVNVNGTKRFLNKPTRVN
;
_entity_poly.pdbx_seq_one_letter_code_can   
;MNYSLEDLPNSGKNPRVYMDIVLNNEIIGRLQIKLFRDAFPAGVENFVQLTNGKTYRVNSNGTGKYKYNRHINRTYEGCK
FHNVLHNNYIVSGDIYNSNGSSAGTVYCDEPIPPVFGDYFYPHESKGLLSLVPYTDESGNRYYDSTFMITLDDIRPSNVL
DELDRDQVVIGQVYGGLDVLDKINSMIKPYAGRKYPTFSIGKCGAYLDSSQAQRKRPVNVNGTKRFLNKPTRVN
;
_entity_poly.pdbx_strand_id                 A 
_entity_poly.pdbx_target_identifier         ? 
# 
loop_
_entity_poly_seq.entity_id 
_entity_poly_seq.num 
_entity_poly_seq.mon_id 
_entity_poly_seq.hetero 
1 1   MET n 
1 2   ASN n 
1 3   TYR n 
1 4   SER n 
1 5   LEU n 
1 6   GLU n 
1 7   ASP n 
1 8   LEU n 
1 9   PRO n 
1 10  ASN n 
1 11  SER n 
1 12  GLY n 
1 13  LYS n 
1 14  ASN n 
1 15  PRO n 
1 16  ARG n 
1 17  VAL n 
1 18  TYR n 
1 19  MET n 
1 20  ASP n 
1 21  ILE n 
1 22  VAL n 
1 23  LEU n 
1 24  ASN n 
1 25  ASN n 
1 26  GLU n 
1 27  ILE n 
1 28  ILE n 
1 29  GLY n 
1 30  ARG n 
1 31  LEU n 
1 32  GLN n 
1 33  ILE n 
1 34  LYS n 
1 35  LEU n 
1 36  PHE n 
1 37  ARG n 
1 38  ASP n 
1 39  ALA n 
1 40  PHE n 
1 41  PRO n 
1 42  ALA n 
1 43  GLY n 
1 44  VAL n 
1 45  GLU n 
1 46  ASN n 
1 47  PHE n 
1 48  VAL n 
1 49  GLN n 
1 50  LEU n 
1 51  THR n 
1 52  ASN n 
1 53  GLY n 
1 54  LYS n 
1 55  THR n 
1 56  TYR n 
1 57  ARG n 
1 58  VAL n 
1 59  ASN n 
1 60  SER n 
1 61  ASN n 
1 62  GLY n 
1 63  THR n 
1 64  GLY n 
1 65  LYS n 
1 66  TYR n 
1 67  LYS n 
1 68  TYR n 
1 69  ASN n 
1 70  ARG n 
1 71  HIS n 
1 72  ILE n 
1 73  ASN n 
1 74  ARG n 
1 75  THR n 
1 76  TYR n 
1 77  GLU n 
1 78  GLY n 
1 79  CYS n 
1 80  LYS n 
1 81  PHE n 
1 82  HIS n 
1 83  ASN n 
1 84  VAL n 
1 85  LEU n 
1 86  HIS n 
1 87  ASN n 
1 88  ASN n 
1 89  TYR n 
1 90  ILE n 
1 91  VAL n 
1 92  SER n 
1 93  GLY n 
1 94  ASP n 
1 95  ILE n 
1 96  TYR n 
1 97  ASN n 
1 98  SER n 
1 99  ASN n 
1 100 GLY n 
1 101 SER n 
1 102 SER n 
1 103 ALA n 
1 104 GLY n 
1 105 THR n 
1 106 VAL n 
1 107 TYR n 
1 108 CYS n 
1 109 ASP n 
1 110 GLU n 
1 111 PRO n 
1 112 ILE n 
1 113 PRO n 
1 114 PRO n 
1 115 VAL n 
1 116 PHE n 
1 117 GLY n 
1 118 ASP n 
1 119 TYR n 
1 120 PHE n 
1 121 TYR n 
1 122 PRO n 
1 123 HIS n 
1 124 GLU n 
1 125 SER n 
1 126 LYS n 
1 127 GLY n 
1 128 LEU n 
1 129 LEU n 
1 130 SER n 
1 131 LEU n 
1 132 VAL n 
1 133 PRO n 
1 134 TYR n 
1 135 THR n 
1 136 ASP n 
1 137 GLU n 
1 138 SER n 
1 139 GLY n 
1 140 ASN n 
1 141 ARG n 
1 142 TYR n 
1 143 TYR n 
1 144 ASP n 
1 145 SER n 
1 146 THR n 
1 147 PHE n 
1 148 MET n 
1 149 ILE n 
1 150 THR n 
1 151 LEU n 
1 152 ASP n 
1 153 ASP n 
1 154 ILE n 
1 155 ARG n 
1 156 PRO n 
1 157 SER n 
1 158 ASN n 
1 159 VAL n 
1 160 LEU n 
1 161 ASP n 
1 162 GLU n 
1 163 LEU n 
1 164 ASP n 
1 165 ARG n 
1 166 ASP n 
1 167 GLN n 
1 168 VAL n 
1 169 VAL n 
1 170 ILE n 
1 171 GLY n 
1 172 GLN n 
1 173 VAL n 
1 174 TYR n 
1 175 GLY n 
1 176 GLY n 
1 177 LEU n 
1 178 ASP n 
1 179 VAL n 
1 180 LEU n 
1 181 ASP n 
1 182 LYS n 
1 183 ILE n 
1 184 ASN n 
1 185 SER n 
1 186 MET n 
1 187 ILE n 
1 188 LYS n 
1 189 PRO n 
1 190 TYR n 
1 191 ALA n 
1 192 GLY n 
1 193 ARG n 
1 194 LYS n 
1 195 TYR n 
1 196 PRO n 
1 197 THR n 
1 198 PHE n 
1 199 SER n 
1 200 ILE n 
1 201 GLY n 
1 202 LYS n 
1 203 CYS n 
1 204 GLY n 
1 205 ALA n 
1 206 TYR n 
1 207 LEU n 
1 208 ASP n 
1 209 SER n 
1 210 SER n 
1 211 GLN n 
1 212 ALA n 
1 213 GLN n 
1 214 ARG n 
1 215 LYS n 
1 216 ARG n 
1 217 PRO n 
1 218 VAL n 
1 219 ASN n 
1 220 VAL n 
1 221 ASN n 
1 222 GLY n 
1 223 THR n 
1 224 LYS n 
1 225 ARG n 
1 226 PHE n 
1 227 LEU n 
1 228 ASN n 
1 229 LYS n 
1 230 PRO n 
1 231 THR n 
1 232 ARG n 
1 233 VAL n 
1 234 ASN n 
# 
_entity_src_gen.entity_id                          1 
_entity_src_gen.pdbx_src_id                        1 
_entity_src_gen.pdbx_alt_source_flag               sample 
_entity_src_gen.pdbx_seq_type                      ? 
_entity_src_gen.pdbx_beg_seq_num                   ? 
_entity_src_gen.pdbx_end_seq_num                   ? 
_entity_src_gen.gene_src_common_name               ? 
_entity_src_gen.gene_src_genus                     Mimivirus 
_entity_src_gen.pdbx_gene_src_gene                 MIMI_L605 
_entity_src_gen.gene_src_species                   ? 
_entity_src_gen.gene_src_strain                    ? 
_entity_src_gen.gene_src_tissue                    ? 
_entity_src_gen.gene_src_tissue_fraction           ? 
_entity_src_gen.gene_src_details                   ? 
_entity_src_gen.pdbx_gene_src_fragment             ? 
_entity_src_gen.pdbx_gene_src_scientific_name      Mimivirus 
_entity_src_gen.pdbx_gene_src_ncbi_taxonomy_id     315393 
_entity_src_gen.pdbx_gene_src_variant              ? 
_entity_src_gen.pdbx_gene_src_cell_line            ? 
_entity_src_gen.pdbx_gene_src_atcc                 ? 
_entity_src_gen.pdbx_gene_src_organ                ? 
_entity_src_gen.pdbx_gene_src_organelle            ? 
_entity_src_gen.pdbx_gene_src_cell                 ? 
_entity_src_gen.pdbx_gene_src_cellular_location    ? 
_entity_src_gen.host_org_common_name               ? 
_entity_src_gen.pdbx_host_org_scientific_name      'Escherichia coli' 
_entity_src_gen.pdbx_host_org_ncbi_taxonomy_id     562 
_entity_src_gen.host_org_genus                     Escherichia 
_entity_src_gen.pdbx_host_org_gene                 ? 
_entity_src_gen.pdbx_host_org_organ                ? 
_entity_src_gen.host_org_species                   ? 
_entity_src_gen.pdbx_host_org_tissue               ? 
_entity_src_gen.pdbx_host_org_tissue_fraction      ? 
_entity_src_gen.pdbx_host_org_strain               ? 
_entity_src_gen.pdbx_host_org_variant              ? 
_entity_src_gen.pdbx_host_org_cell_line            ? 
_entity_src_gen.pdbx_host_org_atcc                 ? 
_entity_src_gen.pdbx_host_org_culture_collection   ? 
_entity_src_gen.pdbx_host_org_cell                 ? 
_entity_src_gen.pdbx_host_org_organelle            ? 
_entity_src_gen.pdbx_host_org_cellular_location    ? 
_entity_src_gen.pdbx_host_org_vector_type          plasmid 
_entity_src_gen.pdbx_host_org_vector               ? 
_entity_src_gen.host_org_details                   ? 
_entity_src_gen.expression_system_id               ? 
_entity_src_gen.plasmid_name                       pET15-B 
_entity_src_gen.plasmid_details                    ? 
_entity_src_gen.pdbx_description                   ? 
# 
_struct_ref.id                         1 
_struct_ref.db_name                    UNP 
_struct_ref.db_code                    PPI_MIMIV 
_struct_ref.pdbx_db_accession          Q5UP71 
_struct_ref.entity_id                  1 
_struct_ref.pdbx_seq_one_letter_code   
;MNYSLEDLPNSGKNPRVYMDIVLNNEIIGRLQIKLFRDAFPAGVENFVQLTNGKTYRVNSNGTGKYKYNRHINRTYEGCK
FHNVLHNNYIVSGDIYNSNGSSAGTVYCDEPIPPVFGDYFYPHESKGLLSLVPYTDESGNRYYDSTFMITLDDIRPSNVL
DELDRDQVVIGQVYGGLDVLDKINSMIKPYAGRKYPTFSIGKCGAYLDSSQAQRKRPVNVNGTKRFLNKPTRVN
;
_struct_ref.pdbx_align_begin           1 
_struct_ref.pdbx_db_isoform            ? 
# 
_struct_ref_seq.align_id                      1 
_struct_ref_seq.ref_id                        1 
_struct_ref_seq.pdbx_PDB_id_code              2OSE 
_struct_ref_seq.pdbx_strand_id                A 
_struct_ref_seq.seq_align_beg                 1 
_struct_ref_seq.pdbx_seq_align_beg_ins_code   ? 
_struct_ref_seq.seq_align_end                 234 
_struct_ref_seq.pdbx_seq_align_end_ins_code   ? 
_struct_ref_seq.pdbx_db_accession             Q5UP71 
_struct_ref_seq.db_align_beg                  1 
_struct_ref_seq.pdbx_db_align_beg_ins_code    ? 
_struct_ref_seq.db_align_end                  234 
_struct_ref_seq.pdbx_db_align_end_ins_code    ? 
_struct_ref_seq.pdbx_auth_seq_align_beg       1 
_struct_ref_seq.pdbx_auth_seq_align_end       234 
# 
loop_
_chem_comp.id 
_chem_comp.type 
_chem_comp.mon_nstd_flag 
_chem_comp.name 
_chem_comp.pdbx_synonyms 
_chem_comp.formula 
_chem_comp.formula_weight 
ALA 'L-peptide linking' y ALANINE         ? 'C3 H7 N O2'     89.093  
ARG 'L-peptide linking' y ARGININE        ? 'C6 H15 N4 O2 1' 175.209 
ASN 'L-peptide linking' y ASPARAGINE      ? 'C4 H8 N2 O3'    132.118 
ASP 'L-peptide linking' y 'ASPARTIC ACID' ? 'C4 H7 N O4'     133.103 
CL  non-polymer         . 'CHLORIDE ION'  ? 'Cl -1'          35.453  
CYS 'L-peptide linking' y CYSTEINE        ? 'C3 H7 N O2 S'   121.158 
GLN 'L-peptide linking' y GLUTAMINE       ? 'C5 H10 N2 O3'   146.144 
GLU 'L-peptide linking' y 'GLUTAMIC ACID' ? 'C5 H9 N O4'     147.129 
GLY 'peptide linking'   y GLYCINE         ? 'C2 H5 N O2'     75.067  
HIS 'L-peptide linking' y HISTIDINE       ? 'C6 H10 N3 O2 1' 156.162 
HOH non-polymer         . WATER           ? 'H2 O'           18.015  
ILE 'L-peptide linking' y ISOLEUCINE      ? 'C6 H13 N O2'    131.173 
LEU 'L-peptide linking' y LEUCINE         ? 'C6 H13 N O2'    131.173 
LYS 'L-peptide linking' y LYSINE          ? 'C6 H15 N2 O2 1' 147.195 
MET 'L-peptide linking' y METHIONINE      ? 'C5 H11 N O2 S'  149.211 
PHE 'L-peptide linking' y PHENYLALANINE   ? 'C9 H11 N O2'    165.189 
PRO 'L-peptide linking' y PROLINE         ? 'C5 H9 N O2'     115.130 
SER 'L-peptide linking' y SERINE          ? 'C3 H7 N O3'     105.093 
THR 'L-peptide linking' y THREONINE       ? 'C4 H9 N O3'     119.119 
TYR 'L-peptide linking' y TYROSINE        ? 'C9 H11 N O3'    181.189 
VAL 'L-peptide linking' y VALINE          ? 'C5 H11 N O2'    117.146 
# 
_exptl.crystals_number   1 
_exptl.entry_id          2OSE 
_exptl.method            'X-RAY DIFFRACTION' 
# 
_exptl_crystal.id                    1 
_exptl_crystal.density_Matthews      2.69 
_exptl_crystal.density_meas          ? 
_exptl_crystal.density_percent_sol   54.28 
_exptl_crystal.description           ? 
_exptl_crystal.F_000                 ? 
_exptl_crystal.preparation           ? 
# 
_exptl_crystal_grow.crystal_id      1 
_exptl_crystal_grow.method          'VAPOR DIFFUSION, SITTING DROP' 
_exptl_crystal_grow.pH              6.5 
_exptl_crystal_grow.temp            298 
_exptl_crystal_grow.temp_details    ? 
_exptl_crystal_grow.pdbx_details    
;0.1 M sodium phosphate monobasic monohydrate, 0.1 M potassium phosphate monobasic, 0.1 M MES monohydrate (pH 6.5), and 2 M sodium chloride, VAPOR DIFFUSION, SITTING DROP, temperature 298K
;
_exptl_crystal_grow.pdbx_pH_range   . 
# 
_diffrn.id                     1 
_diffrn.ambient_temp           100 
_diffrn.ambient_temp_details   ? 
_diffrn.crystal_id             1 
# 
_diffrn_detector.diffrn_id              1 
_diffrn_detector.detector               CCD 
_diffrn_detector.type                   'ADSC QUANTUM 210' 
_diffrn_detector.pdbx_collection_date   2007-01-30 
_diffrn_detector.details                mirrors 
# 
_diffrn_radiation.diffrn_id                        1 
_diffrn_radiation.wavelength_id                    1 
_diffrn_radiation.pdbx_diffrn_protocol             'SINGLE WAVELENGTH' 
_diffrn_radiation.monochromator                    'Si 111 CHANNEL' 
_diffrn_radiation.pdbx_monochromatic_or_laue_m_l   M 
_diffrn_radiation.pdbx_scattering_type             x-ray 
# 
_diffrn_radiation_wavelength.id           1 
_diffrn_radiation_wavelength.wavelength   1.00 
_diffrn_radiation_wavelength.wt           1.0 
# 
_diffrn_source.diffrn_id                   1 
_diffrn_source.source                      SYNCHROTRON 
_diffrn_source.type                        'NSLS BEAMLINE X6A' 
_diffrn_source.pdbx_wavelength             ? 
_diffrn_source.pdbx_wavelength_list        1.00 
_diffrn_source.pdbx_synchrotron_site       NSLS 
_diffrn_source.pdbx_synchrotron_beamline   X6A 
# 
_reflns.entry_id                     2OSE 
_reflns.d_resolution_high            2.040 
_reflns.d_resolution_low             67.27 
_reflns.number_obs                   18528 
_reflns.pdbx_Rmerge_I_obs            0.067 
_reflns.pdbx_netI_over_sigmaI        10.300 
_reflns.pdbx_chi_squared             0.988 
_reflns.pdbx_redundancy              12.800 
_reflns.percent_possible_obs         100.000 
_reflns.observed_criterion_sigma_F   0 
_reflns.observed_criterion_sigma_I   0 
_reflns.number_all                   18528 
_reflns.pdbx_Rsym_value              ? 
_reflns.B_iso_Wilson_estimate        ? 
_reflns.R_free_details               ? 
_reflns.limit_h_max                  ? 
_reflns.limit_h_min                  ? 
_reflns.limit_k_max                  ? 
_reflns.limit_k_min                  ? 
_reflns.limit_l_max                  ? 
_reflns.limit_l_min                  ? 
_reflns.observed_criterion_F_max     ? 
_reflns.observed_criterion_F_min     ? 
_reflns.pdbx_scaling_rejects         ? 
_reflns.pdbx_diffrn_id               1 
_reflns.pdbx_ordinal                 1 
# 
_reflns_shell.d_res_high             2.04 
_reflns_shell.d_res_low              2.11 
_reflns_shell.number_measured_obs    ? 
_reflns_shell.number_measured_all    ? 
_reflns_shell.number_unique_obs      ? 
_reflns_shell.Rmerge_I_obs           0.712 
_reflns_shell.meanI_over_sigI_obs    ? 
_reflns_shell.pdbx_Rsym_value        ? 
_reflns_shell.pdbx_chi_squared       0.938 
_reflns_shell.pdbx_redundancy        10.20 
_reflns_shell.percent_possible_obs   ? 
_reflns_shell.number_unique_all      1836 
_reflns_shell.percent_possible_all   100.00 
_reflns_shell.pdbx_diffrn_id         ? 
_reflns_shell.pdbx_ordinal           1 
# 
_refine.entry_id                                 2OSE 
_refine.ls_d_res_high                            2.040 
_refine.ls_d_res_low                             67.270 
_refine.pdbx_ls_sigma_F                          0.00 
_refine.ls_percent_reflns_obs                    99.900 
_refine.ls_number_reflns_obs                     18485 
_refine.pdbx_ls_cross_valid_method               THROUGHOUT 
_refine.pdbx_R_Free_selection_details            RANDOM 
_refine.details                                  'HYDROGENS HAVE BEEN ADDED IN THE RIDING POSITIONS' 
_refine.ls_R_factor_obs                          0.216 
_refine.ls_R_factor_R_work                       0.214 
_refine.ls_R_factor_R_free                       0.255 
_refine.ls_percent_reflns_R_free                 5.100 
_refine.ls_number_reflns_R_free                  948 
_refine.B_iso_mean                               35.792 
_refine.correlation_coeff_Fo_to_Fc               0.949 
_refine.correlation_coeff_Fo_to_Fc_free          0.930 
_refine.pdbx_overall_ESU_R                       0.171 
_refine.pdbx_overall_ESU_R_Free                  0.162 
_refine.overall_SU_ML                            0.114 
_refine.overall_SU_B                             4.075 
_refine.solvent_model_details                    MASK 
_refine.pdbx_solvent_vdw_probe_radii             1.400 
_refine.pdbx_solvent_ion_probe_radii             0.800 
_refine.pdbx_solvent_shrinkage_radii             0.800 
_refine.pdbx_stereochemistry_target_values       'MAXIMUM LIKELIHOOD' 
_refine.pdbx_ls_sigma_I                          ? 
_refine.ls_number_reflns_all                     ? 
_refine.ls_R_factor_all                          ? 
_refine.ls_redundancy_reflns_obs                 ? 
_refine.pdbx_data_cutoff_high_absF               ? 
_refine.pdbx_data_cutoff_low_absF                ? 
_refine.ls_number_parameters                     ? 
_refine.ls_number_restraints                     ? 
_refine.ls_R_factor_R_free_error                 ? 
_refine.ls_R_factor_R_free_error_details         ? 
_refine.pdbx_method_to_determine_struct          'MOLECULAR REPLACEMENT' 
_refine.pdbx_starting_model                      2BIT 
_refine.pdbx_stereochem_target_val_spec_case     ? 
_refine.solvent_model_param_bsol                 ? 
_refine.solvent_model_param_ksol                 ? 
_refine.occupancy_max                            ? 
_refine.occupancy_min                            ? 
_refine.pdbx_isotropic_thermal_model             ? 
_refine.aniso_B[1][1]                            ? 
_refine.aniso_B[1][2]                            ? 
_refine.aniso_B[1][3]                            ? 
_refine.aniso_B[2][2]                            ? 
_refine.aniso_B[2][3]                            ? 
_refine.aniso_B[3][3]                            ? 
_refine.B_iso_min                                ? 
_refine.B_iso_max                                ? 
_refine.overall_SU_R_Cruickshank_DPI             ? 
_refine.overall_SU_R_free                        ? 
_refine.pdbx_data_cutoff_high_rms_absF           ? 
_refine.ls_wR_factor_R_free                      ? 
_refine.ls_wR_factor_R_work                      ? 
_refine.overall_FOM_free_R_set                   ? 
_refine.overall_FOM_work_R_set                   ? 
_refine.pdbx_overall_phase_error                 ? 
_refine.pdbx_refine_id                           'X-RAY DIFFRACTION' 
_refine.pdbx_diffrn_id                           1 
_refine.pdbx_TLS_residual_ADP_flag               ? 
_refine.pdbx_overall_SU_R_free_Cruickshank_DPI   ? 
_refine.pdbx_overall_SU_R_Blow_DPI               ? 
_refine.pdbx_overall_SU_R_free_Blow_DPI          ? 
# 
_refine_hist.pdbx_refine_id                   'X-RAY DIFFRACTION' 
_refine_hist.cycle_id                         LAST 
_refine_hist.pdbx_number_atoms_protein        1558 
_refine_hist.pdbx_number_atoms_nucleic_acid   0 
_refine_hist.pdbx_number_atoms_ligand         2 
_refine_hist.number_atoms_solvent             77 
_refine_hist.number_atoms_total               1637 
_refine_hist.d_res_high                       2.040 
_refine_hist.d_res_low                        67.270 
# 
loop_
_refine_ls_restr.type 
_refine_ls_restr.number 
_refine_ls_restr.dev_ideal 
_refine_ls_restr.dev_ideal_target 
_refine_ls_restr.weight 
_refine_ls_restr.pdbx_refine_id 
_refine_ls_restr.pdbx_restraint_function 
r_bond_refined_d         1593 0.015  0.022  ? 'X-RAY DIFFRACTION' ? 
r_angle_refined_deg      2158 1.489  1.968  ? 'X-RAY DIFFRACTION' ? 
r_dihedral_angle_1_deg   192  6.706  5.000  ? 'X-RAY DIFFRACTION' ? 
r_dihedral_angle_2_deg   81   39.559 24.198 ? 'X-RAY DIFFRACTION' ? 
r_dihedral_angle_3_deg   260  15.222 15.000 ? 'X-RAY DIFFRACTION' ? 
r_dihedral_angle_4_deg   10   15.857 15.000 ? 'X-RAY DIFFRACTION' ? 
r_chiral_restr           230  0.112  0.200  ? 'X-RAY DIFFRACTION' ? 
r_gen_planes_refined     1240 0.006  0.020  ? 'X-RAY DIFFRACTION' ? 
r_nbd_refined            643  0.206  0.200  ? 'X-RAY DIFFRACTION' ? 
r_nbtor_refined          1065 0.312  0.200  ? 'X-RAY DIFFRACTION' ? 
r_xyhbond_nbd_refined    90   0.147  0.200  ? 'X-RAY DIFFRACTION' ? 
r_symmetry_vdw_refined   38   0.164  0.200  ? 'X-RAY DIFFRACTION' ? 
r_symmetry_hbond_refined 7    0.221  0.200  ? 'X-RAY DIFFRACTION' ? 
r_mcbond_it              1003 1.196  1.500  ? 'X-RAY DIFFRACTION' ? 
r_mcangle_it             1565 1.812  2.000  ? 'X-RAY DIFFRACTION' ? 
r_scbond_it              683  2.483  3.000  ? 'X-RAY DIFFRACTION' ? 
r_scangle_it             593  3.700  4.500  ? 'X-RAY DIFFRACTION' ? 
# 
_refine_ls_shell.d_res_high                       2.040 
_refine_ls_shell.d_res_low                        2.093 
_refine_ls_shell.pdbx_total_number_of_bins_used   20 
_refine_ls_shell.percent_reflns_obs               100.000 
_refine_ls_shell.number_reflns_R_work             1273 
_refine_ls_shell.R_factor_all                     ? 
_refine_ls_shell.R_factor_R_work                  0.246 
_refine_ls_shell.R_factor_R_free                  0.335 
_refine_ls_shell.percent_reflns_R_free            ? 
_refine_ls_shell.number_reflns_R_free             61 
_refine_ls_shell.R_factor_R_free_error            ? 
_refine_ls_shell.number_reflns_all                ? 
_refine_ls_shell.number_reflns_obs                1334 
_refine_ls_shell.redundancy_reflns_obs            ? 
_refine_ls_shell.pdbx_refine_id                   'X-RAY DIFFRACTION' 
# 
_struct.entry_id                  2OSE 
_struct.title                     'Crystal Structure of the Mimivirus Cyclophilin' 
_struct.pdbx_model_details        ? 
_struct.pdbx_CASP_flag            ? 
_struct.pdbx_model_type_details   ? 
# 
_struct_keywords.entry_id        2OSE 
_struct_keywords.pdbx_keywords   ISOMERASE 
_struct_keywords.text            'mimivirus, cyclophilin, ISOMERASE' 
# 
loop_
_struct_asym.id 
_struct_asym.pdbx_blank_PDB_chainid_flag 
_struct_asym.pdbx_modified 
_struct_asym.entity_id 
_struct_asym.details 
A N N 1 ? 
B N N 2 ? 
C N N 2 ? 
D N N 3 ? 
# 
_struct_biol.id        1 
_struct_biol.details   
;The biological assembly is possibly a trimer generated from the monomer in the asymmetric unit by the operations: 
Z,X,Y and Y,Z,X
;
# 
loop_
_struct_conf.conf_type_id 
_struct_conf.id 
_struct_conf.pdbx_PDB_helix_id 
_struct_conf.beg_label_comp_id 
_struct_conf.beg_label_asym_id 
_struct_conf.beg_label_seq_id 
_struct_conf.pdbx_beg_PDB_ins_code 
_struct_conf.end_label_comp_id 
_struct_conf.end_label_asym_id 
_struct_conf.end_label_seq_id 
_struct_conf.pdbx_end_PDB_ins_code 
_struct_conf.beg_auth_comp_id 
_struct_conf.beg_auth_asym_id 
_struct_conf.beg_auth_seq_id 
_struct_conf.end_auth_comp_id 
_struct_conf.end_auth_asym_id 
_struct_conf.end_auth_seq_id 
_struct_conf.pdbx_PDB_helix_class 
_struct_conf.details 
_struct_conf.pdbx_PDB_helix_length 
HELX_P HELX_P1 1 ARG A 37  ? ALA A 39  ? ARG A 37  ALA A 39  5 ? 3  
HELX_P HELX_P2 2 PHE A 40  ? GLY A 53  ? PHE A 40  GLY A 53  1 ? 14 
HELX_P HELX_P3 3 VAL A 159 ? LEU A 163 ? VAL A 159 LEU A 163 5 ? 5  
HELX_P HELX_P4 4 GLY A 176 ? ILE A 187 ? GLY A 176 ILE A 187 1 ? 12 
HELX_P HELX_P5 5 ASP A 208 ? GLN A 213 ? ASP A 208 GLN A 213 1 ? 6  
# 
_struct_conf_type.id          HELX_P 
_struct_conf_type.criteria    ? 
_struct_conf_type.reference   ? 
# 
loop_
_struct_sheet.id 
_struct_sheet.type 
_struct_sheet.number_strands 
_struct_sheet.details 
A ? 8 ? 
B ? 2 ? 
# 
loop_
_struct_sheet_order.sheet_id 
_struct_sheet_order.range_id_1 
_struct_sheet_order.range_id_2 
_struct_sheet_order.offset 
_struct_sheet_order.sense 
A 1 2 ? anti-parallel 
A 2 3 ? anti-parallel 
A 3 4 ? anti-parallel 
A 4 5 ? anti-parallel 
A 5 6 ? anti-parallel 
A 6 7 ? anti-parallel 
A 7 8 ? anti-parallel 
B 1 2 ? anti-parallel 
# 
loop_
_struct_sheet_range.sheet_id 
_struct_sheet_range.id 
_struct_sheet_range.beg_label_comp_id 
_struct_sheet_range.beg_label_asym_id 
_struct_sheet_range.beg_label_seq_id 
_struct_sheet_range.pdbx_beg_PDB_ins_code 
_struct_sheet_range.end_label_comp_id 
_struct_sheet_range.end_label_asym_id 
_struct_sheet_range.end_label_seq_id 
_struct_sheet_range.pdbx_end_PDB_ins_code 
_struct_sheet_range.beg_auth_comp_id 
_struct_sheet_range.beg_auth_asym_id 
_struct_sheet_range.beg_auth_seq_id 
_struct_sheet_range.end_auth_comp_id 
_struct_sheet_range.end_auth_asym_id 
_struct_sheet_range.end_auth_seq_id 
A 1 ASN A 83  ? LEU A 85  ? ASN A 83  LEU A 85  
A 2 TYR A 89  ? SER A 92  ? TYR A 89  SER A 92  
A 3 PHE A 147 ? THR A 150 ? PHE A 147 THR A 150 
A 4 LEU A 128 ? LEU A 131 ? LEU A 128 LEU A 131 
A 5 VAL A 168 ? GLY A 175 ? VAL A 168 GLY A 175 
A 6 GLU A 26  ? LEU A 35  ? GLU A 26  LEU A 35  
A 7 ARG A 16  ? LEU A 23  ? ARG A 16  LEU A 23  
A 8 PHE A 198 ? ALA A 205 ? PHE A 198 ALA A 205 
B 1 TYR A 134 ? THR A 135 ? TYR A 134 THR A 135 
B 2 ARG A 141 ? TYR A 142 ? ARG A 141 TYR A 142 
# 
loop_
_pdbx_struct_sheet_hbond.sheet_id 
_pdbx_struct_sheet_hbond.range_id_1 
_pdbx_struct_sheet_hbond.range_id_2 
_pdbx_struct_sheet_hbond.range_1_label_atom_id 
_pdbx_struct_sheet_hbond.range_1_label_comp_id 
_pdbx_struct_sheet_hbond.range_1_label_asym_id 
_pdbx_struct_sheet_hbond.range_1_label_seq_id 
_pdbx_struct_sheet_hbond.range_1_PDB_ins_code 
_pdbx_struct_sheet_hbond.range_1_auth_atom_id 
_pdbx_struct_sheet_hbond.range_1_auth_comp_id 
_pdbx_struct_sheet_hbond.range_1_auth_asym_id 
_pdbx_struct_sheet_hbond.range_1_auth_seq_id 
_pdbx_struct_sheet_hbond.range_2_label_atom_id 
_pdbx_struct_sheet_hbond.range_2_label_comp_id 
_pdbx_struct_sheet_hbond.range_2_label_asym_id 
_pdbx_struct_sheet_hbond.range_2_label_seq_id 
_pdbx_struct_sheet_hbond.range_2_PDB_ins_code 
_pdbx_struct_sheet_hbond.range_2_auth_atom_id 
_pdbx_struct_sheet_hbond.range_2_auth_comp_id 
_pdbx_struct_sheet_hbond.range_2_auth_asym_id 
_pdbx_struct_sheet_hbond.range_2_auth_seq_id 
A 1 2 N LEU A 85  ? N LEU A 85  O TYR A 89  ? O TYR A 89  
A 2 3 N ILE A 90  ? N ILE A 90  O ILE A 149 ? O ILE A 149 
A 3 4 O MET A 148 ? O MET A 148 N SER A 130 ? N SER A 130 
A 4 5 N LEU A 129 ? N LEU A 129 O ILE A 170 ? O ILE A 170 
A 5 6 O GLN A 172 ? O GLN A 172 N LYS A 34  ? N LYS A 34  
A 6 7 O LEU A 31  ? O LEU A 31  N MET A 19  ? N MET A 19  
A 7 8 N VAL A 22  ? N VAL A 22  O SER A 199 ? O SER A 199 
B 1 2 N TYR A 134 ? N TYR A 134 O TYR A 142 ? O TYR A 142 
# 
loop_
_struct_site.id 
_struct_site.pdbx_evidence_code 
_struct_site.pdbx_auth_asym_id 
_struct_site.pdbx_auth_comp_id 
_struct_site.pdbx_auth_seq_id 
_struct_site.pdbx_auth_ins_code 
_struct_site.pdbx_num_residues 
_struct_site.details 
AC1 Software A CL 501 ? 4 'BINDING SITE FOR RESIDUE CL A 501' 
AC2 Software A CL 502 ? 3 'BINDING SITE FOR RESIDUE CL A 502' 
# 
loop_
_struct_site_gen.id 
_struct_site_gen.site_id 
_struct_site_gen.pdbx_num_res 
_struct_site_gen.label_comp_id 
_struct_site_gen.label_asym_id 
_struct_site_gen.label_seq_id 
_struct_site_gen.pdbx_auth_ins_code 
_struct_site_gen.auth_comp_id 
_struct_site_gen.auth_asym_id 
_struct_site_gen.auth_seq_id 
_struct_site_gen.label_atom_id 
_struct_site_gen.label_alt_id 
_struct_site_gen.symmetry 
_struct_site_gen.details 
1 AC1 4 ARG A 30  ? ARG A 30  . ? 1_555  ? 
2 AC1 4 GLY A 176 ? GLY A 176 . ? 9_555  ? 
3 AC1 4 LEU A 177 ? LEU A 177 . ? 9_555  ? 
4 AC1 4 TYR A 206 ? TYR A 206 . ? 1_555  ? 
5 AC2 3 ASP A 164 ? ASP A 164 . ? 1_555  ? 
6 AC2 3 GLN A 167 ? GLN A 167 . ? 1_555  ? 
7 AC2 3 ALA A 191 ? ALA A 191 . ? 12_554 ? 
# 
_atom_sites.entry_id                    2OSE 
_atom_sites.fract_transf_matrix[1][1]   -0.00128865 
_atom_sites.fract_transf_matrix[1][2]   0.00962308 
_atom_sites.fract_transf_matrix[1][3]   0.00405824 
_atom_sites.fract_transf_matrix[2][1]   -0.00525279 
_atom_sites.fract_transf_matrix[2][2]   0.00293698 
_atom_sites.fract_transf_matrix[2][3]   -0.00863226 
_atom_sites.fract_transf_matrix[3][1]   -0.00902669 
_atom_sites.fract_transf_matrix[3][2]   -0.00308287 
_atom_sites.fract_transf_matrix[3][3]   0.00444391 
_atom_sites.fract_transf_vector[1]      0.161694 
_atom_sites.fract_transf_vector[2]      0.014572 
_atom_sites.fract_transf_vector[3]      -0.120797 
# 
loop_
_atom_type.symbol 
C  
CL 
N  
O  
S  
# 
loop_
_atom_site.group_PDB 
_atom_site.id 
_atom_site.type_symbol 
_atom_site.label_atom_id 
_atom_site.label_alt_id 
_atom_site.label_comp_id 
_atom_site.label_asym_id 
_atom_site.label_entity_id 
_atom_site.label_seq_id 
_atom_site.pdbx_PDB_ins_code 
_atom_site.Cartn_x 
_atom_site.Cartn_y 
_atom_site.Cartn_z 
_atom_site.occupancy 
_atom_site.B_iso_or_equiv 
_atom_site.pdbx_formal_charge 
_atom_site.auth_seq_id 
_atom_site.auth_comp_id 
_atom_site.auth_asym_id 
_atom_site.auth_atom_id 
_atom_site.pdbx_PDB_model_num 
ATOM   1    N  N   . MET A 1 1   ? 5.545   0.785   20.883  1.00 67.23 ? 1   MET A N   1 
ATOM   2    C  CA  . MET A 1 1   ? 6.587   0.200   19.991  1.00 66.94 ? 1   MET A CA  1 
ATOM   3    C  C   . MET A 1 1   ? 7.018   1.111   18.829  1.00 65.44 ? 1   MET A C   1 
ATOM   4    O  O   . MET A 1 1   ? 6.253   1.946   18.323  1.00 65.04 ? 1   MET A O   1 
ATOM   5    C  CB  . MET A 1 1   ? 6.144   -1.171  19.438  1.00 67.23 ? 1   MET A CB  1 
ATOM   6    C  CG  . MET A 1 1   ? 6.497   -2.376  20.323  1.00 68.03 ? 1   MET A CG  1 
ATOM   7    S  SD  . MET A 1 1   ? 6.925   -3.911  19.421  1.00 69.95 ? 1   MET A SD  1 
ATOM   8    C  CE  . MET A 1 1   ? 6.896   -5.127  20.746  1.00 69.55 ? 1   MET A CE  1 
ATOM   9    N  N   . ASN A 1 2   ? 8.286   0.947   18.467  1.00 63.53 ? 2   ASN A N   1 
ATOM   10   C  CA  . ASN A 1 2   ? 8.838   1.295   17.174  1.00 61.67 ? 2   ASN A CA  1 
ATOM   11   C  C   . ASN A 1 2   ? 9.648   0.075   16.779  1.00 60.50 ? 2   ASN A C   1 
ATOM   12   O  O   . ASN A 1 2   ? 9.857   -0.830  17.600  1.00 60.42 ? 2   ASN A O   1 
ATOM   13   C  CB  . ASN A 1 2   ? 9.769   2.501   17.273  1.00 61.69 ? 2   ASN A CB  1 
ATOM   14   C  CG  . ASN A 1 2   ? 9.026   3.804   17.419  1.00 61.07 ? 2   ASN A CG  1 
ATOM   15   O  OD1 . ASN A 1 2   ? 8.463   4.317   16.459  1.00 59.87 ? 2   ASN A OD1 1 
ATOM   16   N  ND2 . ASN A 1 2   ? 9.043   4.365   18.621  1.00 60.82 ? 2   ASN A ND2 1 
ATOM   17   N  N   . TYR A 1 3   ? 10.094  0.041   15.526  1.00 59.03 ? 3   TYR A N   1 
ATOM   18   C  CA  . TYR A 1 3   ? 10.991  -1.011  15.049  1.00 57.54 ? 3   TYR A CA  1 
ATOM   19   C  C   . TYR A 1 3   ? 12.330  -0.405  14.593  1.00 56.93 ? 3   TYR A C   1 
ATOM   20   O  O   . TYR A 1 3   ? 12.448  0.811   14.409  1.00 56.76 ? 3   TYR A O   1 
ATOM   21   C  CB  . TYR A 1 3   ? 10.304  -1.849  13.956  1.00 57.09 ? 3   TYR A CB  1 
ATOM   22   C  CG  . TYR A 1 3   ? 9.117   -2.647  14.493  1.00 56.82 ? 3   TYR A CG  1 
ATOM   23   C  CD1 . TYR A 1 3   ? 9.317   -3.879  15.132  1.00 57.03 ? 3   TYR A CD1 1 
ATOM   24   C  CD2 . TYR A 1 3   ? 7.802   -2.161  14.396  1.00 55.87 ? 3   TYR A CD2 1 
ATOM   25   C  CE1 . TYR A 1 3   ? 8.248   -4.620  15.641  1.00 56.85 ? 3   TYR A CE1 1 
ATOM   26   C  CE2 . TYR A 1 3   ? 6.716   -2.894  14.911  1.00 56.72 ? 3   TYR A CE2 1 
ATOM   27   C  CZ  . TYR A 1 3   ? 6.954   -4.133  15.527  1.00 57.46 ? 3   TYR A CZ  1 
ATOM   28   O  OH  . TYR A 1 3   ? 5.922   -4.895  16.044  1.00 56.85 ? 3   TYR A OH  1 
ATOM   29   N  N   . SER A 1 4   ? 13.348  -1.243  14.445  1.00 56.12 ? 4   SER A N   1 
ATOM   30   C  CA  . SER A 1 4   ? 14.641  -0.769  13.966  1.00 55.44 ? 4   SER A CA  1 
ATOM   31   C  C   . SER A 1 4   ? 14.928  -1.342  12.586  1.00 55.07 ? 4   SER A C   1 
ATOM   32   O  O   . SER A 1 4   ? 14.681  -2.525  12.332  1.00 54.13 ? 4   SER A O   1 
ATOM   33   C  CB  . SER A 1 4   ? 15.769  -1.130  14.959  1.00 55.71 ? 4   SER A CB  1 
ATOM   34   O  OG  . SER A 1 4   ? 17.053  -0.832  14.416  1.00 54.89 ? 4   SER A OG  1 
ATOM   35   N  N   . LEU A 1 5   ? 15.452  -0.490  11.705  1.00 54.92 ? 5   LEU A N   1 
ATOM   36   C  CA  . LEU A 1 5   ? 15.851  -0.885  10.350  1.00 55.23 ? 5   LEU A CA  1 
ATOM   37   C  C   . LEU A 1 5   ? 17.037  -1.842  10.354  1.00 56.09 ? 5   LEU A C   1 
ATOM   38   O  O   . LEU A 1 5   ? 17.247  -2.615  9.406   1.00 56.68 ? 5   LEU A O   1 
ATOM   39   C  CB  . LEU A 1 5   ? 16.170  0.354   9.511   1.00 54.70 ? 5   LEU A CB  1 
ATOM   40   C  CG  . LEU A 1 5   ? 14.973  1.230   9.123   1.00 52.97 ? 5   LEU A CG  1 
ATOM   41   C  CD1 . LEU A 1 5   ? 15.401  2.651   8.739   1.00 51.93 ? 5   LEU A CD1 1 
ATOM   42   C  CD2 . LEU A 1 5   ? 14.195  0.569   7.999   1.00 49.37 ? 5   LEU A CD2 1 
ATOM   43   N  N   . GLU A 1 6   ? 17.802  -1.783  11.436  1.00 56.73 ? 6   GLU A N   1 
ATOM   44   C  CA  . GLU A 1 6   ? 18.968  -2.643  11.651  1.00 57.11 ? 6   GLU A CA  1 
ATOM   45   C  C   . GLU A 1 6   ? 18.523  -4.037  12.134  1.00 56.69 ? 6   GLU A C   1 
ATOM   46   O  O   . GLU A 1 6   ? 19.199  -5.045  11.881  1.00 56.80 ? 6   GLU A O   1 
ATOM   47   C  CB  . GLU A 1 6   ? 19.921  -1.974  12.664  1.00 57.36 ? 6   GLU A CB  1 
ATOM   48   C  CG  . GLU A 1 6   ? 20.673  -0.717  12.149  1.00 59.73 ? 6   GLU A CG  1 
ATOM   49   C  CD  . GLU A 1 6   ? 19.775  0.518   11.854  1.00 63.16 ? 6   GLU A CD  1 
ATOM   50   O  OE1 . GLU A 1 6   ? 19.121  1.068   12.786  1.00 63.26 ? 6   GLU A OE1 1 
ATOM   51   O  OE2 . GLU A 1 6   ? 19.756  0.955   10.673  1.00 63.74 ? 6   GLU A OE2 1 
ATOM   52   N  N   . ASP A 1 7   ? 17.367  -4.079  12.800  1.00 56.10 ? 7   ASP A N   1 
ATOM   53   C  CA  . ASP A 1 7   ? 16.835  -5.303  13.398  1.00 55.50 ? 7   ASP A CA  1 
ATOM   54   C  C   . ASP A 1 7   ? 15.332  -5.492  13.086  1.00 53.96 ? 7   ASP A C   1 
ATOM   55   O  O   . ASP A 1 7   ? 14.467  -5.322  13.952  1.00 53.87 ? 7   ASP A O   1 
ATOM   56   C  CB  . ASP A 1 7   ? 17.102  -5.285  14.914  1.00 56.20 ? 7   ASP A CB  1 
ATOM   57   C  CG  . ASP A 1 7   ? 16.888  -6.657  15.579  1.00 58.00 ? 7   ASP A CG  1 
ATOM   58   O  OD1 . ASP A 1 7   ? 17.141  -7.705  14.924  1.00 58.96 ? 7   ASP A OD1 1 
ATOM   59   O  OD2 . ASP A 1 7   ? 16.476  -6.670  16.769  1.00 59.53 ? 7   ASP A OD2 1 
ATOM   60   N  N   . LEU A 1 8   ? 15.041  -5.846  11.840  1.00 52.36 ? 8   LEU A N   1 
ATOM   61   C  CA  . LEU A 1 8   ? 13.669  -5.854  11.319  1.00 50.72 ? 8   LEU A CA  1 
ATOM   62   C  C   . LEU A 1 8   ? 12.799  -6.936  11.937  1.00 49.78 ? 8   LEU A C   1 
ATOM   63   O  O   . LEU A 1 8   ? 13.261  -8.077  12.100  1.00 49.13 ? 8   LEU A O   1 
ATOM   64   C  CB  . LEU A 1 8   ? 13.691  -6.092  9.809   1.00 50.82 ? 8   LEU A CB  1 
ATOM   65   C  CG  . LEU A 1 8   ? 14.105  -4.993  8.841   1.00 49.58 ? 8   LEU A CG  1 
ATOM   66   C  CD1 . LEU A 1 8   ? 13.928  -5.547  7.447   1.00 48.03 ? 8   LEU A CD1 1 
ATOM   67   C  CD2 . LEU A 1 8   ? 13.254  -3.749  9.063   1.00 47.64 ? 8   LEU A CD2 1 
ATOM   68   N  N   . PRO A 1 9   ? 11.514  -6.615  12.217  1.00 48.66 ? 9   PRO A N   1 
ATOM   69   C  CA  . PRO A 1 9   ? 10.641  -7.704  12.669  1.00 47.54 ? 9   PRO A CA  1 
ATOM   70   C  C   . PRO A 1 9   ? 10.466  -8.671  11.512  1.00 46.41 ? 9   PRO A C   1 
ATOM   71   O  O   . PRO A 1 9   ? 10.882  -8.381  10.381  1.00 45.44 ? 9   PRO A O   1 
ATOM   72   C  CB  . PRO A 1 9   ? 9.323   -6.999  13.026  1.00 47.66 ? 9   PRO A CB  1 
ATOM   73   C  CG  . PRO A 1 9   ? 9.338   -5.740  12.212  1.00 48.18 ? 9   PRO A CG  1 
ATOM   74   C  CD  . PRO A 1 9   ? 10.792  -5.333  12.104  1.00 48.95 ? 9   PRO A CD  1 
ATOM   75   N  N   . ASN A 1 10  ? 9.927   -9.848  11.783  1.00 45.67 ? 10  ASN A N   1 
ATOM   76   C  CA  . ASN A 1 10  ? 9.664   -10.752 10.673  1.00 45.06 ? 10  ASN A CA  1 
ATOM   77   C  C   . ASN A 1 10  ? 8.246   -11.256 10.758  1.00 44.23 ? 10  ASN A C   1 
ATOM   78   O  O   . ASN A 1 10  ? 7.887   -11.963 11.704  1.00 44.24 ? 10  ASN A O   1 
ATOM   79   C  CB  . ASN A 1 10  ? 10.687  -11.884 10.602  1.00 45.72 ? 10  ASN A CB  1 
ATOM   80   C  CG  . ASN A 1 10  ? 10.681  -12.576 9.265   1.00 46.38 ? 10  ASN A CG  1 
ATOM   81   O  OD1 . ASN A 1 10  ? 9.620   -12.907 8.729   1.00 47.04 ? 10  ASN A OD1 1 
ATOM   82   N  ND2 . ASN A 1 10  ? 11.869  -12.807 8.708   1.00 49.14 ? 10  ASN A ND2 1 
ATOM   83   N  N   . SER A 1 11  ? 7.435   -10.850 9.781   1.00 42.48 ? 11  SER A N   1 
ATOM   84   C  CA  . SER A 1 11  ? 5.997   -11.063 9.852   1.00 40.79 ? 11  SER A CA  1 
ATOM   85   C  C   . SER A 1 11  ? 5.575   -12.293 9.055   1.00 39.33 ? 11  SER A C   1 
ATOM   86   O  O   . SER A 1 11  ? 4.383   -12.631 9.001   1.00 39.49 ? 11  SER A O   1 
ATOM   87   C  CB  . SER A 1 11  ? 5.243   -9.805  9.396   1.00 40.98 ? 11  SER A CB  1 
ATOM   88   O  OG  . SER A 1 11  ? 5.261   -8.804  10.409  1.00 43.03 ? 11  SER A OG  1 
ATOM   89   N  N   . GLY A 1 12  ? 6.571   -12.941 8.457   1.00 37.27 ? 12  GLY A N   1 
ATOM   90   C  CA  . GLY A 1 12  ? 6.410   -14.104 7.624   1.00 36.04 ? 12  GLY A CA  1 
ATOM   91   C  C   . GLY A 1 12  ? 6.942   -13.796 6.239   1.00 35.38 ? 12  GLY A C   1 
ATOM   92   O  O   . GLY A 1 12  ? 7.163   -12.639 5.907   1.00 34.95 ? 12  GLY A O   1 
ATOM   93   N  N   . LYS A 1 13  ? 7.116   -14.840 5.439   1.00 34.25 ? 13  LYS A N   1 
ATOM   94   C  CA  . LYS A 1 13  ? 7.535   -14.740 4.060   1.00 35.51 ? 13  LYS A CA  1 
ATOM   95   C  C   . LYS A 1 13  ? 6.483   -14.051 3.172   1.00 34.05 ? 13  LYS A C   1 
ATOM   96   O  O   . LYS A 1 13  ? 6.825   -13.261 2.290   1.00 33.54 ? 13  LYS A O   1 
ATOM   97   C  CB  . LYS A 1 13  ? 7.836   -16.146 3.528   1.00 35.19 ? 13  LYS A CB  1 
ATOM   98   C  CG  . LYS A 1 13  ? 8.208   -16.217 2.041   1.00 38.32 ? 13  LYS A CG  1 
ATOM   99   C  CD  . LYS A 1 13  ? 8.312   -17.671 1.530   1.00 40.00 ? 13  LYS A CD  1 
ATOM   100  C  CE  . LYS A 1 13  ? 9.307   -17.773 0.362   1.00 48.51 ? 13  LYS A CE  1 
ATOM   101  N  NZ  . LYS A 1 13  ? 8.917   -18.812 -0.665  1.00 52.59 ? 13  LYS A NZ  1 
ATOM   102  N  N   . ASN A 1 14  ? 5.216   -14.402 3.385   1.00 32.69 ? 14  ASN A N   1 
ATOM   103  C  CA  . ASN A 1 14  ? 4.112   -13.834 2.636   1.00 32.11 ? 14  ASN A CA  1 
ATOM   104  C  C   . ASN A 1 14  ? 3.014   -13.433 3.601   1.00 30.66 ? 14  ASN A C   1 
ATOM   105  O  O   . ASN A 1 14  ? 1.999   -14.126 3.706   1.00 31.37 ? 14  ASN A O   1 
ATOM   106  C  CB  . ASN A 1 14  ? 3.587   -14.804 1.594   1.00 32.31 ? 14  ASN A CB  1 
ATOM   107  C  CG  . ASN A 1 14  ? 4.592   -15.075 0.489   1.00 35.08 ? 14  ASN A CG  1 
ATOM   108  O  OD1 . ASN A 1 14  ? 5.168   -16.160 0.430   1.00 36.85 ? 14  ASN A OD1 1 
ATOM   109  N  ND2 . ASN A 1 14  ? 4.804   -14.105 -0.389  1.00 32.71 ? 14  ASN A ND2 1 
ATOM   110  N  N   . PRO A 1 15  ? 3.217   -12.320 4.330   1.00 28.39 ? 15  PRO A N   1 
ATOM   111  C  CA  . PRO A 1 15  ? 2.177   -11.901 5.251   1.00 27.66 ? 15  PRO A CA  1 
ATOM   112  C  C   . PRO A 1 15  ? 0.917   -11.615 4.448   1.00 25.77 ? 15  PRO A C   1 
ATOM   113  O  O   . PRO A 1 15  ? 1.011   -11.221 3.305   1.00 25.54 ? 15  PRO A O   1 
ATOM   114  C  CB  . PRO A 1 15  ? 2.713   -10.586 5.835   1.00 27.85 ? 15  PRO A CB  1 
ATOM   115  C  CG  . PRO A 1 15  ? 4.171   -10.606 5.560   1.00 28.72 ? 15  PRO A CG  1 
ATOM   116  C  CD  . PRO A 1 15  ? 4.359   -11.385 4.308   1.00 28.28 ? 15  PRO A CD  1 
ATOM   117  N  N   . ARG A 1 16  ? -0.245  -11.833 5.040   1.00 24.81 ? 16  ARG A N   1 
ATOM   118  C  CA  . ARG A 1 16  ? -1.499  -11.478 4.389   1.00 24.32 ? 16  ARG A CA  1 
ATOM   119  C  C   . ARG A 1 16  ? -2.204  -10.501 5.263   1.00 23.06 ? 16  ARG A C   1 
ATOM   120  O  O   . ARG A 1 16  ? -2.208  -10.667 6.477   1.00 23.77 ? 16  ARG A O   1 
ATOM   121  C  CB  . ARG A 1 16  ? -2.369  -12.708 4.163   1.00 23.94 ? 16  ARG A CB  1 
ATOM   122  C  CG  . ARG A 1 16  ? -1.824  -13.630 3.083   1.00 25.51 ? 16  ARG A CG  1 
ATOM   123  C  CD  . ARG A 1 16  ? -2.678  -14.876 2.936   1.00 26.58 ? 16  ARG A CD  1 
ATOM   124  N  NE  . ARG A 1 16  ? -1.954  -15.841 2.139   1.00 27.60 ? 16  ARG A NE  1 
ATOM   125  C  CZ  . ARG A 1 16  ? -2.190  -16.115 0.873   1.00 29.95 ? 16  ARG A CZ  1 
ATOM   126  N  NH1 . ARG A 1 16  ? -3.216  -15.583 0.261   1.00 29.65 ? 16  ARG A NH1 1 
ATOM   127  N  NH2 . ARG A 1 16  ? -1.401  -16.982 0.229   1.00 32.39 ? 16  ARG A NH2 1 
ATOM   128  N  N   . VAL A 1 17  ? -2.808  -9.485  4.658   1.00 23.00 ? 17  VAL A N   1 
ATOM   129  C  CA  . VAL A 1 17  ? -3.480  -8.423  5.415   1.00 22.65 ? 17  VAL A CA  1 
ATOM   130  C  C   . VAL A 1 17  ? -4.791  -8.078  4.743   1.00 23.09 ? 17  VAL A C   1 
ATOM   131  O  O   . VAL A 1 17  ? -5.004  -8.428  3.577   1.00 23.28 ? 17  VAL A O   1 
ATOM   132  C  CB  . VAL A 1 17  ? -2.629  -7.145  5.517   1.00 23.24 ? 17  VAL A CB  1 
ATOM   133  C  CG1 . VAL A 1 17  ? -1.276  -7.408  6.233   1.00 21.42 ? 17  VAL A CG1 1 
ATOM   134  C  CG2 . VAL A 1 17  ? -2.427  -6.535  4.111   1.00 21.93 ? 17  VAL A CG2 1 
ATOM   135  N  N   . TYR A 1 18  ? -5.657  -7.378  5.474   1.00 23.23 ? 18  TYR A N   1 
ATOM   136  C  CA  . TYR A 1 18  ? -6.928  -6.889  4.938   1.00 24.16 ? 18  TYR A CA  1 
ATOM   137  C  C   . TYR A 1 18  ? -7.123  -5.393  5.204   1.00 24.26 ? 18  TYR A C   1 
ATOM   138  O  O   . TYR A 1 18  ? -6.563  -4.833  6.161   1.00 23.70 ? 18  TYR A O   1 
ATOM   139  C  CB  . TYR A 1 18  ? -8.108  -7.688  5.526   1.00 24.79 ? 18  TYR A CB  1 
ATOM   140  C  CG  . TYR A 1 18  ? -8.117  -7.702  7.054   1.00 25.55 ? 18  TYR A CG  1 
ATOM   141  C  CD1 . TYR A 1 18  ? -8.792  -6.717  7.769   1.00 27.28 ? 18  TYR A CD1 1 
ATOM   142  C  CD2 . TYR A 1 18  ? -7.411  -8.686  7.781   1.00 27.33 ? 18  TYR A CD2 1 
ATOM   143  C  CE1 . TYR A 1 18  ? -8.785  -6.706  9.194   1.00 28.55 ? 18  TYR A CE1 1 
ATOM   144  C  CE2 . TYR A 1 18  ? -7.386  -8.664  9.197   1.00 28.70 ? 18  TYR A CE2 1 
ATOM   145  C  CZ  . TYR A 1 18  ? -8.077  -7.668  9.883   1.00 27.86 ? 18  TYR A CZ  1 
ATOM   146  O  OH  . TYR A 1 18  ? -8.059  -7.646  11.279  1.00 31.70 ? 18  TYR A OH  1 
ATOM   147  N  N   . MET A 1 19  ? -7.940  -4.778  4.360   1.00 25.08 ? 19  MET A N   1 
ATOM   148  C  CA  . MET A 1 19  ? -8.354  -3.385  4.484   1.00 27.62 ? 19  MET A CA  1 
ATOM   149  C  C   . MET A 1 19  ? -9.791  -3.251  3.983   1.00 26.24 ? 19  MET A C   1 
ATOM   150  O  O   . MET A 1 19  ? -10.055 -3.459  2.775   1.00 24.73 ? 19  MET A O   1 
ATOM   151  C  CB  . MET A 1 19  ? -7.520  -2.491  3.558   1.00 26.84 ? 19  MET A CB  1 
ATOM   152  C  CG  . MET A 1 19  ? -6.249  -2.020  4.072   1.00 30.74 ? 19  MET A CG  1 
ATOM   153  S  SD  . MET A 1 19  ? -5.304  -1.205  2.720   1.00 32.33 ? 19  MET A SD  1 
ATOM   154  C  CE  . MET A 1 19  ? -3.843  -0.987  3.722   1.00 30.54 ? 19  MET A CE  1 
ATOM   155  N  N   . ASP A 1 20  ? -10.688 -2.827  4.868   1.00 26.18 ? 20  ASP A N   1 
ATOM   156  C  CA  . ASP A 1 20  ? -12.012 -2.301  4.433   1.00 25.79 ? 20  ASP A CA  1 
ATOM   157  C  C   . ASP A 1 20  ? -11.837 -0.990  3.679   1.00 25.14 ? 20  ASP A C   1 
ATOM   158  O  O   . ASP A 1 20  ? -10.976 -0.173  4.048   1.00 24.43 ? 20  ASP A O   1 
ATOM   159  C  CB  . ASP A 1 20  ? -12.916 -2.025  5.635   1.00 25.26 ? 20  ASP A CB  1 
ATOM   160  C  CG  . ASP A 1 20  ? -13.582 -3.239  6.141   1.00 28.78 ? 20  ASP A CG  1 
ATOM   161  O  OD1 . ASP A 1 20  ? -13.769 -4.222  5.375   1.00 32.12 ? 20  ASP A OD1 1 
ATOM   162  O  OD2 . ASP A 1 20  ? -13.928 -3.233  7.336   1.00 30.45 ? 20  ASP A OD2 1 
ATOM   163  N  N   . ILE A 1 21  ? -12.638 -0.797  2.629   1.00 25.34 ? 21  ILE A N   1 
ATOM   164  C  CA  . ILE A 1 21  ? -12.675 0.478   1.874   1.00 26.25 ? 21  ILE A CA  1 
ATOM   165  C  C   . ILE A 1 21  ? -14.003 1.139   2.216   1.00 28.00 ? 21  ILE A C   1 
ATOM   166  O  O   . ILE A 1 21  ? -15.049 0.478   2.201   1.00 28.15 ? 21  ILE A O   1 
ATOM   167  C  CB  . ILE A 1 21  ? -12.545 0.276   0.333   1.00 27.24 ? 21  ILE A CB  1 
ATOM   168  C  CG1 . ILE A 1 21  ? -11.320 -0.622  0.006   1.00 26.20 ? 21  ILE A CG1 1 
ATOM   169  C  CG2 . ILE A 1 21  ? -12.444 1.638   -0.429  1.00 25.40 ? 21  ILE A CG2 1 
ATOM   170  C  CD1 . ILE A 1 21  ? -9.983  0.102   0.166   1.00 28.80 ? 21  ILE A CD1 1 
ATOM   171  N  N   . VAL A 1 22  ? -13.933 2.406   2.616   1.00 29.08 ? 22  VAL A N   1 
ATOM   172  C  CA  . VAL A 1 22  ? -15.103 3.128   3.146   1.00 30.00 ? 22  VAL A CA  1 
ATOM   173  C  C   . VAL A 1 22  ? -15.403 4.281   2.187   1.00 30.55 ? 22  VAL A C   1 
ATOM   174  O  O   . VAL A 1 22  ? -14.494 4.894   1.626   1.00 29.39 ? 22  VAL A O   1 
ATOM   175  C  CB  . VAL A 1 22  ? -14.829 3.637   4.610   1.00 30.20 ? 22  VAL A CB  1 
ATOM   176  C  CG1 . VAL A 1 22  ? -15.931 4.626   5.125   1.00 31.08 ? 22  VAL A CG1 1 
ATOM   177  C  CG2 . VAL A 1 22  ? -14.668 2.452   5.569   1.00 28.19 ? 22  VAL A CG2 1 
ATOM   178  N  N   . LEU A 1 23  ? -16.685 4.543   1.978   1.00 32.54 ? 23  LEU A N   1 
ATOM   179  C  CA  . LEU A 1 23  ? -17.135 5.731   1.237   1.00 34.14 ? 23  LEU A CA  1 
ATOM   180  C  C   . LEU A 1 23  ? -18.398 6.246   1.931   1.00 36.16 ? 23  LEU A C   1 
ATOM   181  O  O   . LEU A 1 23  ? -19.385 5.513   2.090   1.00 36.52 ? 23  LEU A O   1 
ATOM   182  C  CB  . LEU A 1 23  ? -17.449 5.383   -0.216  1.00 34.47 ? 23  LEU A CB  1 
ATOM   183  C  CG  . LEU A 1 23  ? -18.164 6.431   -1.094  1.00 33.77 ? 23  LEU A CG  1 
ATOM   184  C  CD1 . LEU A 1 23  ? -17.186 7.457   -1.519  1.00 32.72 ? 23  LEU A CD1 1 
ATOM   185  C  CD2 . LEU A 1 23  ? -18.817 5.784   -2.299  1.00 35.02 ? 23  LEU A CD2 1 
ATOM   186  N  N   . ASN A 1 24  ? -18.343 7.477   2.408   1.00 38.08 ? 24  ASN A N   1 
ATOM   187  C  CA  . ASN A 1 24  ? -19.499 8.093   3.081   1.00 39.80 ? 24  ASN A CA  1 
ATOM   188  C  C   . ASN A 1 24  ? -19.970 7.323   4.299   1.00 40.63 ? 24  ASN A C   1 
ATOM   189  O  O   . ASN A 1 24  ? -21.172 7.053   4.459   1.00 41.07 ? 24  ASN A O   1 
ATOM   190  C  CB  . ASN A 1 24  ? -20.644 8.285   2.092   1.00 39.67 ? 24  ASN A CB  1 
ATOM   191  C  CG  . ASN A 1 24  ? -20.306 9.294   1.026   1.00 41.58 ? 24  ASN A CG  1 
ATOM   192  O  OD1 . ASN A 1 24  ? -19.623 10.290  1.296   1.00 42.98 ? 24  ASN A OD1 1 
ATOM   193  N  ND2 . ASN A 1 24  ? -20.772 9.044   -0.196  1.00 40.87 ? 24  ASN A ND2 1 
ATOM   194  N  N   . ASN A 1 25  ? -19.006 6.949   5.139   1.00 41.28 ? 25  ASN A N   1 
ATOM   195  C  CA  . ASN A 1 25  ? -19.275 6.220   6.375   1.00 42.34 ? 25  ASN A CA  1 
ATOM   196  C  C   . ASN A 1 25  ? -19.863 4.817   6.240   1.00 41.71 ? 25  ASN A C   1 
ATOM   197  O  O   . ASN A 1 25  ? -20.313 4.241   7.235   1.00 42.97 ? 25  ASN A O   1 
ATOM   198  C  CB  . ASN A 1 25  ? -20.095 7.087   7.360   1.00 43.22 ? 25  ASN A CB  1 
ATOM   199  C  CG  . ASN A 1 25  ? -19.313 8.276   7.848   1.00 46.68 ? 25  ASN A CG  1 
ATOM   200  O  OD1 . ASN A 1 25  ? -19.701 9.434   7.635   1.00 50.87 ? 25  ASN A OD1 1 
ATOM   201  N  ND2 . ASN A 1 25  ? -18.169 8.004   8.480   1.00 50.58 ? 25  ASN A ND2 1 
ATOM   202  N  N   . GLU A 1 26  ? -19.827 4.279   5.019   1.00 40.35 ? 26  GLU A N   1 
ATOM   203  C  CA  . GLU A 1 26  ? -20.263 2.920   4.699   1.00 38.99 ? 26  GLU A CA  1 
ATOM   204  C  C   . GLU A 1 26  ? -19.082 2.122   4.089   1.00 36.54 ? 26  GLU A C   1 
ATOM   205  O  O   . GLU A 1 26  ? -18.401 2.604   3.184   1.00 33.65 ? 26  GLU A O   1 
ATOM   206  C  CB  . GLU A 1 26  ? -21.425 2.967   3.689   1.00 40.14 ? 26  GLU A CB  1 
ATOM   207  C  CG  . GLU A 1 26  ? -20.979 2.673   2.232   1.00 45.00 ? 26  GLU A CG  1 
ATOM   208  C  CD  . GLU A 1 26  ? -21.781 3.363   1.132   1.00 53.63 ? 26  GLU A CD  1 
ATOM   209  O  OE1 . GLU A 1 26  ? -21.523 4.575   0.837   1.00 51.67 ? 26  GLU A OE1 1 
ATOM   210  O  OE2 . GLU A 1 26  ? -22.637 2.652   0.523   1.00 57.28 ? 26  GLU A OE2 1 
ATOM   211  N  N   . ILE A 1 27  ? -18.872 0.903   4.580   1.00 35.45 ? 27  ILE A N   1 
ATOM   212  C  CA  . ILE A 1 27  ? -17.925 -0.041  3.958   1.00 33.46 ? 27  ILE A CA  1 
ATOM   213  C  C   . ILE A 1 27  ? -18.447 -0.495  2.594   1.00 32.81 ? 27  ILE A C   1 
ATOM   214  O  O   . ILE A 1 27  ? -19.530 -1.081  2.483   1.00 32.16 ? 27  ILE A O   1 
ATOM   215  C  CB  . ILE A 1 27  ? -17.687 -1.287  4.846   1.00 33.32 ? 27  ILE A CB  1 
ATOM   216  C  CG1 . ILE A 1 27  ? -17.216 -0.856  6.234   1.00 32.31 ? 27  ILE A CG1 1 
ATOM   217  C  CG2 . ILE A 1 27  ? -16.715 -2.272  4.157   1.00 32.58 ? 27  ILE A CG2 1 
ATOM   218  C  CD1 . ILE A 1 27  ? -17.200 -1.939  7.239   1.00 33.67 ? 27  ILE A CD1 1 
ATOM   219  N  N   . ILE A 1 28  ? -17.676 -0.212  1.554   1.00 30.96 ? 28  ILE A N   1 
ATOM   220  C  CA  . ILE A 1 28  ? -18.029 -0.711  0.219   1.00 30.61 ? 28  ILE A CA  1 
ATOM   221  C  C   . ILE A 1 28  ? -17.379 -2.073  -0.192  1.00 28.74 ? 28  ILE A C   1 
ATOM   222  O  O   . ILE A 1 28  ? -17.777 -2.680  -1.163  1.00 27.12 ? 28  ILE A O   1 
ATOM   223  C  CB  . ILE A 1 28  ? -17.821 0.349   -0.849  1.00 31.10 ? 28  ILE A CB  1 
ATOM   224  C  CG1 . ILE A 1 28  ? -16.356 0.684   -1.019  1.00 31.94 ? 28  ILE A CG1 1 
ATOM   225  C  CG2 . ILE A 1 28  ? -18.654 1.620   -0.524  1.00 33.29 ? 28  ILE A CG2 1 
ATOM   226  C  CD1 . ILE A 1 28  ? -16.122 1.759   -2.069  1.00 35.57 ? 28  ILE A CD1 1 
ATOM   227  N  N   . GLY A 1 29  ? -16.415 -2.556  0.577   1.00 26.69 ? 29  GLY A N   1 
ATOM   228  C  CA  . GLY A 1 29  ? -15.797 -3.829  0.269   1.00 26.81 ? 29  GLY A CA  1 
ATOM   229  C  C   . GLY A 1 29  ? -14.505 -3.957  1.029   1.00 25.79 ? 29  GLY A C   1 
ATOM   230  O  O   . GLY A 1 29  ? -14.081 -3.002  1.677   1.00 27.60 ? 29  GLY A O   1 
ATOM   231  N  N   . ARG A 1 30  ? -13.917 -5.148  0.984   1.00 23.87 ? 30  ARG A N   1 
ATOM   232  C  CA  . ARG A 1 30  ? -12.638 -5.416  1.666   1.00 22.60 ? 30  ARG A CA  1 
ATOM   233  C  C   . ARG A 1 30  ? -11.557 -5.908  0.692   1.00 22.22 ? 30  ARG A C   1 
ATOM   234  O  O   . ARG A 1 30  ? -11.807 -6.791  -0.117  1.00 21.95 ? 30  ARG A O   1 
ATOM   235  C  CB  . ARG A 1 30  ? -12.847 -6.444  2.798   1.00 21.36 ? 30  ARG A CB  1 
ATOM   236  C  CG  . ARG A 1 30  ? -11.595 -6.886  3.544   1.00 21.83 ? 30  ARG A CG  1 
ATOM   237  C  CD  . ARG A 1 30  ? -11.956 -7.625  4.815   1.00 22.72 ? 30  ARG A CD  1 
ATOM   238  N  NE  . ARG A 1 30  ? -12.394 -6.683  5.859   1.00 23.55 ? 30  ARG A NE  1 
ATOM   239  C  CZ  . ARG A 1 30  ? -12.305 -6.909  7.176   1.00 23.41 ? 30  ARG A CZ  1 
ATOM   240  N  NH1 . ARG A 1 30  ? -11.806 -8.047  7.647   1.00 26.29 ? 30  ARG A NH1 1 
ATOM   241  N  NH2 . ARG A 1 30  ? -12.722 -5.998  8.041   1.00 26.58 ? 30  ARG A NH2 1 
ATOM   242  N  N   . LEU A 1 31  ? -10.357 -5.329  0.782   1.00 20.64 ? 31  LEU A N   1 
ATOM   243  C  CA  . LEU A 1 31  ? -9.205  -5.838  0.029   1.00 20.91 ? 31  LEU A CA  1 
ATOM   244  C  C   . LEU A 1 31  ? -8.421  -6.794  0.901   1.00 20.67 ? 31  LEU A C   1 
ATOM   245  O  O   . LEU A 1 31  ? -8.268  -6.550  2.083   1.00 22.72 ? 31  LEU A O   1 
ATOM   246  C  CB  . LEU A 1 31  ? -8.300  -4.677  -0.409  1.00 20.45 ? 31  LEU A CB  1 
ATOM   247  C  CG  . LEU A 1 31  ? -8.932  -3.566  -1.256  1.00 18.95 ? 31  LEU A CG  1 
ATOM   248  C  CD1 . LEU A 1 31  ? -7.819  -2.503  -1.545  1.00 23.08 ? 31  LEU A CD1 1 
ATOM   249  C  CD2 . LEU A 1 31  ? -9.550  -4.086  -2.556  1.00 20.49 ? 31  LEU A CD2 1 
ATOM   250  N  N   . GLN A 1 32  ? -7.975  -7.900  0.322   1.00 20.03 ? 32  GLN A N   1 
ATOM   251  C  CA  . GLN A 1 32  ? -7.139  -8.884  0.985   1.00 19.76 ? 32  GLN A CA  1 
ATOM   252  C  C   . GLN A 1 32  ? -5.879  -8.931  0.170   1.00 19.87 ? 32  GLN A C   1 
ATOM   253  O  O   . GLN A 1 32  ? -5.928  -9.125  -1.036  1.00 18.66 ? 32  GLN A O   1 
ATOM   254  C  CB  . GLN A 1 32  ? -7.823  -10.244 0.923   1.00 20.03 ? 32  GLN A CB  1 
ATOM   255  C  CG  . GLN A 1 32  ? -9.125  -10.355 1.794   1.00 21.41 ? 32  GLN A CG  1 
ATOM   256  C  CD  . GLN A 1 32  ? -9.730  -11.715 1.625   1.00 23.43 ? 32  GLN A CD  1 
ATOM   257  O  OE1 . GLN A 1 32  ? -10.211 -12.033 0.548   1.00 25.82 ? 32  GLN A OE1 1 
ATOM   258  N  NE2 . GLN A 1 32  ? -9.687  -12.542 2.667   1.00 22.81 ? 32  GLN A NE2 1 
ATOM   259  N  N   . ILE A 1 33  ? -4.747  -8.726  0.826   1.00 20.78 ? 33  ILE A N   1 
ATOM   260  C  CA  . ILE A 1 33  ? -3.497  -8.494  0.110   1.00 22.27 ? 33  ILE A CA  1 
ATOM   261  C  C   . ILE A 1 33  ? -2.429  -9.445  0.628   1.00 22.59 ? 33  ILE A C   1 
ATOM   262  O  O   . ILE A 1 33  ? -2.234  -9.558  1.839   1.00 22.12 ? 33  ILE A O   1 
ATOM   263  C  CB  . ILE A 1 33  ? -3.023  -7.018  0.319   1.00 22.85 ? 33  ILE A CB  1 
ATOM   264  C  CG1 . ILE A 1 33  ? -4.001  -6.021  -0.325  1.00 21.91 ? 33  ILE A CG1 1 
ATOM   265  C  CG2 . ILE A 1 33  ? -1.600  -6.778  -0.274  1.00 23.91 ? 33  ILE A CG2 1 
ATOM   266  C  CD1 . ILE A 1 33  ? -3.859  -4.602  0.220   1.00 22.56 ? 33  ILE A CD1 1 
ATOM   267  N  N   . LYS A 1 34  ? -1.766  -10.141 -0.292  1.00 23.78 ? 34  LYS A N   1 
ATOM   268  C  CA  . LYS A 1 34  ? -0.611  -10.954 0.051   1.00 25.78 ? 34  LYS A CA  1 
ATOM   269  C  C   . LYS A 1 34  ? 0.687   -10.205 -0.301  1.00 25.12 ? 34  LYS A C   1 
ATOM   270  O  O   . LYS A 1 34  ? 0.849   -9.781  -1.427  1.00 24.03 ? 34  LYS A O   1 
ATOM   271  C  CB  . LYS A 1 34  ? -0.650  -12.251 -0.767  1.00 25.74 ? 34  LYS A CB  1 
ATOM   272  C  CG  . LYS A 1 34  ? 0.480   -13.222 -0.412  1.00 27.09 ? 34  LYS A CG  1 
ATOM   273  C  CD  . LYS A 1 34  ? 0.303   -14.560 -1.194  1.00 30.52 ? 34  LYS A CD  1 
ATOM   274  C  CE  . LYS A 1 34  ? 1.072   -14.685 -2.469  1.00 36.13 ? 34  LYS A CE  1 
ATOM   275  N  NZ  . LYS A 1 34  ? 1.447   -16.136 -2.747  1.00 37.01 ? 34  LYS A NZ  1 
ATOM   276  N  N   . LEU A 1 35  ? 1.596   -10.089 0.661   1.00 25.51 ? 35  LEU A N   1 
ATOM   277  C  CA  . LEU A 1 35  ? 2.830   -9.344  0.470   1.00 26.42 ? 35  LEU A CA  1 
ATOM   278  C  C   . LEU A 1 35  ? 4.001   -10.276 0.173   1.00 27.63 ? 35  LEU A C   1 
ATOM   279  O  O   . LEU A 1 35  ? 3.966   -11.483 0.496   1.00 27.04 ? 35  LEU A O   1 
ATOM   280  C  CB  . LEU A 1 35  ? 3.131   -8.456  1.690   1.00 26.07 ? 35  LEU A CB  1 
ATOM   281  C  CG  . LEU A 1 35  ? 2.037   -7.372  1.766   1.00 29.16 ? 35  LEU A CG  1 
ATOM   282  C  CD1 . LEU A 1 35  ? 1.148   -7.644  2.982   1.00 28.60 ? 35  LEU A CD1 1 
ATOM   283  C  CD2 . LEU A 1 35  ? 2.602   -6.027  1.841   1.00 29.39 ? 35  LEU A CD2 1 
ATOM   284  N  N   . PHE A 1 36  ? 5.024   -9.718  -0.464  1.00 28.00 ? 36  PHE A N   1 
ATOM   285  C  CA  . PHE A 1 36  ? 6.190   -10.498 -0.886  1.00 28.21 ? 36  PHE A CA  1 
ATOM   286  C  C   . PHE A 1 36  ? 7.353   -9.901  -0.104  1.00 28.52 ? 36  PHE A C   1 
ATOM   287  O  O   . PHE A 1 36  ? 7.972   -8.956  -0.557  1.00 27.82 ? 36  PHE A O   1 
ATOM   288  C  CB  . PHE A 1 36  ? 6.456   -10.395 -2.396  1.00 27.46 ? 36  PHE A CB  1 
ATOM   289  C  CG  . PHE A 1 36  ? 5.211   -10.492 -3.294  1.00 29.22 ? 36  PHE A CG  1 
ATOM   290  C  CD1 . PHE A 1 36  ? 4.260   -11.508 -3.131  1.00 29.33 ? 36  PHE A CD1 1 
ATOM   291  C  CD2 . PHE A 1 36  ? 5.029   -9.583  -4.323  1.00 26.82 ? 36  PHE A CD2 1 
ATOM   292  C  CE1 . PHE A 1 36  ? 3.153   -11.584 -3.968  1.00 30.32 ? 36  PHE A CE1 1 
ATOM   293  C  CE2 . PHE A 1 36  ? 3.946   -9.654  -5.167  1.00 28.59 ? 36  PHE A CE2 1 
ATOM   294  C  CZ  . PHE A 1 36  ? 2.992   -10.647 -4.988  1.00 29.09 ? 36  PHE A CZ  1 
ATOM   295  N  N   . ARG A 1 37  ? 7.606   -10.409 1.097   1.00 29.76 ? 37  ARG A N   1 
ATOM   296  C  CA  . ARG A 1 37  ? 8.614   -9.810  1.965   1.00 32.58 ? 37  ARG A CA  1 
ATOM   297  C  C   . ARG A 1 37  ? 9.972   -9.821  1.265   1.00 34.03 ? 37  ARG A C   1 
ATOM   298  O  O   . ARG A 1 37  ? 10.738  -8.885  1.474   1.00 35.19 ? 37  ARG A O   1 
ATOM   299  C  CB  . ARG A 1 37  ? 8.692   -10.517 3.318   1.00 32.88 ? 37  ARG A CB  1 
ATOM   300  C  CG  . ARG A 1 37  ? 9.479   -9.752  4.388   1.00 32.87 ? 37  ARG A CG  1 
ATOM   301  C  CD  . ARG A 1 37  ? 9.786   -10.657 5.589   1.00 33.55 ? 37  ARG A CD  1 
ATOM   302  N  NE  . ARG A 1 37  ? 10.325  -9.891  6.712   1.00 36.88 ? 37  ARG A NE  1 
ATOM   303  C  CZ  . ARG A 1 37  ? 11.625  -9.782  6.999   1.00 35.62 ? 37  ARG A CZ  1 
ATOM   304  N  NH1 . ARG A 1 37  ? 12.515  -10.383 6.236   1.00 37.31 ? 37  ARG A NH1 1 
ATOM   305  N  NH2 . ARG A 1 37  ? 12.034  -9.050  8.036   1.00 34.19 ? 37  ARG A NH2 1 
ATOM   306  N  N   . ASP A 1 38  ? 10.232  -10.836 0.412   1.00 34.84 ? 38  ASP A N   1 
ATOM   307  C  CA  . ASP A 1 38  ? 11.490  -10.930 -0.398  1.00 36.50 ? 38  ASP A CA  1 
ATOM   308  C  C   . ASP A 1 38  ? 11.660  -9.868  -1.496  1.00 36.46 ? 38  ASP A C   1 
ATOM   309  O  O   . ASP A 1 38  ? 12.693  -9.804  -2.163  1.00 37.23 ? 38  ASP A O   1 
ATOM   310  C  CB  . ASP A 1 38  ? 11.753  -12.343 -0.992  1.00 36.51 ? 38  ASP A CB  1 
ATOM   311  C  CG  . ASP A 1 38  ? 10.698  -12.815 -2.019  1.00 38.89 ? 38  ASP A CG  1 
ATOM   312  O  OD1 . ASP A 1 38  ? 10.132  -12.039 -2.828  1.00 39.21 ? 38  ASP A OD1 1 
ATOM   313  O  OD2 . ASP A 1 38  ? 10.464  -14.048 -2.052  1.00 42.10 ? 38  ASP A OD2 1 
ATOM   314  N  N   . ALA A 1 39  ? 10.645  -9.045  -1.691  1.00 35.62 ? 39  ALA A N   1 
ATOM   315  C  CA  . ALA A 1 39  ? 10.738  -7.956  -2.640  1.00 34.33 ? 39  ALA A CA  1 
ATOM   316  C  C   . ALA A 1 39  ? 11.496  -6.786  -2.007  1.00 33.42 ? 39  ALA A C   1 
ATOM   317  O  O   . ALA A 1 39  ? 12.238  -6.082  -2.695  1.00 33.79 ? 39  ALA A O   1 
ATOM   318  C  CB  . ALA A 1 39  ? 9.323   -7.516  -3.082  1.00 34.07 ? 39  ALA A CB  1 
ATOM   319  N  N   . PHE A 1 40  ? 11.295  -6.581  -0.708  1.00 32.36 ? 40  PHE A N   1 
ATOM   320  C  CA  . PHE A 1 40  ? 11.649  -5.336  -0.035  1.00 31.91 ? 40  PHE A CA  1 
ATOM   321  C  C   . PHE A 1 40  ? 11.345  -5.493  1.432   1.00 31.99 ? 40  PHE A C   1 
ATOM   322  O  O   . PHE A 1 40  ? 10.313  -4.980  1.908   1.00 32.85 ? 40  PHE A O   1 
ATOM   323  C  CB  . PHE A 1 40  ? 10.772  -4.184  -0.597  1.00 31.90 ? 40  PHE A CB  1 
ATOM   324  C  CG  . PHE A 1 40  ? 11.187  -2.799  -0.186  1.00 31.96 ? 40  PHE A CG  1 
ATOM   325  C  CD1 . PHE A 1 40  ? 12.212  -2.573  0.742   1.00 32.17 ? 40  PHE A CD1 1 
ATOM   326  C  CD2 . PHE A 1 40  ? 10.505  -1.682  -0.739  1.00 32.68 ? 40  PHE A CD2 1 
ATOM   327  C  CE1 . PHE A 1 40  ? 12.566  -1.277  1.120   1.00 33.53 ? 40  PHE A CE1 1 
ATOM   328  C  CE2 . PHE A 1 40  ? 10.851  -0.381  -0.377  1.00 32.68 ? 40  PHE A CE2 1 
ATOM   329  C  CZ  . PHE A 1 40  ? 11.889  -0.166  0.548   1.00 33.27 ? 40  PHE A CZ  1 
ATOM   330  N  N   . PRO A 1 41  ? 12.224  -6.185  2.191   1.00 31.63 ? 41  PRO A N   1 
ATOM   331  C  CA  . PRO A 1 41  ? 11.919  -6.428  3.588   1.00 30.87 ? 41  PRO A CA  1 
ATOM   332  C  C   . PRO A 1 41  ? 11.474  -5.262  4.466   1.00 30.91 ? 41  PRO A C   1 
ATOM   333  O  O   . PRO A 1 41  ? 10.476  -5.380  5.190   1.00 29.97 ? 41  PRO A O   1 
ATOM   334  C  CB  . PRO A 1 41  ? 13.223  -7.063  4.114   1.00 30.85 ? 41  PRO A CB  1 
ATOM   335  C  CG  . PRO A 1 41  ? 13.737  -7.803  2.963   1.00 30.86 ? 41  PRO A CG  1 
ATOM   336  C  CD  . PRO A 1 41  ? 13.487  -6.859  1.796   1.00 31.14 ? 41  PRO A CD  1 
ATOM   337  N  N   . ALA A 1 42  ? 12.202  -4.147  4.448   1.00 30.61 ? 42  ALA A N   1 
ATOM   338  C  CA  . ALA A 1 42  ? 11.853  -3.036  5.341   1.00 29.66 ? 42  ALA A CA  1 
ATOM   339  C  C   . ALA A 1 42  ? 10.535  -2.343  4.934   1.00 29.13 ? 42  ALA A C   1 
ATOM   340  O  O   . ALA A 1 42  ? 9.814   -1.856  5.776   1.00 28.15 ? 42  ALA A O   1 
ATOM   341  C  CB  . ALA A 1 42  ? 13.010  -1.975  5.375   1.00 30.82 ? 42  ALA A CB  1 
ATOM   342  N  N   . GLY A 1 43  ? 10.265  -2.284  3.639   1.00 28.85 ? 43  GLY A N   1 
ATOM   343  C  CA  . GLY A 1 43  ? 9.040   -1.634  3.139   1.00 28.62 ? 43  GLY A CA  1 
ATOM   344  C  C   . GLY A 1 43  ? 7.799   -2.482  3.380   1.00 28.28 ? 43  GLY A C   1 
ATOM   345  O  O   . GLY A 1 43  ? 6.741   -1.952  3.698   1.00 28.92 ? 43  GLY A O   1 
ATOM   346  N  N   . VAL A 1 44  ? 7.946   -3.789  3.219   1.00 28.26 ? 44  VAL A N   1 
ATOM   347  C  CA  . VAL A 1 44  ? 6.912   -4.791  3.587   1.00 27.74 ? 44  VAL A CA  1 
ATOM   348  C  C   . VAL A 1 44  ? 6.598   -4.780  5.086   1.00 29.05 ? 44  VAL A C   1 
ATOM   349  O  O   . VAL A 1 44  ? 5.417   -4.740  5.488   1.00 28.29 ? 44  VAL A O   1 
ATOM   350  C  CB  . VAL A 1 44  ? 7.313   -6.197  3.085   1.00 26.91 ? 44  VAL A CB  1 
ATOM   351  C  CG1 . VAL A 1 44  ? 6.392   -7.305  3.693   1.00 25.92 ? 44  VAL A CG1 1 
ATOM   352  C  CG2 . VAL A 1 44  ? 7.239   -6.209  1.586   1.00 25.84 ? 44  VAL A CG2 1 
ATOM   353  N  N   . GLU A 1 45  ? 7.637   -4.804  5.926   1.00 29.11 ? 45  GLU A N   1 
ATOM   354  C  CA  . GLU A 1 45  ? 7.398   -4.756  7.370   1.00 30.36 ? 45  GLU A CA  1 
ATOM   355  C  C   . GLU A 1 45  ? 6.718   -3.472  7.826   1.00 30.30 ? 45  GLU A C   1 
ATOM   356  O  O   . GLU A 1 45  ? 5.823   -3.510  8.664   1.00 30.39 ? 45  GLU A O   1 
ATOM   357  C  CB  . GLU A 1 45  ? 8.682   -5.065  8.198   1.00 30.94 ? 45  GLU A CB  1 
ATOM   358  C  CG  . GLU A 1 45  ? 9.185   -6.500  8.039   1.00 31.67 ? 45  GLU A CG  1 
ATOM   359  C  CD  . GLU A 1 45  ? 8.203   -7.603  8.519   1.00 34.54 ? 45  GLU A CD  1 
ATOM   360  O  OE1 . GLU A 1 45  ? 7.365   -7.376  9.422   1.00 34.79 ? 45  GLU A OE1 1 
ATOM   361  O  OE2 . GLU A 1 45  ? 8.296   -8.723  7.975   1.00 37.20 ? 45  GLU A OE2 1 
ATOM   362  N  N   . ASN A 1 46  ? 7.106   -2.336  7.242   1.00 30.18 ? 46  ASN A N   1 
ATOM   363  C  CA  . ASN A 1 46  ? 6.431   -1.093  7.571   1.00 30.23 ? 46  ASN A CA  1 
ATOM   364  C  C   . ASN A 1 46  ? 4.955   -1.167  7.163   1.00 29.00 ? 46  ASN A C   1 
ATOM   365  O  O   . ASN A 1 46  ? 4.094   -0.804  7.931   1.00 29.13 ? 46  ASN A O   1 
ATOM   366  C  CB  . ASN A 1 46  ? 7.116   0.092   6.870   1.00 30.83 ? 46  ASN A CB  1 
ATOM   367  C  CG  . ASN A 1 46  ? 6.499   1.439   7.238   1.00 32.47 ? 46  ASN A CG  1 
ATOM   368  O  OD1 . ASN A 1 46  ? 6.334   1.766   8.426   1.00 34.78 ? 46  ASN A OD1 1 
ATOM   369  N  ND2 . ASN A 1 46  ? 6.171   2.244   6.211   1.00 33.12 ? 46  ASN A ND2 1 
ATOM   370  N  N   . PHE A 1 47  ? 4.680   -1.660  5.958   1.00 28.33 ? 47  PHE A N   1 
ATOM   371  C  CA  . PHE A 1 47  ? 3.291   -1.820  5.510   1.00 27.71 ? 47  PHE A CA  1 
ATOM   372  C  C   . PHE A 1 47  ? 2.502   -2.712  6.466   1.00 27.61 ? 47  PHE A C   1 
ATOM   373  O  O   . PHE A 1 47  ? 1.449   -2.311  6.965   1.00 27.44 ? 47  PHE A O   1 
ATOM   374  C  CB  . PHE A 1 47  ? 3.216   -2.368  4.082   1.00 26.74 ? 47  PHE A CB  1 
ATOM   375  C  CG  . PHE A 1 47  ? 1.811   -2.351  3.508   1.00 27.03 ? 47  PHE A CG  1 
ATOM   376  C  CD1 . PHE A 1 47  ? 1.345   -1.234  2.805   1.00 23.01 ? 47  PHE A CD1 1 
ATOM   377  C  CD2 . PHE A 1 47  ? 0.951   -3.450  3.677   1.00 27.85 ? 47  PHE A CD2 1 
ATOM   378  C  CE1 . PHE A 1 47  ? 0.042   -1.193  2.289   1.00 25.58 ? 47  PHE A CE1 1 
ATOM   379  C  CE2 . PHE A 1 47  ? -0.363  -3.423  3.161   1.00 28.78 ? 47  PHE A CE2 1 
ATOM   380  C  CZ  . PHE A 1 47  ? -0.812  -2.303  2.457   1.00 25.30 ? 47  PHE A CZ  1 
ATOM   381  N  N   . VAL A 1 48  ? 3.013   -3.917  6.731   1.00 27.51 ? 48  VAL A N   1 
ATOM   382  C  CA  . VAL A 1 48  ? 2.322   -4.830  7.651   1.00 28.98 ? 48  VAL A CA  1 
ATOM   383  C  C   . VAL A 1 48  ? 2.125   -4.262  9.069   1.00 29.45 ? 48  VAL A C   1 
ATOM   384  O  O   . VAL A 1 48  ? 1.047   -4.414  9.651   1.00 28.78 ? 48  VAL A O   1 
ATOM   385  C  CB  . VAL A 1 48  ? 2.993   -6.255  7.696   1.00 29.22 ? 48  VAL A CB  1 
ATOM   386  C  CG1 . VAL A 1 48  ? 2.278   -7.157  8.668   1.00 30.56 ? 48  VAL A CG1 1 
ATOM   387  C  CG2 . VAL A 1 48  ? 2.995   -6.913  6.346   1.00 29.46 ? 48  VAL A CG2 1 
ATOM   388  N  N   . GLN A 1 49  ? 3.141   -3.599  9.643   1.00 29.72 ? 49  GLN A N   1 
ATOM   389  C  CA  . GLN A 1 49  ? 2.951   -3.098  11.013  1.00 30.27 ? 49  GLN A CA  1 
ATOM   390  C  C   . GLN A 1 49  ? 2.000   -1.930  11.086  1.00 30.21 ? 49  GLN A C   1 
ATOM   391  O  O   . GLN A 1 49  ? 1.377   -1.698  12.115  1.00 30.52 ? 49  GLN A O   1 
ATOM   392  C  CB  . GLN A 1 49  ? 4.280   -2.749  11.694  1.00 31.17 ? 49  GLN A CB  1 
ATOM   393  C  CG  . GLN A 1 49  ? 5.255   -3.901  11.761  1.00 35.20 ? 49  GLN A CG  1 
ATOM   394  C  CD  . GLN A 1 49  ? 4.664   -5.170  12.368  1.00 38.80 ? 49  GLN A CD  1 
ATOM   395  O  OE1 . GLN A 1 49  ? 3.813   -5.123  13.263  1.00 39.74 ? 49  GLN A OE1 1 
ATOM   396  N  NE2 . GLN A 1 49  ? 5.137   -6.314  11.893  1.00 42.16 ? 49  GLN A NE2 1 
ATOM   397  N  N   . LEU A 1 50  ? 1.884   -1.183  9.992   1.00 30.35 ? 50  LEU A N   1 
ATOM   398  C  CA  . LEU A 1 50  ? 0.911   -0.080  9.951   1.00 30.73 ? 50  LEU A CA  1 
ATOM   399  C  C   . LEU A 1 50  ? -0.501  -0.617  9.801   1.00 31.30 ? 50  LEU A C   1 
ATOM   400  O  O   . LEU A 1 50  ? -1.474  0.004   10.201  1.00 30.80 ? 50  LEU A O   1 
ATOM   401  C  CB  . LEU A 1 50  ? 1.229   0.853   8.797   1.00 30.35 ? 50  LEU A CB  1 
ATOM   402  C  CG  . LEU A 1 50  ? 2.409   1.802   9.081   1.00 31.93 ? 50  LEU A CG  1 
ATOM   403  C  CD1 . LEU A 1 50  ? 2.618   2.667   7.863   1.00 30.31 ? 50  LEU A CD1 1 
ATOM   404  C  CD2 . LEU A 1 50  ? 2.092   2.667   10.289  1.00 30.57 ? 50  LEU A CD2 1 
ATOM   405  N  N   . THR A 1 51  ? -0.593  -1.779  9.183   1.00 32.49 ? 51  THR A N   1 
ATOM   406  C  CA  . THR A 1 51  ? -1.844  -2.461  9.046   1.00 34.56 ? 51  THR A CA  1 
ATOM   407  C  C   . THR A 1 51  ? -2.295  -2.976  10.413  1.00 35.76 ? 51  THR A C   1 
ATOM   408  O  O   . THR A 1 51  ? -3.458  -2.849  10.780  1.00 35.88 ? 51  THR A O   1 
ATOM   409  C  CB  . THR A 1 51  ? -1.618  -3.562  8.025   1.00 35.95 ? 51  THR A CB  1 
ATOM   410  O  OG1 . THR A 1 51  ? -1.990  -3.068  6.737   1.00 33.67 ? 51  THR A OG1 1 
ATOM   411  C  CG2 . THR A 1 51  ? -2.330  -4.777  8.385   1.00 35.99 ? 51  THR A CG2 1 
ATOM   412  N  N   . ASN A 1 52  ? -1.355  -3.498  11.196  1.00 38.55 ? 52  ASN A N   1 
ATOM   413  C  CA  . ASN A 1 52  ? -1.646  -3.866  12.586  1.00 41.11 ? 52  ASN A CA  1 
ATOM   414  C  C   . ASN A 1 52  ? -1.997  -2.729  13.541  1.00 42.10 ? 52  ASN A C   1 
ATOM   415  O  O   . ASN A 1 52  ? -2.779  -2.942  14.477  1.00 41.98 ? 52  ASN A O   1 
ATOM   416  C  CB  . ASN A 1 52  ? -0.552  -4.747  13.178  1.00 41.78 ? 52  ASN A CB  1 
ATOM   417  C  CG  . ASN A 1 52  ? -1.046  -6.154  13.401  1.00 45.21 ? 52  ASN A CG  1 
ATOM   418  O  OD1 . ASN A 1 52  ? -1.446  -6.834  12.455  1.00 47.57 ? 52  ASN A OD1 1 
ATOM   419  N  ND2 . ASN A 1 52  ? -1.099  -6.576  14.662  1.00 48.92 ? 52  ASN A ND2 1 
ATOM   420  N  N   . GLY A 1 53  ? -1.439  -1.542  13.299  1.00 43.03 ? 53  GLY A N   1 
ATOM   421  C  CA  . GLY A 1 53  ? -1.842  -0.329  14.018  1.00 46.31 ? 53  GLY A CA  1 
ATOM   422  C  C   . GLY A 1 53  ? -1.504  -0.210  15.503  1.00 48.64 ? 53  GLY A C   1 
ATOM   423  O  O   . GLY A 1 53  ? -2.123  0.601   16.204  1.00 48.72 ? 53  GLY A O   1 
ATOM   424  N  N   . LYS A 1 54  ? -0.523  -0.992  15.972  1.00 51.00 ? 54  LYS A N   1 
ATOM   425  C  CA  . LYS A 1 54  ? -0.166  -1.085  17.415  1.00 53.82 ? 54  LYS A CA  1 
ATOM   426  C  C   . LYS A 1 54  ? 1.037   -0.210  17.781  1.00 55.18 ? 54  LYS A C   1 
ATOM   427  O  O   . LYS A 1 54  ? 1.255   0.138   18.951  1.00 55.62 ? 54  LYS A O   1 
ATOM   428  C  CB  . LYS A 1 54  ? 0.117   -2.547  17.830  1.00 54.17 ? 54  LYS A CB  1 
ATOM   429  C  CG  . LYS A 1 54  ? -0.908  -3.583  17.322  1.00 55.68 ? 54  LYS A CG  1 
ATOM   430  C  CD  . LYS A 1 54  ? -2.110  -3.753  18.239  1.00 57.96 ? 54  LYS A CD  1 
ATOM   431  C  CE  . LYS A 1 54  ? -2.048  -5.102  18.934  1.00 60.25 ? 54  LYS A CE  1 
ATOM   432  N  NZ  . LYS A 1 54  ? -3.409  -5.707  19.135  1.00 61.79 ? 54  LYS A NZ  1 
ATOM   433  N  N   . THR A 1 55  ? 1.821   0.117   16.763  1.00 56.67 ? 55  THR A N   1 
ATOM   434  C  CA  . THR A 1 55  ? 2.928   1.051   16.857  1.00 58.18 ? 55  THR A CA  1 
ATOM   435  C  C   . THR A 1 55  ? 2.409   2.451   17.257  1.00 59.40 ? 55  THR A C   1 
ATOM   436  O  O   . THR A 1 55  ? 1.285   2.817   16.912  1.00 59.07 ? 55  THR A O   1 
ATOM   437  C  CB  . THR A 1 55  ? 3.720   0.986   15.531  1.00 57.87 ? 55  THR A CB  1 
ATOM   438  O  OG1 . THR A 1 55  ? 4.751   -0.001  15.653  1.00 58.37 ? 55  THR A OG1 1 
ATOM   439  C  CG2 . THR A 1 55  ? 4.314   2.285   15.139  1.00 57.25 ? 55  THR A CG2 1 
ATOM   440  N  N   . TYR A 1 56  ? 3.221   3.211   18.003  1.00 61.46 ? 56  TYR A N   1 
ATOM   441  C  CA  . TYR A 1 56  ? 2.735   4.389   18.748  1.00 63.29 ? 56  TYR A CA  1 
ATOM   442  C  C   . TYR A 1 56  ? 3.582   5.660   18.539  1.00 63.94 ? 56  TYR A C   1 
ATOM   443  O  O   . TYR A 1 56  ? 4.789   5.586   18.288  1.00 63.66 ? 56  TYR A O   1 
ATOM   444  C  CB  . TYR A 1 56  ? 2.618   4.037   20.257  1.00 64.24 ? 56  TYR A CB  1 
ATOM   445  C  CG  . TYR A 1 56  ? 3.896   4.252   21.063  1.00 66.32 ? 56  TYR A CG  1 
ATOM   446  C  CD1 . TYR A 1 56  ? 3.900   5.042   22.223  1.00 67.90 ? 56  TYR A CD1 1 
ATOM   447  C  CD2 . TYR A 1 56  ? 5.118   3.694   20.646  1.00 67.71 ? 56  TYR A CD2 1 
ATOM   448  C  CE1 . TYR A 1 56  ? 5.093   5.255   22.947  1.00 68.32 ? 56  TYR A CE1 1 
ATOM   449  C  CE2 . TYR A 1 56  ? 6.307   3.902   21.355  1.00 67.43 ? 56  TYR A CE2 1 
ATOM   450  C  CZ  . TYR A 1 56  ? 6.288   4.681   22.497  1.00 67.33 ? 56  TYR A CZ  1 
ATOM   451  O  OH  . TYR A 1 56  ? 7.470   4.872   23.173  1.00 66.68 ? 56  TYR A OH  1 
ATOM   452  N  N   . ARG A 1 57  ? 2.927   6.819   18.629  1.00 65.11 ? 57  ARG A N   1 
ATOM   453  C  CA  . ARG A 1 57  ? 3.600   8.134   18.716  1.00 66.16 ? 57  ARG A CA  1 
ATOM   454  C  C   . ARG A 1 57  ? 3.061   8.960   19.898  1.00 66.33 ? 57  ARG A C   1 
ATOM   455  O  O   . ARG A 1 57  ? 1.847   8.986   20.167  1.00 66.44 ? 57  ARG A O   1 
ATOM   456  C  CB  . ARG A 1 57  ? 3.463   8.937   17.414  1.00 66.47 ? 57  ARG A CB  1 
ATOM   457  C  CG  . ARG A 1 57  ? 4.628   8.790   16.454  1.00 67.74 ? 57  ARG A CG  1 
ATOM   458  C  CD  . ARG A 1 57  ? 4.455   9.705   15.257  1.00 70.85 ? 57  ARG A CD  1 
ATOM   459  N  NE  . ARG A 1 57  ? 5.262   10.926  15.330  1.00 73.83 ? 57  ARG A NE  1 
ATOM   460  C  CZ  . ARG A 1 57  ? 5.133   11.981  14.519  1.00 75.25 ? 57  ARG A CZ  1 
ATOM   461  N  NH1 . ARG A 1 57  ? 4.215   12.003  13.558  1.00 75.02 ? 57  ARG A NH1 1 
ATOM   462  N  NH2 . ARG A 1 57  ? 5.921   13.040  14.681  1.00 77.16 ? 57  ARG A NH2 1 
ATOM   463  N  N   . ASN A 1 73  ? -0.990  6.545   17.946  1.00 48.35 ? 73  ASN A N   1 
ATOM   464  C  CA  . ASN A 1 73  ? -0.958  5.226   17.284  1.00 48.06 ? 73  ASN A CA  1 
ATOM   465  C  C   . ASN A 1 73  ? -0.883  5.305   15.743  1.00 46.12 ? 73  ASN A C   1 
ATOM   466  O  O   . ASN A 1 73  ? -1.611  6.063   15.102  1.00 46.16 ? 73  ASN A O   1 
ATOM   467  C  CB  . ASN A 1 73  ? -2.140  4.345   17.755  1.00 49.33 ? 73  ASN A CB  1 
ATOM   468  C  CG  . ASN A 1 73  ? -1.934  3.758   19.188  1.00 52.99 ? 73  ASN A CG  1 
ATOM   469  O  OD1 . ASN A 1 73  ? -2.496  2.710   19.528  1.00 56.11 ? 73  ASN A OD1 1 
ATOM   470  N  ND2 . ASN A 1 73  ? -1.126  4.439   20.015  1.00 55.32 ? 73  ASN A ND2 1 
ATOM   471  N  N   . ARG A 1 74  ? 0.039   4.552   15.161  1.00 43.89 ? 74  ARG A N   1 
ATOM   472  C  CA  . ARG A 1 74  ? 0.289   4.588   13.715  1.00 41.50 ? 74  ARG A CA  1 
ATOM   473  C  C   . ARG A 1 74  ? -0.528  3.485   13.013  1.00 39.78 ? 74  ARG A C   1 
ATOM   474  O  O   . ARG A 1 74  ? -0.211  2.305   13.161  1.00 38.66 ? 74  ARG A O   1 
ATOM   475  C  CB  . ARG A 1 74  ? 1.772   4.354   13.421  1.00 41.65 ? 74  ARG A CB  1 
ATOM   476  C  CG  . ARG A 1 74  ? 2.762   5.420   13.899  1.00 42.13 ? 74  ARG A CG  1 
ATOM   477  C  CD  . ARG A 1 74  ? 4.123   5.183   13.247  1.00 41.36 ? 74  ARG A CD  1 
ATOM   478  N  NE  . ARG A 1 74  ? 5.200   6.011   13.804  1.00 42.27 ? 74  ARG A NE  1 
ATOM   479  C  CZ  . ARG A 1 74  ? 6.066   5.608   14.737  1.00 42.99 ? 74  ARG A CZ  1 
ATOM   480  N  NH1 . ARG A 1 74  ? 5.992   4.376   15.238  1.00 42.80 ? 74  ARG A NH1 1 
ATOM   481  N  NH2 . ARG A 1 74  ? 7.009   6.444   15.191  1.00 42.76 ? 74  ARG A NH2 1 
ATOM   482  N  N   . THR A 1 75  ? -1.580  3.881   12.287  1.00 37.66 ? 75  THR A N   1 
ATOM   483  C  CA  . THR A 1 75  ? -2.422  2.947   11.521  1.00 35.94 ? 75  THR A CA  1 
ATOM   484  C  C   . THR A 1 75  ? -2.817  3.504   10.147  1.00 34.17 ? 75  THR A C   1 
ATOM   485  O  O   . THR A 1 75  ? -2.830  4.715   9.932   1.00 33.35 ? 75  THR A O   1 
ATOM   486  C  CB  . THR A 1 75  ? -3.682  2.512   12.324  1.00 35.87 ? 75  THR A CB  1 
ATOM   487  O  OG1 . THR A 1 75  ? -4.483  1.642   11.531  1.00 37.02 ? 75  THR A OG1 1 
ATOM   488  C  CG2 . THR A 1 75  ? -4.532  3.709   12.727  1.00 37.91 ? 75  THR A CG2 1 
ATOM   489  N  N   . TYR A 1 76  ? -3.127  2.604   9.214   1.00 31.94 ? 76  TYR A N   1 
ATOM   490  C  CA  . TYR A 1 76  ? -3.673  2.989   7.932   1.00 29.83 ? 76  TYR A CA  1 
ATOM   491  C  C   . TYR A 1 76  ? -5.155  3.291   8.084   1.00 29.78 ? 76  TYR A C   1 
ATOM   492  O  O   . TYR A 1 76  ? -5.729  3.915   7.234   1.00 29.37 ? 76  TYR A O   1 
ATOM   493  C  CB  . TYR A 1 76  ? -3.473  1.855   6.909   1.00 28.93 ? 76  TYR A CB  1 
ATOM   494  C  CG  . TYR A 1 76  ? -2.131  1.842   6.234   1.00 27.70 ? 76  TYR A CG  1 
ATOM   495  C  CD1 . TYR A 1 76  ? -1.612  3.012   5.643   1.00 26.32 ? 76  TYR A CD1 1 
ATOM   496  C  CD2 . TYR A 1 76  ? -1.383  0.667   6.144   1.00 25.44 ? 76  TYR A CD2 1 
ATOM   497  C  CE1 . TYR A 1 76  ? -0.382  3.000   4.998   1.00 25.07 ? 76  TYR A CE1 1 
ATOM   498  C  CE2 . TYR A 1 76  ? -0.154  0.646   5.513   1.00 23.98 ? 76  TYR A CE2 1 
ATOM   499  C  CZ  . TYR A 1 76  ? 0.344   1.825   4.928   1.00 25.95 ? 76  TYR A CZ  1 
ATOM   500  O  OH  . TYR A 1 76  ? 1.556   1.826   4.259   1.00 26.56 ? 76  TYR A OH  1 
ATOM   501  N  N   . GLU A 1 77  ? -5.771  2.835   9.177   1.00 31.46 ? 77  GLU A N   1 
ATOM   502  C  CA  . GLU A 1 77  ? -7.192  3.027   9.433   1.00 31.89 ? 77  GLU A CA  1 
ATOM   503  C  C   . GLU A 1 77  ? -7.491  4.528   9.465   1.00 32.53 ? 77  GLU A C   1 
ATOM   504  O  O   . GLU A 1 77  ? -6.873  5.271   10.214  1.00 31.96 ? 77  GLU A O   1 
ATOM   505  C  CB  . GLU A 1 77  ? -7.652  2.323   10.715  1.00 32.60 ? 77  GLU A CB  1 
ATOM   506  C  CG  . GLU A 1 77  ? -9.162  2.600   11.026  1.00 34.04 ? 77  GLU A CG  1 
ATOM   507  C  CD  . GLU A 1 77  ? -9.759  1.769   12.166  1.00 34.85 ? 77  GLU A CD  1 
ATOM   508  O  OE1 . GLU A 1 77  ? -9.036  1.046   12.882  1.00 35.72 ? 77  GLU A OE1 1 
ATOM   509  O  OE2 . GLU A 1 77  ? -10.998 1.827   12.321  1.00 40.36 ? 77  GLU A OE2 1 
ATOM   510  N  N   . GLY A 1 78  ? -8.383  4.965   8.576   1.00 32.50 ? 78  GLY A N   1 
ATOM   511  C  CA  . GLY A 1 78  ? -8.781  6.361   8.502   1.00 33.81 ? 78  GLY A CA  1 
ATOM   512  C  C   . GLY A 1 78  ? -8.104  7.128   7.389   1.00 33.84 ? 78  GLY A C   1 
ATOM   513  O  O   . GLY A 1 78  ? -8.580  8.192   6.994   1.00 34.86 ? 78  GLY A O   1 
ATOM   514  N  N   . CYS A 1 79  ? -6.994  6.597   6.872   1.00 33.53 ? 79  CYS A N   1 
ATOM   515  C  CA  . CYS A 1 79  ? -6.313  7.207   5.720   1.00 33.35 ? 79  CYS A CA  1 
ATOM   516  C  C   . CYS A 1 79  ? -7.218  7.355   4.514   1.00 33.09 ? 79  CYS A C   1 
ATOM   517  O  O   . CYS A 1 79  ? -7.987  6.432   4.178   1.00 32.10 ? 79  CYS A O   1 
ATOM   518  C  CB  . CYS A 1 79  ? -5.112  6.372   5.299   1.00 33.41 ? 79  CYS A CB  1 
ATOM   519  S  SG  . CYS A 1 79  ? -3.763  6.505   6.414   1.00 36.30 ? 79  CYS A SG  1 
ATOM   520  N  N   . LYS A 1 80  ? -7.115  8.506   3.854   1.00 33.29 ? 80  LYS A N   1 
ATOM   521  C  CA  . LYS A 1 80  ? -7.844  8.755   2.611   1.00 34.22 ? 80  LYS A CA  1 
ATOM   522  C  C   . LYS A 1 80  ? -7.031  8.269   1.418   1.00 33.28 ? 80  LYS A C   1 
ATOM   523  O  O   . LYS A 1 80  ? -5.798  8.217   1.472   1.00 32.42 ? 80  LYS A O   1 
ATOM   524  C  CB  . LYS A 1 80  ? -8.153  10.250  2.436   1.00 35.06 ? 80  LYS A CB  1 
ATOM   525  C  CG  . LYS A 1 80  ? -8.896  10.880  3.634   1.00 37.39 ? 80  LYS A CG  1 
ATOM   526  C  CD  . LYS A 1 80  ? -9.311  12.332  3.341   1.00 38.20 ? 80  LYS A CD  1 
ATOM   527  C  CE  . LYS A 1 80  ? -10.072 12.933  4.552   1.00 40.33 ? 80  LYS A CE  1 
ATOM   528  N  NZ  . LYS A 1 80  ? -10.222 14.426  4.351   1.00 46.10 ? 80  LYS A NZ  1 
ATOM   529  N  N   . PHE A 1 81  ? -7.725  7.906   0.344   1.00 32.67 ? 81  PHE A N   1 
ATOM   530  C  CA  . PHE A 1 81  ? -7.060  7.658   -0.920  1.00 33.46 ? 81  PHE A CA  1 
ATOM   531  C  C   . PHE A 1 81  ? -6.918  9.017   -1.569  1.00 35.23 ? 81  PHE A C   1 
ATOM   532  O  O   . PHE A 1 81  ? -7.916  9.606   -1.990  1.00 35.94 ? 81  PHE A O   1 
ATOM   533  C  CB  . PHE A 1 81  ? -7.829  6.634   -1.769  1.00 31.89 ? 81  PHE A CB  1 
ATOM   534  C  CG  . PHE A 1 81  ? -7.686  5.230   -1.244  1.00 28.89 ? 81  PHE A CG  1 
ATOM   535  C  CD1 . PHE A 1 81  ? -6.586  4.440   -1.622  1.00 27.62 ? 81  PHE A CD1 1 
ATOM   536  C  CD2 . PHE A 1 81  ? -8.574  4.736   -0.311  1.00 28.54 ? 81  PHE A CD2 1 
ATOM   537  C  CE1 . PHE A 1 81  ? -6.410  3.151   -1.084  1.00 26.86 ? 81  PHE A CE1 1 
ATOM   538  C  CE2 . PHE A 1 81  ? -8.425  3.445   0.220   1.00 31.09 ? 81  PHE A CE2 1 
ATOM   539  C  CZ  . PHE A 1 81  ? -7.339  2.655   -0.174  1.00 27.31 ? 81  PHE A CZ  1 
ATOM   540  N  N   . HIS A 1 82  ? -5.682  9.511   -1.609  1.00 36.75 ? 82  HIS A N   1 
ATOM   541  C  CA  . HIS A 1 82  ? -5.405  10.941  -1.895  1.00 37.97 ? 82  HIS A CA  1 
ATOM   542  C  C   . HIS A 1 82  ? -5.091  11.268  -3.349  1.00 38.98 ? 82  HIS A C   1 
ATOM   543  O  O   . HIS A 1 82  ? -5.209  12.434  -3.774  1.00 40.96 ? 82  HIS A O   1 
ATOM   544  C  CB  . HIS A 1 82  ? -4.344  11.517  -0.932  1.00 37.43 ? 82  HIS A CB  1 
ATOM   545  C  CG  . HIS A 1 82  ? -2.996  10.846  -0.987  1.00 36.17 ? 82  HIS A CG  1 
ATOM   546  N  ND1 . HIS A 1 82  ? -2.172  10.902  -2.091  1.00 35.59 ? 82  HIS A ND1 1 
ATOM   547  C  CD2 . HIS A 1 82  ? -2.296  10.177  -0.039  1.00 34.60 ? 82  HIS A CD2 1 
ATOM   548  C  CE1 . HIS A 1 82  ? -1.036  10.285  -1.831  1.00 34.57 ? 82  HIS A CE1 1 
ATOM   549  N  NE2 . HIS A 1 82  ? -1.086  9.831   -0.593  1.00 35.90 ? 82  HIS A NE2 1 
ATOM   550  N  N   . ASN A 1 83  ? -4.693  10.254  -4.113  1.00 38.82 ? 83  ASN A N   1 
ATOM   551  C  CA  . ASN A 1 83  ? -4.409  10.401  -5.525  1.00 38.33 ? 83  ASN A CA  1 
ATOM   552  C  C   . ASN A 1 83  ? -5.081  9.189   -6.128  1.00 38.85 ? 83  ASN A C   1 
ATOM   553  O  O   . ASN A 1 83  ? -4.821  8.042   -5.672  1.00 38.84 ? 83  ASN A O   1 
ATOM   554  C  CB  . ASN A 1 83  ? -2.892  10.319  -5.826  1.00 38.26 ? 83  ASN A CB  1 
ATOM   555  C  CG  . ASN A 1 83  ? -2.153  11.646  -5.645  1.00 39.72 ? 83  ASN A CG  1 
ATOM   556  O  OD1 . ASN A 1 83  ? -1.688  12.231  -6.621  1.00 41.29 ? 83  ASN A OD1 1 
ATOM   557  N  ND2 . ASN A 1 83  ? -2.027  12.115  -4.403  1.00 38.50 ? 83  ASN A ND2 1 
ATOM   558  N  N   . VAL A 1 84  ? -5.966  9.432   -7.098  1.00 37.53 ? 84  VAL A N   1 
ATOM   559  C  CA  . VAL A 1 84  ? -6.765  8.386   -7.734  1.00 36.49 ? 84  VAL A CA  1 
ATOM   560  C  C   . VAL A 1 84  ? -6.831  8.708   -9.206  1.00 36.42 ? 84  VAL A C   1 
ATOM   561  O  O   . VAL A 1 84  ? -6.942  9.897   -9.596  1.00 37.21 ? 84  VAL A O   1 
ATOM   562  C  CB  . VAL A 1 84  ? -8.184  8.197   -7.124  1.00 36.90 ? 84  VAL A CB  1 
ATOM   563  C  CG1 . VAL A 1 84  ? -8.111  7.864   -5.620  1.00 34.94 ? 84  VAL A CG1 1 
ATOM   564  C  CG2 . VAL A 1 84  ? -9.107  9.422   -7.391  1.00 38.26 ? 84  VAL A CG2 1 
ATOM   565  N  N   . LEU A 1 85  ? -6.702  7.671   -10.032 1.00 33.73 ? 85  LEU A N   1 
ATOM   566  C  CA  . LEU A 1 85  ? -6.655  7.854   -11.470 1.00 31.74 ? 85  LEU A CA  1 
ATOM   567  C  C   . LEU A 1 85  ? -7.381  6.706   -12.148 1.00 31.19 ? 85  LEU A C   1 
ATOM   568  O  O   . LEU A 1 85  ? -6.902  5.554   -12.108 1.00 29.40 ? 85  LEU A O   1 
ATOM   569  C  CB  . LEU A 1 85  ? -5.195  7.974   -11.961 1.00 31.07 ? 85  LEU A CB  1 
ATOM   570  C  CG  . LEU A 1 85  ? -5.042  8.272   -13.458 1.00 31.45 ? 85  LEU A CG  1 
ATOM   571  C  CD1 . LEU A 1 85  ? -5.707  9.623   -13.796 1.00 35.48 ? 85  LEU A CD1 1 
ATOM   572  C  CD2 . LEU A 1 85  ? -3.573  8.190   -13.964 1.00 30.86 ? 85  LEU A CD2 1 
ATOM   573  N  N   . HIS A 1 86  ? -8.536  7.027   -12.749 1.00 29.50 ? 86  HIS A N   1 
ATOM   574  C  CA  . HIS A 1 86  ? -9.381  6.062   -13.493 1.00 28.76 ? 86  HIS A CA  1 
ATOM   575  C  C   . HIS A 1 86  ? -8.551  5.194   -14.419 1.00 28.58 ? 86  HIS A C   1 
ATOM   576  O  O   . HIS A 1 86  ? -7.669  5.694   -15.153 1.00 29.20 ? 86  HIS A O   1 
ATOM   577  C  CB  . HIS A 1 86  ? -10.518 6.810   -14.247 1.00 28.54 ? 86  HIS A CB  1 
ATOM   578  C  CG  . HIS A 1 86  ? -11.429 5.925   -15.050 1.00 24.98 ? 86  HIS A CG  1 
ATOM   579  N  ND1 . HIS A 1 86  ? -12.426 5.156   -14.479 1.00 27.68 ? 86  HIS A ND1 1 
ATOM   580  C  CD2 . HIS A 1 86  ? -11.551 5.756   -16.387 1.00 26.53 ? 86  HIS A CD2 1 
ATOM   581  C  CE1 . HIS A 1 86  ? -13.074 4.497   -15.428 1.00 25.06 ? 86  HIS A CE1 1 
ATOM   582  N  NE2 . HIS A 1 86  ? -12.570 4.853   -16.595 1.00 25.41 ? 86  HIS A NE2 1 
ATOM   583  N  N   . ASN A 1 87  ? -8.821  3.884   -14.387 1.00 28.65 ? 87  ASN A N   1 
ATOM   584  C  CA  . ASN A 1 87  ? -8.140  2.882   -15.244 1.00 28.23 ? 87  ASN A CA  1 
ATOM   585  C  C   . ASN A 1 87  ? -6.649  2.750   -14.952 1.00 27.70 ? 87  ASN A C   1 
ATOM   586  O  O   . ASN A 1 87  ? -5.915  2.139   -15.738 1.00 27.09 ? 87  ASN A O   1 
ATOM   587  C  CB  . ASN A 1 87  ? -8.315  3.160   -16.752 1.00 29.21 ? 87  ASN A CB  1 
ATOM   588  C  CG  . ASN A 1 87  ? -9.681  2.817   -17.272 1.00 32.42 ? 87  ASN A CG  1 
ATOM   589  O  OD1 . ASN A 1 87  ? -10.048 3.223   -18.385 1.00 39.41 ? 87  ASN A OD1 1 
ATOM   590  N  ND2 . ASN A 1 87  ? -10.446 2.075   -16.501 1.00 31.63 ? 87  ASN A ND2 1 
ATOM   591  N  N   . ASN A 1 88  ? -6.207  3.317   -13.831 1.00 26.59 ? 88  ASN A N   1 
ATOM   592  C  CA  . ASN A 1 88  ? -4.792  3.281   -13.482 1.00 27.20 ? 88  ASN A CA  1 
ATOM   593  C  C   . ASN A 1 88  ? -4.527  2.818   -12.067 1.00 26.52 ? 88  ASN A C   1 
ATOM   594  O  O   . ASN A 1 88  ? -4.127  1.660   -11.873 1.00 26.39 ? 88  ASN A O   1 
ATOM   595  C  CB  . ASN A 1 88  ? -4.077  4.615   -13.770 1.00 26.50 ? 88  ASN A CB  1 
ATOM   596  C  CG  . ASN A 1 88  ? -3.927  4.865   -15.226 1.00 27.71 ? 88  ASN A CG  1 
ATOM   597  O  OD1 . ASN A 1 88  ? -2.863  4.594   -15.831 1.00 30.00 ? 88  ASN A OD1 1 
ATOM   598  N  ND2 . ASN A 1 88  ? -5.005  5.360   -15.843 1.00 28.79 ? 88  ASN A ND2 1 
ATOM   599  N  N   . TYR A 1 89  ? -4.767  3.688   -11.088 1.00 25.66 ? 89  TYR A N   1 
ATOM   600  C  CA  . TYR A 1 89  ? -4.350  3.409   -9.689  1.00 25.61 ? 89  TYR A CA  1 
ATOM   601  C  C   . TYR A 1 89  ? -5.093  4.203   -8.653  1.00 24.89 ? 89  TYR A C   1 
ATOM   602  O  O   . TYR A 1 89  ? -5.759  5.207   -8.971  1.00 25.07 ? 89  TYR A O   1 
ATOM   603  C  CB  . TYR A 1 89  ? -2.832  3.641   -9.486  1.00 25.57 ? 89  TYR A CB  1 
ATOM   604  C  CG  . TYR A 1 89  ? -2.325  5.002   -9.992  1.00 26.50 ? 89  TYR A CG  1 
ATOM   605  C  CD1 . TYR A 1 89  ? -2.611  6.176   -9.292  1.00 26.73 ? 89  TYR A CD1 1 
ATOM   606  C  CD2 . TYR A 1 89  ? -1.540  5.089   -11.150 1.00 24.70 ? 89  TYR A CD2 1 
ATOM   607  C  CE1 . TYR A 1 89  ? -2.144  7.439   -9.758  1.00 29.20 ? 89  TYR A CE1 1 
ATOM   608  C  CE2 . TYR A 1 89  ? -1.073  6.357   -11.631 1.00 28.18 ? 89  TYR A CE2 1 
ATOM   609  C  CZ  . TYR A 1 89  ? -1.397  7.501   -10.925 1.00 26.84 ? 89  TYR A CZ  1 
ATOM   610  O  OH  . TYR A 1 89  ? -0.962  8.729   -11.380 1.00 31.81 ? 89  TYR A OH  1 
ATOM   611  N  N   . ILE A 1 90  ? -4.957  3.771   -7.400  1.00 24.22 ? 90  ILE A N   1 
ATOM   612  C  CA  . ILE A 1 90  ? -5.350  4.587   -6.256  1.00 23.76 ? 90  ILE A CA  1 
ATOM   613  C  C   . ILE A 1 90  ? -4.129  4.623   -5.318  1.00 24.33 ? 90  ILE A C   1 
ATOM   614  O  O   . ILE A 1 90  ? -3.330  3.691   -5.334  1.00 24.21 ? 90  ILE A O   1 
ATOM   615  C  CB  . ILE A 1 90  ? -6.578  4.010   -5.519  1.00 23.97 ? 90  ILE A CB  1 
ATOM   616  C  CG1 . ILE A 1 90  ? -6.317  2.566   -5.057  1.00 23.90 ? 90  ILE A CG1 1 
ATOM   617  C  CG2 . ILE A 1 90  ? -7.855  4.109   -6.395  1.00 21.96 ? 90  ILE A CG2 1 
ATOM   618  C  CD1 . ILE A 1 90  ? -7.480  1.994   -4.276  1.00 25.32 ? 90  ILE A CD1 1 
ATOM   619  N  N   . VAL A 1 91  ? -4.013  5.665   -4.503  1.00 23.61 ? 91  VAL A N   1 
ATOM   620  C  CA  . VAL A 1 91  ? -2.824  5.873   -3.648  1.00 24.06 ? 91  VAL A CA  1 
ATOM   621  C  C   . VAL A 1 91  ? -3.275  6.335   -2.284  1.00 24.96 ? 91  VAL A C   1 
ATOM   622  O  O   . VAL A 1 91  ? -4.214  7.124   -2.172  1.00 26.06 ? 91  VAL A O   1 
ATOM   623  C  CB  . VAL A 1 91  ? -1.813  6.885   -4.291  1.00 24.13 ? 91  VAL A CB  1 
ATOM   624  C  CG1 . VAL A 1 91  ? -0.620  7.102   -3.384  1.00 23.89 ? 91  VAL A CG1 1 
ATOM   625  C  CG2 . VAL A 1 91  ? -1.338  6.358   -5.617  1.00 22.44 ? 91  VAL A CG2 1 
ATOM   626  N  N   . SER A 1 92  ? -2.649  5.809   -1.228  1.00 25.19 ? 92  SER A N   1 
ATOM   627  C  CA  . SER A 1 92  ? -2.969  6.211   0.128   1.00 25.94 ? 92  SER A CA  1 
ATOM   628  C  C   . SER A 1 92  ? -1.713  6.185   1.009   1.00 27.36 ? 92  SER A C   1 
ATOM   629  O  O   . SER A 1 92  ? -0.631  5.965   0.501   1.00 26.66 ? 92  SER A O   1 
ATOM   630  C  CB  . SER A 1 92  ? -4.074  5.311   0.712   1.00 25.79 ? 92  SER A CB  1 
ATOM   631  O  OG  . SER A 1 92  ? -4.598  5.868   1.906   1.00 26.57 ? 92  SER A OG  1 
ATOM   632  N  N   . GLY A 1 93  ? -1.861  6.450   2.308   1.00 28.67 ? 93  GLY A N   1 
ATOM   633  C  CA  . GLY A 1 93  ? -0.742  6.287   3.238   1.00 32.18 ? 93  GLY A CA  1 
ATOM   634  C  C   . GLY A 1 93  ? -0.358  7.454   4.129   1.00 33.92 ? 93  GLY A C   1 
ATOM   635  O  O   . GLY A 1 93  ? 0.631   7.358   4.859   1.00 35.13 ? 93  GLY A O   1 
ATOM   636  N  N   . ASP A 1 94  ? -1.122  8.549   4.064   1.00 35.71 ? 94  ASP A N   1 
ATOM   637  C  CA  . ASP A 1 94  ? -0.924  9.707   4.959   1.00 38.08 ? 94  ASP A CA  1 
ATOM   638  C  C   . ASP A 1 94  ? -1.463  9.411   6.343   1.00 38.18 ? 94  ASP A C   1 
ATOM   639  O  O   . ASP A 1 94  ? -2.558  9.877   6.714   1.00 38.26 ? 94  ASP A O   1 
ATOM   640  C  CB  . ASP A 1 94  ? -1.639  10.937  4.412   1.00 38.53 ? 94  ASP A CB  1 
ATOM   641  C  CG  . ASP A 1 94  ? -0.773  11.761  3.502   1.00 41.27 ? 94  ASP A CG  1 
ATOM   642  O  OD1 . ASP A 1 94  ? 0.324   11.299  3.091   1.00 41.13 ? 94  ASP A OD1 1 
ATOM   643  O  OD2 . ASP A 1 94  ? -1.200  12.896  3.215   1.00 45.45 ? 94  ASP A OD2 1 
ATOM   644  N  N   . ILE A 1 95  ? -0.674  8.656   7.104   1.00 38.21 ? 95  ILE A N   1 
ATOM   645  C  CA  . ILE A 1 95  ? -1.096  8.123   8.392   1.00 38.76 ? 95  ILE A CA  1 
ATOM   646  C  C   . ILE A 1 95  ? -1.263  9.191   9.495   1.00 39.53 ? 95  ILE A C   1 
ATOM   647  O  O   . ILE A 1 95  ? -1.869  8.923   10.540  1.00 39.58 ? 95  ILE A O   1 
ATOM   648  C  CB  . ILE A 1 95  ? -0.139  6.960   8.850   1.00 39.49 ? 95  ILE A CB  1 
ATOM   649  C  CG1 . ILE A 1 95  ? 1.310   7.444   8.899   1.00 37.84 ? 95  ILE A CG1 1 
ATOM   650  C  CG2 . ILE A 1 95  ? -0.296  5.733   7.926   1.00 36.93 ? 95  ILE A CG2 1 
ATOM   651  C  CD1 . ILE A 1 95  ? 2.241   6.560   9.741   1.00 38.08 ? 95  ILE A CD1 1 
ATOM   652  N  N   . TYR A 1 96  ? -0.743  10.397  9.264   1.00 40.37 ? 96  TYR A N   1 
ATOM   653  C  CA  . TYR A 1 96  ? -0.922  11.490  10.237  1.00 41.20 ? 96  TYR A CA  1 
ATOM   654  C  C   . TYR A 1 96  ? -1.899  12.565  9.770   1.00 41.66 ? 96  TYR A C   1 
ATOM   655  O  O   . TYR A 1 96  ? -1.726  13.121  8.681   1.00 42.55 ? 96  TYR A O   1 
ATOM   656  C  CB  . TYR A 1 96  ? 0.417   12.127  10.586  1.00 41.30 ? 96  TYR A CB  1 
ATOM   657  C  CG  . TYR A 1 96  ? 1.480   11.147  11.005  1.00 40.86 ? 96  TYR A CG  1 
ATOM   658  C  CD1 . TYR A 1 96  ? 1.290   10.310  12.102  1.00 41.48 ? 96  TYR A CD1 1 
ATOM   659  C  CD2 . TYR A 1 96  ? 2.679   11.053  10.303  1.00 40.56 ? 96  TYR A CD2 1 
ATOM   660  C  CE1 . TYR A 1 96  ? 2.276   9.399   12.490  1.00 39.80 ? 96  TYR A CE1 1 
ATOM   661  C  CE2 . TYR A 1 96  ? 3.665   10.151  10.691  1.00 41.51 ? 96  TYR A CE2 1 
ATOM   662  C  CZ  . TYR A 1 96  ? 3.447   9.335   11.789  1.00 40.38 ? 96  TYR A CZ  1 
ATOM   663  O  OH  . TYR A 1 96  ? 4.418   8.442   12.189  1.00 43.25 ? 96  TYR A OH  1 
ATOM   664  N  N   . SER A 1 101 ? -1.862  16.564  7.343   1.00 50.55 ? 101 SER A N   1 
ATOM   665  C  CA  . SER A 1 101 ? -1.773  15.343  6.503   1.00 50.15 ? 101 SER A CA  1 
ATOM   666  C  C   . SER A 1 101 ? -0.371  14.955  6.007   1.00 49.07 ? 101 SER A C   1 
ATOM   667  O  O   . SER A 1 101 ? 0.152   15.573  5.077   1.00 49.77 ? 101 SER A O   1 
ATOM   668  C  CB  . SER A 1 101 ? -2.695  15.472  5.287   1.00 50.73 ? 101 SER A CB  1 
ATOM   669  O  OG  . SER A 1 101 ? -2.752  14.242  4.572   1.00 51.94 ? 101 SER A OG  1 
ATOM   670  N  N   . SER A 1 102 ? 0.218   13.909  6.586   1.00 46.95 ? 102 SER A N   1 
ATOM   671  C  CA  . SER A 1 102 ? 1.500   13.396  6.089   1.00 45.10 ? 102 SER A CA  1 
ATOM   672  C  C   . SER A 1 102 ? 1.748   11.893  6.357   1.00 43.39 ? 102 SER A C   1 
ATOM   673  O  O   . SER A 1 102 ? 1.071   11.255  7.171   1.00 41.92 ? 102 SER A O   1 
ATOM   674  C  CB  . SER A 1 102 ? 2.668   14.241  6.620   1.00 45.40 ? 102 SER A CB  1 
ATOM   675  O  OG  . SER A 1 102 ? 2.923   13.963  7.983   1.00 45.74 ? 102 SER A OG  1 
ATOM   676  N  N   . ALA A 1 103 ? 2.762   11.365  5.683   1.00 42.53 ? 103 ALA A N   1 
ATOM   677  C  CA  . ALA A 1 103 ? 3.137   9.963   5.786   1.00 42.57 ? 103 ALA A CA  1 
ATOM   678  C  C   . ALA A 1 103 ? 4.207   9.755   6.860   1.00 42.89 ? 103 ALA A C   1 
ATOM   679  O  O   . ALA A 1 103 ? 4.851   10.721  7.322   1.00 42.45 ? 103 ALA A O   1 
ATOM   680  C  CB  . ALA A 1 103 ? 3.626   9.449   4.433   1.00 41.74 ? 103 ALA A CB  1 
ATOM   681  N  N   . GLY A 1 104 ? 4.416   8.489   7.229   1.00 42.46 ? 104 GLY A N   1 
ATOM   682  C  CA  . GLY A 1 104 ? 5.409   8.150   8.240   1.00 42.35 ? 104 GLY A CA  1 
ATOM   683  C  C   . GLY A 1 104 ? 5.886   6.728   8.107   1.00 42.21 ? 104 GLY A C   1 
ATOM   684  O  O   . GLY A 1 104 ? 5.649   6.078   7.086   1.00 42.13 ? 104 GLY A O   1 
ATOM   685  N  N   . THR A 1 105 ? 6.590   6.262   9.134   1.00 41.89 ? 105 THR A N   1 
ATOM   686  C  CA  . THR A 1 105 ? 7.126   4.920   9.197   1.00 41.24 ? 105 THR A CA  1 
ATOM   687  C  C   . THR A 1 105 ? 7.135   4.450   10.653  1.00 41.88 ? 105 THR A C   1 
ATOM   688  O  O   . THR A 1 105 ? 7.099   5.273   11.578  1.00 42.21 ? 105 THR A O   1 
ATOM   689  C  CB  . THR A 1 105 ? 8.547   4.780   8.566   1.00 41.23 ? 105 THR A CB  1 
ATOM   690  O  OG1 . THR A 1 105 ? 9.565   5.209   9.489   1.00 41.23 ? 105 THR A OG1 1 
ATOM   691  C  CG2 . THR A 1 105 ? 8.677   5.539   7.230   1.00 40.02 ? 105 THR A CG2 1 
ATOM   692  N  N   . VAL A 1 106 ? 7.175   3.134   10.847  1.00 41.77 ? 106 VAL A N   1 
ATOM   693  C  CA  . VAL A 1 106 ? 7.205   2.528   12.192  1.00 42.24 ? 106 VAL A CA  1 
ATOM   694  C  C   . VAL A 1 106 ? 8.627   2.569   12.800  1.00 43.02 ? 106 VAL A C   1 
ATOM   695  O  O   . VAL A 1 106 ? 8.832   2.216   13.964  1.00 42.83 ? 106 VAL A O   1 
ATOM   696  C  CB  . VAL A 1 106 ? 6.674   1.056   12.194  1.00 42.22 ? 106 VAL A CB  1 
ATOM   697  C  CG1 . VAL A 1 106 ? 5.206   0.997   11.753  1.00 41.81 ? 106 VAL A CG1 1 
ATOM   698  C  CG2 . VAL A 1 106 ? 7.553   0.125   11.305  1.00 41.55 ? 106 VAL A CG2 1 
ATOM   699  N  N   . TYR A 1 107 ? 9.599   2.995   12.001  1.00 43.30 ? 107 TYR A N   1 
ATOM   700  C  CA  . TYR A 1 107 ? 10.988  3.035   12.444  1.00 44.06 ? 107 TYR A CA  1 
ATOM   701  C  C   . TYR A 1 107 ? 11.369  4.394   13.048  1.00 45.00 ? 107 TYR A C   1 
ATOM   702  O  O   . TYR A 1 107 ? 12.304  5.036   12.575  1.00 44.63 ? 107 TYR A O   1 
ATOM   703  C  CB  . TYR A 1 107 ? 11.886  2.712   11.255  1.00 43.26 ? 107 TYR A CB  1 
ATOM   704  C  CG  . TYR A 1 107 ? 11.458  1.466   10.497  1.00 42.47 ? 107 TYR A CG  1 
ATOM   705  C  CD1 . TYR A 1 107 ? 11.537  0.202   11.094  1.00 41.49 ? 107 TYR A CD1 1 
ATOM   706  C  CD2 . TYR A 1 107 ? 10.987  1.550   9.182   1.00 40.85 ? 107 TYR A CD2 1 
ATOM   707  C  CE1 . TYR A 1 107 ? 11.159  -0.954  10.395  1.00 40.84 ? 107 TYR A CE1 1 
ATOM   708  C  CE2 . TYR A 1 107 ? 10.620  0.396   8.464   1.00 39.88 ? 107 TYR A CE2 1 
ATOM   709  C  CZ  . TYR A 1 107 ? 10.701  -0.848  9.089   1.00 41.71 ? 107 TYR A CZ  1 
ATOM   710  O  OH  . TYR A 1 107 ? 10.317  -1.977  8.415   1.00 43.15 ? 107 TYR A OH  1 
ATOM   711  N  N   . CYS A 1 108 ? 10.647  4.825   14.087  1.00 46.32 ? 108 CYS A N   1 
ATOM   712  C  CA  . CYS A 1 108 ? 10.742  6.209   14.610  1.00 48.18 ? 108 CYS A CA  1 
ATOM   713  C  C   . CYS A 1 108 ? 10.601  7.261   13.497  1.00 48.52 ? 108 CYS A C   1 
ATOM   714  O  O   . CYS A 1 108 ? 11.251  8.330   13.527  1.00 48.48 ? 108 CYS A O   1 
ATOM   715  C  CB  . CYS A 1 108 ? 12.050  6.431   15.379  1.00 48.29 ? 108 CYS A CB  1 
ATOM   716  S  SG  . CYS A 1 108 ? 12.333  5.206   16.664  1.00 53.53 ? 108 CYS A SG  1 
ATOM   717  N  N   . ASP A 1 109 ? 9.758   6.943   12.508  1.00 48.50 ? 109 ASP A N   1 
ATOM   718  C  CA  . ASP A 1 109 ? 9.517   7.806   11.354  1.00 48.12 ? 109 ASP A CA  1 
ATOM   719  C  C   . ASP A 1 109 ? 10.752  8.082   10.516  1.00 48.01 ? 109 ASP A C   1 
ATOM   720  O  O   . ASP A 1 109 ? 10.780  9.040   9.729   1.00 47.66 ? 109 ASP A O   1 
ATOM   721  C  CB  . ASP A 1 109 ? 8.831   9.105   11.781  1.00 49.09 ? 109 ASP A CB  1 
ATOM   722  C  CG  . ASP A 1 109 ? 7.399   8.884   12.192  1.00 49.26 ? 109 ASP A CG  1 
ATOM   723  O  OD1 . ASP A 1 109 ? 6.560   8.584   11.301  1.00 49.06 ? 109 ASP A OD1 1 
ATOM   724  O  OD2 . ASP A 1 109 ? 7.119   8.978   13.408  1.00 51.08 ? 109 ASP A OD2 1 
ATOM   725  N  N   . GLU A 1 110 ? 11.765  7.230   10.670  1.00 47.46 ? 110 GLU A N   1 
ATOM   726  C  CA  . GLU A 1 110 ? 12.922  7.259   9.786   1.00 47.84 ? 110 GLU A CA  1 
ATOM   727  C  C   . GLU A 1 110 ? 12.496  6.874   8.372   1.00 46.47 ? 110 GLU A C   1 
ATOM   728  O  O   . GLU A 1 110 ? 11.675  5.958   8.195   1.00 46.21 ? 110 GLU A O   1 
ATOM   729  C  CB  . GLU A 1 110 ? 14.001  6.268   10.234  1.00 47.47 ? 110 GLU A CB  1 
ATOM   730  C  CG  . GLU A 1 110 ? 14.732  6.590   11.524  1.00 50.07 ? 110 GLU A CG  1 
ATOM   731  C  CD  . GLU A 1 110 ? 15.787  5.524   11.843  1.00 50.93 ? 110 GLU A CD  1 
ATOM   732  O  OE1 . GLU A 1 110 ? 15.587  4.786   12.830  1.00 56.15 ? 110 GLU A OE1 1 
ATOM   733  O  OE2 . GLU A 1 110 ? 16.800  5.401   11.094  1.00 54.69 ? 110 GLU A OE2 1 
ATOM   734  N  N   . PRO A 1 111 ? 13.062  7.562   7.362   1.00 45.00 ? 111 PRO A N   1 
ATOM   735  C  CA  . PRO A 1 111 ? 12.931  7.153   5.973   1.00 43.53 ? 111 PRO A CA  1 
ATOM   736  C  C   . PRO A 1 111 ? 13.359  5.701   5.791   1.00 42.23 ? 111 PRO A C   1 
ATOM   737  O  O   . PRO A 1 111 ? 14.279  5.233   6.488   1.00 42.39 ? 111 PRO A O   1 
ATOM   738  C  CB  . PRO A 1 111 ? 13.938  8.047   5.241   1.00 44.05 ? 111 PRO A CB  1 
ATOM   739  C  CG  . PRO A 1 111 ? 14.132  9.240   6.100   1.00 44.91 ? 111 PRO A CG  1 
ATOM   740  C  CD  . PRO A 1 111 ? 13.848  8.806   7.519   1.00 45.51 ? 111 PRO A CD  1 
ATOM   741  N  N   . ILE A 1 112 ? 12.723  5.001   4.852   1.00 39.42 ? 112 ILE A N   1 
ATOM   742  C  CA  . ILE A 1 112 ? 13.125  3.633   4.524   1.00 36.94 ? 112 ILE A CA  1 
ATOM   743  C  C   . ILE A 1 112 ? 13.991  3.622   3.279   1.00 36.32 ? 112 ILE A C   1 
ATOM   744  O  O   . ILE A 1 112 ? 13.537  4.013   2.222   1.00 35.46 ? 112 ILE A O   1 
ATOM   745  C  CB  . ILE A 1 112 ? 11.890  2.668   4.303   1.00 36.80 ? 112 ILE A CB  1 
ATOM   746  C  CG1 . ILE A 1 112 ? 10.960  2.718   5.506   1.00 34.23 ? 112 ILE A CG1 1 
ATOM   747  C  CG2 . ILE A 1 112 ? 12.368  1.235   4.025   1.00 33.45 ? 112 ILE A CG2 1 
ATOM   748  C  CD1 . ILE A 1 112 ? 9.533   2.237   5.223   1.00 36.22 ? 112 ILE A CD1 1 
ATOM   749  N  N   . PRO A 1 113 ? 15.255  3.147   3.401   1.00 36.77 ? 113 PRO A N   1 
ATOM   750  C  CA  . PRO A 1 113 ? 16.174  3.065   2.268   1.00 36.18 ? 113 PRO A CA  1 
ATOM   751  C  C   . PRO A 1 113 ? 15.749  2.063   1.225   1.00 35.81 ? 113 PRO A C   1 
ATOM   752  O  O   . PRO A 1 113 ? 15.060  1.099   1.559   1.00 35.75 ? 113 PRO A O   1 
ATOM   753  C  CB  . PRO A 1 113 ? 17.496  2.611   2.915   1.00 36.77 ? 113 PRO A CB  1 
ATOM   754  C  CG  . PRO A 1 113 ? 17.377  3.045   4.318   1.00 38.27 ? 113 PRO A CG  1 
ATOM   755  C  CD  . PRO A 1 113 ? 15.928  2.751   4.652   1.00 36.69 ? 113 PRO A CD  1 
ATOM   756  N  N   . PRO A 1 114 ? 16.186  2.267   -0.031  1.00 35.25 ? 114 PRO A N   1 
ATOM   757  C  CA  . PRO A 1 114 ? 15.825  1.345   -1.081  1.00 35.90 ? 114 PRO A CA  1 
ATOM   758  C  C   . PRO A 1 114 ? 16.680  0.072   -1.031  1.00 36.78 ? 114 PRO A C   1 
ATOM   759  O  O   . PRO A 1 114 ? 17.363  -0.262  -1.991  1.00 36.82 ? 114 PRO A O   1 
ATOM   760  C  CB  . PRO A 1 114 ? 16.055  2.153   -2.375  1.00 35.84 ? 114 PRO A CB  1 
ATOM   761  C  CG  . PRO A 1 114 ? 16.987  3.290   -2.001  1.00 34.96 ? 114 PRO A CG  1 
ATOM   762  C  CD  . PRO A 1 114 ? 17.074  3.360   -0.507  1.00 35.77 ? 114 PRO A CD  1 
ATOM   763  N  N   . VAL A 1 115 ? 16.619  -0.637  0.089   1.00 37.15 ? 115 VAL A N   1 
ATOM   764  C  CA  . VAL A 1 115 ? 17.316  -1.919  0.184   1.00 38.66 ? 115 VAL A CA  1 
ATOM   765  C  C   . VAL A 1 115 ? 16.344  -3.031  -0.158  1.00 37.68 ? 115 VAL A C   1 
ATOM   766  O  O   . VAL A 1 115 ? 15.588  -3.462  0.702   1.00 38.20 ? 115 VAL A O   1 
ATOM   767  C  CB  . VAL A 1 115 ? 17.911  -2.178  1.595   1.00 37.76 ? 115 VAL A CB  1 
ATOM   768  C  CG1 . VAL A 1 115 ? 18.738  -3.465  1.574   1.00 40.68 ? 115 VAL A CG1 1 
ATOM   769  C  CG2 . VAL A 1 115 ? 18.772  -1.023  2.052   1.00 40.30 ? 115 VAL A CG2 1 
ATOM   770  N  N   . PHE A 1 116 ? 16.375  -3.481  -1.404  1.00 38.68 ? 116 PHE A N   1 
ATOM   771  C  CA  . PHE A 1 116 ? 15.419  -4.471  -1.900  1.00 40.17 ? 116 PHE A CA  1 
ATOM   772  C  C   . PHE A 1 116 ? 15.898  -5.897  -1.697  1.00 41.63 ? 116 PHE A C   1 
ATOM   773  O  O   . PHE A 1 116 ? 17.096  -6.156  -1.478  1.00 41.13 ? 116 PHE A O   1 
ATOM   774  C  CB  . PHE A 1 116 ? 15.074  -4.249  -3.379  1.00 40.44 ? 116 PHE A CB  1 
ATOM   775  C  CG  . PHE A 1 116 ? 14.511  -2.884  -3.674  1.00 41.16 ? 116 PHE A CG  1 
ATOM   776  C  CD1 . PHE A 1 116 ? 13.754  -2.204  -2.725  1.00 38.84 ? 116 PHE A CD1 1 
ATOM   777  C  CD2 . PHE A 1 116 ? 14.741  -2.279  -4.902  1.00 41.96 ? 116 PHE A CD2 1 
ATOM   778  C  CE1 . PHE A 1 116 ? 13.235  -0.941  -2.988  1.00 39.75 ? 116 PHE A CE1 1 
ATOM   779  C  CE2 . PHE A 1 116 ? 14.230  -1.013  -5.168  1.00 42.67 ? 116 PHE A CE2 1 
ATOM   780  C  CZ  . PHE A 1 116 ? 13.467  -0.348  -4.202  1.00 40.93 ? 116 PHE A CZ  1 
ATOM   781  N  N   . GLY A 1 117 ? 14.955  -6.826  -1.772  1.00 42.25 ? 117 GLY A N   1 
ATOM   782  C  CA  . GLY A 1 117 ? 15.274  -8.205  -1.516  1.00 44.33 ? 117 GLY A CA  1 
ATOM   783  C  C   . GLY A 1 117 ? 15.786  -8.847  -2.771  1.00 46.08 ? 117 GLY A C   1 
ATOM   784  O  O   . GLY A 1 117 ? 16.169  -8.163  -3.738  1.00 45.92 ? 117 GLY A O   1 
ATOM   785  N  N   . ASP A 1 118 ? 15.752  -10.174 -2.752  1.00 47.57 ? 118 ASP A N   1 
ATOM   786  C  CA  . ASP A 1 118 ? 16.329  -11.010 -3.793  1.00 48.86 ? 118 ASP A CA  1 
ATOM   787  C  C   . ASP A 1 118 ? 15.523  -11.044 -5.088  1.00 48.85 ? 118 ASP A C   1 
ATOM   788  O  O   . ASP A 1 118 ? 16.078  -11.376 -6.148  1.00 49.03 ? 118 ASP A O   1 
ATOM   789  C  CB  . ASP A 1 118 ? 16.563  -12.446 -3.263  1.00 50.24 ? 118 ASP A CB  1 
ATOM   790  C  CG  . ASP A 1 118 ? 15.660  -12.818 -2.066  1.00 54.18 ? 118 ASP A CG  1 
ATOM   791  O  OD1 . ASP A 1 118 ? 15.741  -13.989 -1.598  1.00 60.22 ? 118 ASP A OD1 1 
ATOM   792  O  OD2 . ASP A 1 118 ? 14.888  -11.960 -1.560  1.00 59.23 ? 118 ASP A OD2 1 
ATOM   793  N  N   . TYR A 1 119 ? 14.224  -10.713 -5.010  1.00 47.54 ? 119 TYR A N   1 
ATOM   794  C  CA  . TYR A 1 119 ? 13.356  -10.773 -6.190  1.00 46.89 ? 119 TYR A CA  1 
ATOM   795  C  C   . TYR A 1 119 ? 12.698  -9.448  -6.552  1.00 45.39 ? 119 TYR A C   1 
ATOM   796  O  O   . TYR A 1 119 ? 12.538  -8.564  -5.701  1.00 45.36 ? 119 TYR A O   1 
ATOM   797  C  CB  . TYR A 1 119 ? 12.265  -11.840 -6.027  1.00 47.90 ? 119 TYR A CB  1 
ATOM   798  C  CG  . TYR A 1 119 ? 12.802  -13.244 -5.938  1.00 49.35 ? 119 TYR A CG  1 
ATOM   799  C  CD1 . TYR A 1 119 ? 12.910  -14.040 -7.080  1.00 49.78 ? 119 TYR A CD1 1 
ATOM   800  C  CD2 . TYR A 1 119 ? 13.212  -13.781 -4.707  1.00 50.45 ? 119 TYR A CD2 1 
ATOM   801  C  CE1 . TYR A 1 119 ? 13.410  -15.345 -7.006  1.00 51.63 ? 119 TYR A CE1 1 
ATOM   802  C  CE2 . TYR A 1 119 ? 13.710  -15.086 -4.623  1.00 51.82 ? 119 TYR A CE2 1 
ATOM   803  C  CZ  . TYR A 1 119 ? 13.801  -15.854 -5.776  1.00 51.26 ? 119 TYR A CZ  1 
ATOM   804  O  OH  . TYR A 1 119 ? 14.292  -17.146 -5.702  1.00 54.06 ? 119 TYR A OH  1 
ATOM   805  N  N   . PHE A 1 120 ? 12.334  -9.355  -7.826  1.00 42.88 ? 120 PHE A N   1 
ATOM   806  C  CA  . PHE A 1 120 ? 11.625  -8.243  -8.396  1.00 41.72 ? 120 PHE A CA  1 
ATOM   807  C  C   . PHE A 1 120 ? 10.326  -8.770  -9.001  1.00 40.44 ? 120 PHE A C   1 
ATOM   808  O  O   . PHE A 1 120 ? 10.320  -9.831  -9.626  1.00 39.33 ? 120 PHE A O   1 
ATOM   809  C  CB  . PHE A 1 120 ? 12.519  -7.603  -9.459  1.00 43.01 ? 120 PHE A CB  1 
ATOM   810  C  CG  . PHE A 1 120 ? 11.794  -6.754  -10.456 1.00 43.06 ? 120 PHE A CG  1 
ATOM   811  C  CD1 . PHE A 1 120 ? 11.513  -5.433  -10.177 1.00 45.36 ? 120 PHE A CD1 1 
ATOM   812  C  CD2 . PHE A 1 120 ? 11.437  -7.271  -11.689 1.00 44.83 ? 120 PHE A CD2 1 
ATOM   813  C  CE1 . PHE A 1 120 ? 10.852  -4.642  -11.106 1.00 46.24 ? 120 PHE A CE1 1 
ATOM   814  C  CE2 . PHE A 1 120 ? 10.774  -6.493  -12.627 1.00 45.99 ? 120 PHE A CE2 1 
ATOM   815  C  CZ  . PHE A 1 120 ? 10.487  -5.182  -12.337 1.00 45.41 ? 120 PHE A CZ  1 
ATOM   816  N  N   . TYR A 1 121 ? 9.237   -8.024  -8.806  1.00 38.67 ? 121 TYR A N   1 
ATOM   817  C  CA  . TYR A 1 121 ? 7.928   -8.356  -9.383  1.00 37.89 ? 121 TYR A CA  1 
ATOM   818  C  C   . TYR A 1 121 ? 7.538   -7.289  -10.401 1.00 37.13 ? 121 TYR A C   1 
ATOM   819  O  O   . TYR A 1 121 ? 7.505   -6.107  -10.074 1.00 37.23 ? 121 TYR A O   1 
ATOM   820  C  CB  . TYR A 1 121 ? 6.847   -8.500  -8.282  1.00 36.82 ? 121 TYR A CB  1 
ATOM   821  C  CG  . TYR A 1 121 ? 7.171   -9.610  -7.315  1.00 36.98 ? 121 TYR A CG  1 
ATOM   822  C  CD1 . TYR A 1 121 ? 6.612   -10.887 -7.463  1.00 37.86 ? 121 TYR A CD1 1 
ATOM   823  C  CD2 . TYR A 1 121 ? 8.083   -9.418  -6.289  1.00 37.49 ? 121 TYR A CD2 1 
ATOM   824  C  CE1 . TYR A 1 121 ? 6.960   -11.931 -6.593  1.00 36.04 ? 121 TYR A CE1 1 
ATOM   825  C  CE2 . TYR A 1 121 ? 8.436   -10.460 -5.418  1.00 37.08 ? 121 TYR A CE2 1 
ATOM   826  C  CZ  . TYR A 1 121 ? 7.862   -11.706 -5.586  1.00 36.87 ? 121 TYR A CZ  1 
ATOM   827  O  OH  . TYR A 1 121 ? 8.211   -12.706 -4.718  1.00 37.88 ? 121 TYR A OH  1 
ATOM   828  N  N   . PRO A 1 122 ? 7.256   -7.698  -11.644 1.00 36.91 ? 122 PRO A N   1 
ATOM   829  C  CA  . PRO A 1 122 ? 6.846   -6.731  -12.685 1.00 36.11 ? 122 PRO A CA  1 
ATOM   830  C  C   . PRO A 1 122 ? 5.577   -5.984  -12.275 1.00 35.89 ? 122 PRO A C   1 
ATOM   831  O  O   . PRO A 1 122 ? 4.832   -6.464  -11.385 1.00 33.69 ? 122 PRO A O   1 
ATOM   832  C  CB  . PRO A 1 122 ? 6.607   -7.595  -13.926 1.00 37.05 ? 122 PRO A CB  1 
ATOM   833  C  CG  . PRO A 1 122 ? 7.319   -8.935  -13.634 1.00 37.91 ? 122 PRO A CG  1 
ATOM   834  C  CD  . PRO A 1 122 ? 7.311   -9.090  -12.132 1.00 37.43 ? 122 PRO A CD  1 
ATOM   835  N  N   . HIS A 1 123 ? 5.367   -4.804  -12.878 1.00 34.67 ? 123 HIS A N   1 
ATOM   836  C  CA  . HIS A 1 123 ? 4.324   -3.856  -12.441 1.00 33.79 ? 123 HIS A CA  1 
ATOM   837  C  C   . HIS A 1 123 ? 3.315   -3.678  -13.582 1.00 33.88 ? 123 HIS A C   1 
ATOM   838  O  O   . HIS A 1 123 ? 3.003   -2.554  -14.007 1.00 34.24 ? 123 HIS A O   1 
ATOM   839  C  CB  . HIS A 1 123 ? 4.983   -2.507  -12.044 1.00 33.31 ? 123 HIS A CB  1 
ATOM   840  C  CG  . HIS A 1 123 ? 4.251   -1.717  -10.990 1.00 30.89 ? 123 HIS A CG  1 
ATOM   841  N  ND1 . HIS A 1 123 ? 2.911   -1.897  -10.696 1.00 31.05 ? 123 HIS A ND1 1 
ATOM   842  C  CD2 . HIS A 1 123 ? 4.669   -0.687  -10.211 1.00 27.37 ? 123 HIS A CD2 1 
ATOM   843  C  CE1 . HIS A 1 123 ? 2.548   -1.037  -9.758  1.00 28.90 ? 123 HIS A CE1 1 
ATOM   844  N  NE2 . HIS A 1 123 ? 3.598   -0.297  -9.443  1.00 33.59 ? 123 HIS A NE2 1 
ATOM   845  N  N   . GLU A 1 124 ? 2.802   -4.798  -14.069 1.00 33.60 ? 124 GLU A N   1 
ATOM   846  C  CA  . GLU A 1 124 ? 1.995   -4.824  -15.285 1.00 34.10 ? 124 GLU A CA  1 
ATOM   847  C  C   . GLU A 1 124 ? 0.523   -5.247  -15.125 1.00 33.73 ? 124 GLU A C   1 
ATOM   848  O  O   . GLU A 1 124 ? -0.247  -5.200  -16.084 1.00 33.66 ? 124 GLU A O   1 
ATOM   849  C  CB  . GLU A 1 124 ? 2.667   -5.771  -16.278 1.00 35.63 ? 124 GLU A CB  1 
ATOM   850  C  CG  . GLU A 1 124 ? 4.175   -5.604  -16.351 1.00 39.24 ? 124 GLU A CG  1 
ATOM   851  C  CD  . GLU A 1 124 ? 4.786   -6.325  -17.534 1.00 45.28 ? 124 GLU A CD  1 
ATOM   852  O  OE1 . GLU A 1 124 ? 4.554   -7.549  -17.684 1.00 46.55 ? 124 GLU A OE1 1 
ATOM   853  O  OE2 . GLU A 1 124 ? 5.480   -5.638  -18.313 1.00 49.04 ? 124 GLU A OE2 1 
ATOM   854  N  N   . SER A 1 125 ? 0.144   -5.664  -13.920 1.00 32.34 ? 125 SER A N   1 
ATOM   855  C  CA  . SER A 1 125 ? -1.132  -6.301  -13.672 1.00 32.28 ? 125 SER A CA  1 
ATOM   856  C  C   . SER A 1 125 ? -1.984  -5.518  -12.706 1.00 30.37 ? 125 SER A C   1 
ATOM   857  O  O   . SER A 1 125 ? -1.479  -4.737  -11.873 1.00 29.13 ? 125 SER A O   1 
ATOM   858  C  CB  . SER A 1 125 ? -0.925  -7.691  -13.057 1.00 31.70 ? 125 SER A CB  1 
ATOM   859  O  OG  . SER A 1 125 ? -0.082  -8.441  -13.861 1.00 37.72 ? 125 SER A OG  1 
ATOM   860  N  N   . LYS A 1 126 ? -3.286  -5.771  -12.827 1.00 28.87 ? 126 LYS A N   1 
ATOM   861  C  CA  . LYS A 1 126 ? -4.312  -5.232  -11.929 1.00 26.93 ? 126 LYS A CA  1 
ATOM   862  C  C   . LYS A 1 126 ? -4.110  -5.749  -10.513 1.00 26.11 ? 126 LYS A C   1 
ATOM   863  O  O   . LYS A 1 126 ? -3.701  -6.897  -10.317 1.00 25.84 ? 126 LYS A O   1 
ATOM   864  C  CB  . LYS A 1 126 ? -5.680  -5.710  -12.426 1.00 27.01 ? 126 LYS A CB  1 
ATOM   865  C  CG  . LYS A 1 126 ? -6.888  -5.208  -11.647 1.00 24.39 ? 126 LYS A CG  1 
ATOM   866  C  CD  . LYS A 1 126 ? -8.110  -5.726  -12.384 1.00 28.09 ? 126 LYS A CD  1 
ATOM   867  C  CE  . LYS A 1 126 ? -9.383  -5.067  -11.967 1.00 29.36 ? 126 LYS A CE  1 
ATOM   868  N  NZ  . LYS A 1 126 ? -10.405 -5.511  -12.975 1.00 27.07 ? 126 LYS A NZ  1 
ATOM   869  N  N   . GLY A 1 127 ? -4.439  -4.920  -9.525  1.00 25.23 ? 127 GLY A N   1 
ATOM   870  C  CA  . GLY A 1 127 ? -4.393  -5.348  -8.132  1.00 23.49 ? 127 GLY A CA  1 
ATOM   871  C  C   . GLY A 1 127 ? -3.017  -5.625  -7.581  1.00 22.84 ? 127 GLY A C   1 
ATOM   872  O  O   . GLY A 1 127 ? -2.882  -6.405  -6.646  1.00 22.83 ? 127 GLY A O   1 
ATOM   873  N  N   . LEU A 1 128 ? -1.986  -4.979  -8.127  1.00 22.30 ? 128 LEU A N   1 
ATOM   874  C  CA  . LEU A 1 128 ? -0.658  -5.019  -7.512  1.00 22.02 ? 128 LEU A CA  1 
ATOM   875  C  C   . LEU A 1 128 ? -0.496  -3.895  -6.548  1.00 22.41 ? 128 LEU A C   1 
ATOM   876  O  O   . LEU A 1 128 ? -0.905  -2.760  -6.861  1.00 21.77 ? 128 LEU A O   1 
ATOM   877  C  CB  . LEU A 1 128 ? 0.431   -4.938  -8.587  1.00 22.65 ? 128 LEU A CB  1 
ATOM   878  C  CG  . LEU A 1 128 ? 0.488   -6.102  -9.569  1.00 21.82 ? 128 LEU A CG  1 
ATOM   879  C  CD1 . LEU A 1 128 ? 1.649   -5.866  -10.506 1.00 24.28 ? 128 LEU A CD1 1 
ATOM   880  C  CD2 . LEU A 1 128 ? 0.713   -7.429  -8.825  1.00 24.24 ? 128 LEU A CD2 1 
ATOM   881  N  N   . LEU A 1 129 ? 0.071   -4.206  -5.374  1.00 22.90 ? 129 LEU A N   1 
ATOM   882  C  CA  . LEU A 1 129 ? 0.408   -3.243  -4.335  1.00 23.45 ? 129 LEU A CA  1 
ATOM   883  C  C   . LEU A 1 129 ? 1.876   -2.820  -4.476  1.00 24.21 ? 129 LEU A C   1 
ATOM   884  O  O   . LEU A 1 129 ? 2.747   -3.684  -4.640  1.00 23.38 ? 129 LEU A O   1 
ATOM   885  C  CB  . LEU A 1 129 ? 0.266   -3.876  -2.930  1.00 24.00 ? 129 LEU A CB  1 
ATOM   886  C  CG  . LEU A 1 129 ? 0.754   -3.031  -1.736  1.00 24.45 ? 129 LEU A CG  1 
ATOM   887  C  CD1 . LEU A 1 129 ? -0.207  -1.860  -1.502  1.00 22.44 ? 129 LEU A CD1 1 
ATOM   888  C  CD2 . LEU A 1 129 ? 0.919   -3.884  -0.473  1.00 22.94 ? 129 LEU A CD2 1 
ATOM   889  N  N   . SER A 1 130 ? 2.144   -1.521  -4.343  1.00 23.55 ? 130 SER A N   1 
ATOM   890  C  CA  . SER A 1 130 ? 3.516   -1.021  -4.492  1.00 24.37 ? 130 SER A CA  1 
ATOM   891  C  C   . SER A 1 130 ? 3.764   0.137   -3.545  1.00 24.60 ? 130 SER A C   1 
ATOM   892  O  O   . SER A 1 130 ? 2.810   0.698   -2.987  1.00 24.72 ? 130 SER A O   1 
ATOM   893  C  CB  . SER A 1 130 ? 3.817   -0.691  -5.963  1.00 23.30 ? 130 SER A CB  1 
ATOM   894  O  OG  . SER A 1 130 ? 2.954   0.324   -6.499  1.00 26.17 ? 130 SER A OG  1 
ATOM   895  N  N   . LEU A 1 131 ? 5.033   0.454   -3.292  1.00 24.36 ? 131 LEU A N   1 
ATOM   896  C  CA  . LEU A 1 131 ? 5.351   1.593   -2.425  1.00 24.91 ? 131 LEU A CA  1 
ATOM   897  C  C   . LEU A 1 131 ? 5.797   2.777   -3.294  1.00 24.81 ? 131 LEU A C   1 
ATOM   898  O  O   . LEU A 1 131 ? 6.522   2.608   -4.247  1.00 24.10 ? 131 LEU A O   1 
ATOM   899  C  CB  . LEU A 1 131 ? 6.420   1.250   -1.375  1.00 25.01 ? 131 LEU A CB  1 
ATOM   900  C  CG  . LEU A 1 131 ? 6.024   0.172   -0.371  1.00 25.66 ? 131 LEU A CG  1 
ATOM   901  C  CD1 . LEU A 1 131 ? 7.204   -0.165  0.575   1.00 24.24 ? 131 LEU A CD1 1 
ATOM   902  C  CD2 . LEU A 1 131 ? 4.749   0.544   0.432   1.00 24.58 ? 131 LEU A CD2 1 
ATOM   903  N  N   . VAL A 1 132 ? 5.330   3.969   -2.948  1.00 25.97 ? 132 VAL A N   1 
ATOM   904  C  CA  . VAL A 1 132 ? 5.599   5.146   -3.771  1.00 25.83 ? 132 VAL A CA  1 
ATOM   905  C  C   . VAL A 1 132 ? 6.891   5.829   -3.265  1.00 25.99 ? 132 VAL A C   1 
ATOM   906  O  O   . VAL A 1 132 ? 6.990   6.170   -2.078  1.00 26.49 ? 132 VAL A O   1 
ATOM   907  C  CB  . VAL A 1 132 ? 4.381   6.104   -3.753  1.00 26.33 ? 132 VAL A CB  1 
ATOM   908  C  CG1 . VAL A 1 132 ? 4.657   7.395   -4.579  1.00 26.63 ? 132 VAL A CG1 1 
ATOM   909  C  CG2 . VAL A 1 132 ? 3.113   5.371   -4.279  1.00 23.28 ? 132 VAL A CG2 1 
ATOM   910  N  N   . PRO A 1 133 ? 7.885   5.996   -4.155  1.00 26.91 ? 133 PRO A N   1 
ATOM   911  C  CA  . PRO A 1 133 ? 9.140   6.611   -3.726  1.00 28.12 ? 133 PRO A CA  1 
ATOM   912  C  C   . PRO A 1 133 ? 8.991   8.139   -3.486  1.00 29.47 ? 133 PRO A C   1 
ATOM   913  O  O   . PRO A 1 133 ? 8.026   8.771   -3.941  1.00 27.71 ? 133 PRO A O   1 
ATOM   914  C  CB  . PRO A 1 133 ? 10.086  6.346   -4.901  1.00 27.35 ? 133 PRO A CB  1 
ATOM   915  C  CG  . PRO A 1 133 ? 9.196   6.217   -6.081  1.00 28.34 ? 133 PRO A CG  1 
ATOM   916  C  CD  . PRO A 1 133 ? 7.891   5.652   -5.591  1.00 25.49 ? 133 PRO A CD  1 
ATOM   917  N  N   . TYR A 1 134 ? 9.914   8.691   -2.714  1.00 30.66 ? 134 TYR A N   1 
ATOM   918  C  CA  . TYR A 1 134 ? 10.151  10.145  -2.713  1.00 32.88 ? 134 TYR A CA  1 
ATOM   919  C  C   . TYR A 1 134 ? 11.675  10.424  -2.726  1.00 33.71 ? 134 TYR A C   1 
ATOM   920  O  O   . TYR A 1 134 ? 12.478  9.498   -2.561  1.00 32.19 ? 134 TYR A O   1 
ATOM   921  C  CB  . TYR A 1 134 ? 9.454   10.831  -1.540  1.00 32.78 ? 134 TYR A CB  1 
ATOM   922  C  CG  . TYR A 1 134 ? 10.098  10.614  -0.197  1.00 35.03 ? 134 TYR A CG  1 
ATOM   923  C  CD1 . TYR A 1 134 ? 11.060  11.518  0.285   1.00 37.30 ? 134 TYR A CD1 1 
ATOM   924  C  CD2 . TYR A 1 134 ? 9.733   9.543   0.618   1.00 36.17 ? 134 TYR A CD2 1 
ATOM   925  C  CE1 . TYR A 1 134 ? 11.638  11.364  1.522   1.00 36.67 ? 134 TYR A CE1 1 
ATOM   926  C  CE2 . TYR A 1 134 ? 10.295  9.380   1.871   1.00 35.26 ? 134 TYR A CE2 1 
ATOM   927  C  CZ  . TYR A 1 134 ? 11.256  10.292  2.313   1.00 37.12 ? 134 TYR A CZ  1 
ATOM   928  O  OH  . TYR A 1 134 ? 11.829  10.141  3.536   1.00 34.59 ? 134 TYR A OH  1 
ATOM   929  N  N   . THR A 1 135 ? 12.042  11.685  -2.979  1.00 34.94 ? 135 THR A N   1 
ATOM   930  C  CA  . THR A 1 135 ? 13.448  12.111  -3.107  1.00 34.66 ? 135 THR A CA  1 
ATOM   931  C  C   . THR A 1 135 ? 13.720  13.157  -2.039  1.00 34.23 ? 135 THR A C   1 
ATOM   932  O  O   . THR A 1 135 ? 12.895  14.057  -1.793  1.00 33.82 ? 135 THR A O   1 
ATOM   933  C  CB  . THR A 1 135 ? 13.735  12.641  -4.519  1.00 35.74 ? 135 THR A CB  1 
ATOM   934  O  OG1 . THR A 1 135 ? 13.473  11.611  -5.474  1.00 39.19 ? 135 THR A OG1 1 
ATOM   935  C  CG2 . THR A 1 135 ? 15.190  13.030  -4.682  1.00 35.02 ? 135 THR A CG2 1 
ATOM   936  N  N   . ASP A 1 136 ? 14.857  13.027  -1.359  1.00 33.02 ? 136 ASP A N   1 
ATOM   937  C  CA  . ASP A 1 136 ? 15.177  13.950  -0.293  1.00 32.32 ? 136 ASP A CA  1 
ATOM   938  C  C   . ASP A 1 136 ? 15.963  15.137  -0.867  1.00 31.97 ? 136 ASP A C   1 
ATOM   939  O  O   . ASP A 1 136 ? 16.177  15.201  -2.072  1.00 29.94 ? 136 ASP A O   1 
ATOM   940  C  CB  . ASP A 1 136 ? 15.921  13.243  0.851   1.00 32.79 ? 136 ASP A CB  1 
ATOM   941  C  CG  . ASP A 1 136 ? 17.364  12.866  0.496   1.00 33.37 ? 136 ASP A CG  1 
ATOM   942  O  OD1 . ASP A 1 136 ? 17.823  13.038  -0.668  1.00 32.24 ? 136 ASP A OD1 1 
ATOM   943  O  OD2 . ASP A 1 136 ? 18.046  12.382  1.422   1.00 36.81 ? 136 ASP A OD2 1 
ATOM   944  N  N   . GLU A 1 137 ? 16.407  16.039  0.003   1.00 32.93 ? 137 GLU A N   1 
ATOM   945  C  CA  . GLU A 1 137 ? 17.149  17.232  -0.425  1.00 35.19 ? 137 GLU A CA  1 
ATOM   946  C  C   . GLU A 1 137 ? 18.453  16.963  -1.213  1.00 34.54 ? 137 GLU A C   1 
ATOM   947  O  O   . GLU A 1 137 ? 18.953  17.856  -1.889  1.00 32.85 ? 137 GLU A O   1 
ATOM   948  C  CB  . GLU A 1 137 ? 17.340  18.228  0.731   1.00 34.60 ? 137 GLU A CB  1 
ATOM   949  C  CG  . GLU A 1 137 ? 18.110  17.719  1.919   1.00 37.61 ? 137 GLU A CG  1 
ATOM   950  C  CD  . GLU A 1 137 ? 18.536  18.826  2.894   1.00 39.46 ? 137 GLU A CD  1 
ATOM   951  O  OE1 . GLU A 1 137 ? 17.719  19.742  3.214   1.00 43.63 ? 137 GLU A OE1 1 
ATOM   952  O  OE2 . GLU A 1 137 ? 19.698  18.756  3.377   1.00 43.70 ? 137 GLU A OE2 1 
ATOM   953  N  N   . SER A 1 138 ? 18.975  15.727  -1.127  1.00 35.38 ? 138 SER A N   1 
ATOM   954  C  CA  . SER A 1 138 ? 20.245  15.357  -1.784  1.00 35.97 ? 138 SER A CA  1 
ATOM   955  C  C   . SER A 1 138 ? 19.998  14.557  -3.049  1.00 36.16 ? 138 SER A C   1 
ATOM   956  O  O   . SER A 1 138 ? 20.929  14.191  -3.761  1.00 36.19 ? 138 SER A O   1 
ATOM   957  C  CB  . SER A 1 138 ? 21.165  14.586  -0.841  1.00 35.91 ? 138 SER A CB  1 
ATOM   958  O  OG  . SER A 1 138 ? 21.372  15.319  0.362   1.00 38.05 ? 138 SER A OG  1 
ATOM   959  N  N   . GLY A 1 139 ? 18.728  14.328  -3.362  1.00 35.96 ? 139 GLY A N   1 
ATOM   960  C  CA  . GLY A 1 139 ? 18.385  13.570  -4.546  1.00 35.78 ? 139 GLY A CA  1 
ATOM   961  C  C   . GLY A 1 139 ? 18.353  12.074  -4.254  1.00 36.46 ? 139 GLY A C   1 
ATOM   962  O  O   . GLY A 1 139 ? 18.292  11.270  -5.178  1.00 37.39 ? 139 GLY A O   1 
ATOM   963  N  N   . ASN A 1 140 ? 18.411  11.691  -2.981  1.00 35.87 ? 140 ASN A N   1 
ATOM   964  C  CA  . ASN A 1 140 ? 18.389  10.268  -2.630  1.00 36.04 ? 140 ASN A CA  1 
ATOM   965  C  C   . ASN A 1 140 ? 16.930  9.766   -2.490  1.00 36.15 ? 140 ASN A C   1 
ATOM   966  O  O   . ASN A 1 140 ? 16.098  10.445  -1.910  1.00 34.87 ? 140 ASN A O   1 
ATOM   967  C  CB  . ASN A 1 140 ? 19.147  9.988   -1.319  1.00 35.91 ? 140 ASN A CB  1 
ATOM   968  C  CG  . ASN A 1 140 ? 20.647  10.401  -1.361  1.00 37.48 ? 140 ASN A CG  1 
ATOM   969  O  OD1 . ASN A 1 140 ? 21.318  10.321  -2.392  1.00 37.75 ? 140 ASN A OD1 1 
ATOM   970  N  ND2 . ASN A 1 140 ? 21.160  10.807  -0.210  1.00 36.93 ? 140 ASN A ND2 1 
ATOM   971  N  N   . ARG A 1 141 ? 16.686  8.552   -2.981  1.00 36.56 ? 141 ARG A N   1 
ATOM   972  C  CA  . ARG A 1 141 ? 15.390  7.860   -2.947  1.00 37.73 ? 141 ARG A CA  1 
ATOM   973  C  C   . ARG A 1 141 ? 15.079  7.184   -1.606  1.00 36.61 ? 141 ARG A C   1 
ATOM   974  O  O   . ARG A 1 141 ? 15.924  6.489   -1.040  1.00 36.42 ? 141 ARG A O   1 
ATOM   975  C  CB  . ARG A 1 141 ? 15.384  6.843   -4.105  1.00 37.78 ? 141 ARG A CB  1 
ATOM   976  C  CG  . ARG A 1 141 ? 14.175  5.899   -4.201  1.00 39.81 ? 141 ARG A CG  1 
ATOM   977  C  CD  . ARG A 1 141 ? 14.138  5.192   -5.546  1.00 41.65 ? 141 ARG A CD  1 
ATOM   978  N  NE  . ARG A 1 141 ? 14.837  3.889   -5.582  1.00 50.64 ? 141 ARG A NE  1 
ATOM   979  C  CZ  . ARG A 1 141 ? 15.982  3.636   -6.239  1.00 54.26 ? 141 ARG A CZ  1 
ATOM   980  N  NH1 . ARG A 1 141 ? 16.603  4.582   -6.946  1.00 55.45 ? 141 ARG A NH1 1 
ATOM   981  N  NH2 . ARG A 1 141 ? 16.513  2.415   -6.204  1.00 55.11 ? 141 ARG A NH2 1 
ATOM   982  N  N   . TYR A 1 142 ? 13.864  7.392   -1.102  1.00 36.01 ? 142 TYR A N   1 
ATOM   983  C  CA  . TYR A 1 142 ? 13.378  6.745   0.120   1.00 35.70 ? 142 TYR A CA  1 
ATOM   984  C  C   . TYR A 1 142 ? 11.904  6.352   -0.035  1.00 34.25 ? 142 TYR A C   1 
ATOM   985  O  O   . TYR A 1 142 ? 11.246  6.790   -0.954  1.00 33.36 ? 142 TYR A O   1 
ATOM   986  C  CB  . TYR A 1 142 ? 13.544  7.629   1.367   1.00 36.53 ? 142 TYR A CB  1 
ATOM   987  C  CG  . TYR A 1 142 ? 14.993  7.826   1.812   1.00 40.09 ? 142 TYR A CG  1 
ATOM   988  C  CD1 . TYR A 1 142 ? 15.681  6.833   2.556   1.00 39.57 ? 142 TYR A CD1 1 
ATOM   989  C  CD2 . TYR A 1 142 ? 15.691  8.994   1.467   1.00 39.36 ? 142 TYR A CD2 1 
ATOM   990  C  CE1 . TYR A 1 142 ? 17.032  7.020   2.949   1.00 40.04 ? 142 TYR A CE1 1 
ATOM   991  C  CE2 . TYR A 1 142 ? 17.055  9.182   1.852   1.00 40.93 ? 142 TYR A CE2 1 
ATOM   992  C  CZ  . TYR A 1 142 ? 17.702  8.197   2.581   1.00 40.78 ? 142 TYR A CZ  1 
ATOM   993  O  OH  . TYR A 1 142 ? 19.014  8.408   2.955   1.00 44.17 ? 142 TYR A OH  1 
ATOM   994  N  N   . TYR A 1 143 ? 11.414  5.542   0.898   1.00 32.76 ? 143 TYR A N   1 
ATOM   995  C  CA  . TYR A 1 143 ? 10.037  5.098   0.918   1.00 31.83 ? 143 TYR A CA  1 
ATOM   996  C  C   . TYR A 1 143 ? 9.462   5.363   2.275   1.00 31.63 ? 143 TYR A C   1 
ATOM   997  O  O   . TYR A 1 143 ? 10.189  5.603   3.259   1.00 32.42 ? 143 TYR A O   1 
ATOM   998  C  CB  . TYR A 1 143 ? 9.927   3.618   0.546   1.00 29.60 ? 143 TYR A CB  1 
ATOM   999  C  CG  . TYR A 1 143 ? 10.389  3.344   -0.850  1.00 29.56 ? 143 TYR A CG  1 
ATOM   1000 C  CD1 . TYR A 1 143 ? 9.487   3.319   -1.909  1.00 23.10 ? 143 TYR A CD1 1 
ATOM   1001 C  CD2 . TYR A 1 143 ? 11.727  3.119   -1.128  1.00 24.87 ? 143 TYR A CD2 1 
ATOM   1002 C  CE1 . TYR A 1 143 ? 9.906   3.079   -3.183  1.00 25.69 ? 143 TYR A CE1 1 
ATOM   1003 C  CE2 . TYR A 1 143 ? 12.157  2.892   -2.402  1.00 26.95 ? 143 TYR A CE2 1 
ATOM   1004 C  CZ  . TYR A 1 143 ? 11.249  2.883   -3.433  1.00 27.73 ? 143 TYR A CZ  1 
ATOM   1005 O  OH  . TYR A 1 143 ? 11.660  2.617   -4.718  1.00 29.45 ? 143 TYR A OH  1 
ATOM   1006 N  N   . ASP A 1 144 ? 8.140   5.356   2.326   1.00 31.55 ? 144 ASP A N   1 
ATOM   1007 C  CA  . ASP A 1 144 ? 7.435   5.511   3.575   1.00 32.16 ? 144 ASP A CA  1 
ATOM   1008 C  C   . ASP A 1 144 ? 6.129   4.667   3.529   1.00 31.74 ? 144 ASP A C   1 
ATOM   1009 O  O   . ASP A 1 144 ? 6.052   3.652   2.806   1.00 31.11 ? 144 ASP A O   1 
ATOM   1010 C  CB  . ASP A 1 144 ? 7.245   7.026   3.928   1.00 33.10 ? 144 ASP A CB  1 
ATOM   1011 C  CG  . ASP A 1 144 ? 6.539   7.836   2.828   1.00 35.16 ? 144 ASP A CG  1 
ATOM   1012 O  OD1 . ASP A 1 144 ? 5.823   7.229   1.971   1.00 31.40 ? 144 ASP A OD1 1 
ATOM   1013 O  OD2 . ASP A 1 144 ? 6.690   9.105   2.828   1.00 34.12 ? 144 ASP A OD2 1 
ATOM   1014 N  N   . SER A 1 145 ? 5.141   5.086   4.307   1.00 31.11 ? 145 SER A N   1 
ATOM   1015 C  CA  . SER A 1 145 ? 3.812   4.473   4.354   1.00 31.06 ? 145 SER A CA  1 
ATOM   1016 C  C   . SER A 1 145 ? 2.954   4.626   3.077   1.00 29.40 ? 145 SER A C   1 
ATOM   1017 O  O   . SER A 1 145 ? 1.897   3.980   2.968   1.00 29.43 ? 145 SER A O   1 
ATOM   1018 C  CB  . SER A 1 145 ? 3.058   5.073   5.537   1.00 30.74 ? 145 SER A CB  1 
ATOM   1019 O  OG  . SER A 1 145 ? 2.988   6.495   5.413   1.00 33.47 ? 145 SER A OG  1 
ATOM   1020 N  N   . THR A 1 146 ? 3.380   5.504   2.161   1.00 28.12 ? 146 THR A N   1 
ATOM   1021 C  CA  . THR A 1 146 ? 2.688   5.786   0.898   1.00 27.87 ? 146 THR A CA  1 
ATOM   1022 C  C   . THR A 1 146 ? 2.690   4.603   -0.077  1.00 26.32 ? 146 THR A C   1 
ATOM   1023 O  O   . THR A 1 146 ? 3.737   4.104   -0.473  1.00 25.23 ? 146 THR A O   1 
ATOM   1024 C  CB  . THR A 1 146 ? 3.297   7.019   0.153   1.00 28.73 ? 146 THR A CB  1 
ATOM   1025 O  OG1 . THR A 1 146 ? 3.453   8.103   1.089   1.00 31.09 ? 146 THR A OG1 1 
ATOM   1026 C  CG2 . THR A 1 146 ? 2.359   7.467   -1.009  1.00 27.79 ? 146 THR A CG2 1 
ATOM   1027 N  N   . PHE A 1 147 ? 1.496   4.165   -0.466  1.00 24.90 ? 147 PHE A N   1 
ATOM   1028 C  CA  . PHE A 1 147 ? 1.390   2.946   -1.242  1.00 24.02 ? 147 PHE A CA  1 
ATOM   1029 C  C   . PHE A 1 147 ? 0.372   3.116   -2.367  1.00 23.40 ? 147 PHE A C   1 
ATOM   1030 O  O   . PHE A 1 147 ? -0.536  3.924   -2.274  1.00 23.79 ? 147 PHE A O   1 
ATOM   1031 C  CB  . PHE A 1 147 ? 1.037   1.753   -0.311  1.00 22.74 ? 147 PHE A CB  1 
ATOM   1032 C  CG  . PHE A 1 147 ? -0.405  1.749   0.169   1.00 22.58 ? 147 PHE A CG  1 
ATOM   1033 C  CD1 . PHE A 1 147 ? -1.419  1.247   -0.647  1.00 24.64 ? 147 PHE A CD1 1 
ATOM   1034 C  CD2 . PHE A 1 147 ? -0.738  2.237   1.420   1.00 21.12 ? 147 PHE A CD2 1 
ATOM   1035 C  CE1 . PHE A 1 147 ? -2.721  1.224   -0.218  1.00 24.81 ? 147 PHE A CE1 1 
ATOM   1036 C  CE2 . PHE A 1 147 ? -2.058  2.222   1.875   1.00 21.02 ? 147 PHE A CE2 1 
ATOM   1037 C  CZ  . PHE A 1 147 ? -3.036  1.716   1.053   1.00 22.93 ? 147 PHE A CZ  1 
ATOM   1038 N  N   . MET A 1 148 ? 0.527   2.325   -3.416  1.00 23.36 ? 148 MET A N   1 
ATOM   1039 C  CA  . MET A 1 148 ? -0.303  2.390   -4.586  1.00 23.09 ? 148 MET A CA  1 
ATOM   1040 C  C   . MET A 1 148 ? -0.888  1.003   -4.870  1.00 23.07 ? 148 MET A C   1 
ATOM   1041 O  O   . MET A 1 148 ? -0.206  0.005   -4.700  1.00 21.57 ? 148 MET A O   1 
ATOM   1042 C  CB  . MET A 1 148 ? 0.589   2.784   -5.759  1.00 22.75 ? 148 MET A CB  1 
ATOM   1043 C  CG  . MET A 1 148 ? -0.136  2.929   -7.093  1.00 23.02 ? 148 MET A CG  1 
ATOM   1044 S  SD  . MET A 1 148 ? 0.958   3.246   -8.485  1.00 26.67 ? 148 MET A SD  1 
ATOM   1045 C  CE  . MET A 1 148 ? 1.339   5.001   -8.161  1.00 28.07 ? 148 MET A CE  1 
ATOM   1046 N  N   . ILE A 1 149 ? -2.138  0.971   -5.349  1.00 22.88 ? 149 ILE A N   1 
ATOM   1047 C  CA  . ILE A 1 149 ? -2.737  -0.259  -5.907  1.00 21.99 ? 149 ILE A CA  1 
ATOM   1048 C  C   . ILE A 1 149 ? -3.213  0.018   -7.312  1.00 22.36 ? 149 ILE A C   1 
ATOM   1049 O  O   . ILE A 1 149 ? -3.930  1.023   -7.568  1.00 21.53 ? 149 ILE A O   1 
ATOM   1050 C  CB  . ILE A 1 149 ? -3.920  -0.789  -4.998  1.00 21.21 ? 149 ILE A CB  1 
ATOM   1051 C  CG1 . ILE A 1 149 ? -3.425  -1.056  -3.569  1.00 21.09 ? 149 ILE A CG1 1 
ATOM   1052 C  CG2 . ILE A 1 149 ? -4.577  -2.032  -5.609  1.00 20.88 ? 149 ILE A CG2 1 
ATOM   1053 C  CD1 . ILE A 1 149 ? -4.515  -1.496  -2.615  1.00 20.75 ? 149 ILE A CD1 1 
ATOM   1054 N  N   . THR A 1 150 ? -2.853  -0.868  -8.239  1.00 23.09 ? 150 THR A N   1 
ATOM   1055 C  CA  . THR A 1 150 ? -3.269  -0.703  -9.632  1.00 22.96 ? 150 THR A CA  1 
ATOM   1056 C  C   . THR A 1 150 ? -4.719  -1.140  -9.835  1.00 23.46 ? 150 THR A C   1 
ATOM   1057 O  O   . THR A 1 150 ? -5.156  -2.189  -9.289  1.00 23.03 ? 150 THR A O   1 
ATOM   1058 C  CB  . THR A 1 150 ? -2.371  -1.491  -10.637 1.00 23.59 ? 150 THR A CB  1 
ATOM   1059 O  OG1 . THR A 1 150 ? -2.196  -2.844  -10.167 1.00 25.04 ? 150 THR A OG1 1 
ATOM   1060 C  CG2 . THR A 1 150 ? -0.996  -0.837  -10.787 1.00 23.71 ? 150 THR A CG2 1 
ATOM   1061 N  N   . LEU A 1 151 ? -5.440  -0.393  -10.692 1.00 23.87 ? 151 LEU A N   1 
ATOM   1062 C  CA  . LEU A 1 151 ? -6.864  -0.651  -10.984 1.00 24.61 ? 151 LEU A CA  1 
ATOM   1063 C  C   . LEU A 1 151 ? -7.023  -1.456  -12.257 1.00 26.38 ? 151 LEU A C   1 
ATOM   1064 O  O   . LEU A 1 151 ? -8.121  -1.950  -12.562 1.00 26.60 ? 151 LEU A O   1 
ATOM   1065 C  CB  . LEU A 1 151 ? -7.681  0.652   -11.102 1.00 23.98 ? 151 LEU A CB  1 
ATOM   1066 C  CG  . LEU A 1 151 ? -7.741  1.523   -9.846  1.00 22.99 ? 151 LEU A CG  1 
ATOM   1067 C  CD1 . LEU A 1 151 ? -8.396  2.881   -10.140 1.00 24.48 ? 151 LEU A CD1 1 
ATOM   1068 C  CD2 . LEU A 1 151 ? -8.453  0.834   -8.663  1.00 17.63 ? 151 LEU A CD2 1 
ATOM   1069 N  N   . ASP A 1 152 ? -5.934  -1.595  -13.014 1.00 27.84 ? 152 ASP A N   1 
ATOM   1070 C  CA  . ASP A 1 152 ? -6.013  -2.355  -14.250 1.00 29.38 ? 152 ASP A CA  1 
ATOM   1071 C  C   . ASP A 1 152 ? -4.661  -2.946  -14.587 1.00 29.98 ? 152 ASP A C   1 
ATOM   1072 O  O   . ASP A 1 152 ? -3.672  -2.645  -13.908 1.00 29.44 ? 152 ASP A O   1 
ATOM   1073 C  CB  . ASP A 1 152 ? -6.483  -1.448  -15.392 1.00 29.99 ? 152 ASP A CB  1 
ATOM   1074 C  CG  . ASP A 1 152 ? -7.146  -2.223  -16.517 1.00 34.69 ? 152 ASP A CG  1 
ATOM   1075 O  OD1 . ASP A 1 152 ? -7.101  -3.486  -16.540 1.00 40.09 ? 152 ASP A OD1 1 
ATOM   1076 O  OD2 . ASP A 1 152 ? -7.731  -1.567  -17.385 1.00 40.83 ? 152 ASP A OD2 1 
ATOM   1077 N  N   . ASP A 1 153 ? -4.642  -3.800  -15.619 1.00 30.43 ? 153 ASP A N   1 
ATOM   1078 C  CA  . ASP A 1 153 ? -3.415  -4.274  -16.256 1.00 33.16 ? 153 ASP A CA  1 
ATOM   1079 C  C   . ASP A 1 153 ? -2.872  -3.117  -17.119 1.00 33.65 ? 153 ASP A C   1 
ATOM   1080 O  O   . ASP A 1 153 ? -3.616  -2.208  -17.484 1.00 33.18 ? 153 ASP A O   1 
ATOM   1081 C  CB  . ASP A 1 153 ? -3.722  -5.444  -17.216 1.00 33.25 ? 153 ASP A CB  1 
ATOM   1082 C  CG  . ASP A 1 153 ? -4.308  -6.656  -16.519 1.00 37.76 ? 153 ASP A CG  1 
ATOM   1083 O  OD1 . ASP A 1 153 ? -3.960  -6.938  -15.344 1.00 39.86 ? 153 ASP A OD1 1 
ATOM   1084 O  OD2 . ASP A 1 153 ? -5.122  -7.349  -17.171 1.00 44.08 ? 153 ASP A OD2 1 
ATOM   1085 N  N   . ILE A 1 154 ? -1.589  -3.160  -17.457 1.00 35.87 ? 154 ILE A N   1 
ATOM   1086 C  CA  . ILE A 1 154 ? -1.085  -2.265  -18.507 1.00 37.51 ? 154 ILE A CA  1 
ATOM   1087 C  C   . ILE A 1 154 ? -1.898  -2.481  -19.789 1.00 38.81 ? 154 ILE A C   1 
ATOM   1088 O  O   . ILE A 1 154 ? -2.222  -3.612  -20.145 1.00 38.49 ? 154 ILE A O   1 
ATOM   1089 C  CB  . ILE A 1 154 ? 0.403   -2.485  -18.812 1.00 37.83 ? 154 ILE A CB  1 
ATOM   1090 C  CG1 . ILE A 1 154 ? 1.274   -2.089  -17.620 1.00 37.25 ? 154 ILE A CG1 1 
ATOM   1091 C  CG2 . ILE A 1 154 ? 0.820   -1.669  -20.039 1.00 38.89 ? 154 ILE A CG2 1 
ATOM   1092 C  CD1 . ILE A 1 154 ? 2.787   -2.129  -17.906 1.00 37.80 ? 154 ILE A CD1 1 
ATOM   1093 N  N   . ARG A 1 155 ? -2.279  -1.382  -20.430 1.00 41.00 ? 155 ARG A N   1 
ATOM   1094 C  CA  . ARG A 1 155 ? -2.800  -1.389  -21.806 1.00 43.68 ? 155 ARG A CA  1 
ATOM   1095 C  C   . ARG A 1 155 ? -2.482  -0.046  -22.493 1.00 43.84 ? 155 ARG A C   1 
ATOM   1096 O  O   . ARG A 1 155 ? -2.149  0.931   -21.803 1.00 43.79 ? 155 ARG A O   1 
ATOM   1097 C  CB  . ARG A 1 155 ? -4.297  -1.755  -21.870 1.00 43.88 ? 155 ARG A CB  1 
ATOM   1098 C  CG  . ARG A 1 155 ? -5.217  -1.026  -20.907 1.00 46.67 ? 155 ARG A CG  1 
ATOM   1099 C  CD  . ARG A 1 155 ? -6.599  -1.693  -20.801 1.00 46.86 ? 155 ARG A CD  1 
ATOM   1100 N  NE  . ARG A 1 155 ? -6.479  -3.096  -20.410 1.00 54.95 ? 155 ARG A NE  1 
ATOM   1101 C  CZ  . ARG A 1 155 ? -7.390  -3.782  -19.714 1.00 57.42 ? 155 ARG A CZ  1 
ATOM   1102 N  NH1 . ARG A 1 155 ? -8.523  -3.196  -19.308 1.00 60.11 ? 155 ARG A NH1 1 
ATOM   1103 N  NH2 . ARG A 1 155 ? -7.171  -5.061  -19.412 1.00 57.17 ? 155 ARG A NH2 1 
ATOM   1104 N  N   . PRO A 1 156 ? -2.506  -0.008  -23.854 1.00 44.72 ? 156 PRO A N   1 
ATOM   1105 C  CA  . PRO A 1 156 ? -2.294  1.259   -24.587 1.00 44.90 ? 156 PRO A CA  1 
ATOM   1106 C  C   . PRO A 1 156 ? -3.138  2.437   -24.095 1.00 44.66 ? 156 PRO A C   1 
ATOM   1107 O  O   . PRO A 1 156 ? -2.667  3.577   -24.108 1.00 44.93 ? 156 PRO A O   1 
ATOM   1108 C  CB  . PRO A 1 156 ? -2.645  0.886   -26.034 1.00 45.44 ? 156 PRO A CB  1 
ATOM   1109 C  CG  . PRO A 1 156 ? -2.258  -0.569  -26.124 1.00 45.49 ? 156 PRO A CG  1 
ATOM   1110 C  CD  . PRO A 1 156 ? -2.644  -1.153  -24.782 1.00 44.55 ? 156 PRO A CD  1 
ATOM   1111 N  N   . SER A 1 157 ? -4.354  2.162   -23.635 1.00 44.63 ? 157 SER A N   1 
ATOM   1112 C  CA  . SER A 1 157 ? -5.267  3.213   -23.167 1.00 44.54 ? 157 SER A CA  1 
ATOM   1113 C  C   . SER A 1 157 ? -4.970  3.804   -21.773 1.00 43.66 ? 157 SER A C   1 
ATOM   1114 O  O   . SER A 1 157 ? -5.624  4.781   -21.353 1.00 44.40 ? 157 SER A O   1 
ATOM   1115 C  CB  . SER A 1 157 ? -6.711  2.716   -23.207 1.00 44.99 ? 157 SER A CB  1 
ATOM   1116 O  OG  . SER A 1 157 ? -6.795  1.403   -22.667 1.00 46.86 ? 157 SER A OG  1 
ATOM   1117 N  N   . ASN A 1 158 ? -4.012  3.237   -21.042 1.00 41.46 ? 158 ASN A N   1 
ATOM   1118 C  CA  . ASN A 1 158 ? -3.671  3.814   -19.730 1.00 39.20 ? 158 ASN A CA  1 
ATOM   1119 C  C   . ASN A 1 158 ? -2.198  4.197   -19.654 1.00 38.20 ? 158 ASN A C   1 
ATOM   1120 O  O   . ASN A 1 158 ? -1.466  4.031   -20.632 1.00 39.21 ? 158 ASN A O   1 
ATOM   1121 C  CB  . ASN A 1 158 ? -4.124  2.905   -18.557 1.00 38.69 ? 158 ASN A CB  1 
ATOM   1122 C  CG  . ASN A 1 158 ? -3.427  1.550   -18.542 1.00 37.02 ? 158 ASN A CG  1 
ATOM   1123 O  OD1 . ASN A 1 158 ? -2.227  1.450   -18.800 1.00 34.59 ? 158 ASN A OD1 1 
ATOM   1124 N  ND2 . ASN A 1 158 ? -4.187  0.496   -18.233 1.00 35.05 ? 158 ASN A ND2 1 
ATOM   1125 N  N   . VAL A 1 159 ? -1.759  4.681   -18.501 1.00 37.04 ? 159 VAL A N   1 
ATOM   1126 C  CA  . VAL A 1 159 ? -0.378  5.122   -18.328 1.00 36.63 ? 159 VAL A CA  1 
ATOM   1127 C  C   . VAL A 1 159 ? 0.415   4.353   -17.277 1.00 36.08 ? 159 VAL A C   1 
ATOM   1128 O  O   . VAL A 1 159 ? 1.392   4.857   -16.722 1.00 36.56 ? 159 VAL A O   1 
ATOM   1129 C  CB  . VAL A 1 159 ? -0.273  6.653   -18.090 1.00 36.88 ? 159 VAL A CB  1 
ATOM   1130 C  CG1 . VAL A 1 159 ? -0.605  7.415   -19.396 1.00 38.53 ? 159 VAL A CG1 1 
ATOM   1131 C  CG2 . VAL A 1 159 ? -1.142  7.139   -16.922 1.00 35.87 ? 159 VAL A CG2 1 
ATOM   1132 N  N   . LEU A 1 160 ? 0.013   3.121   -17.009 1.00 35.02 ? 160 LEU A N   1 
ATOM   1133 C  CA  . LEU A 1 160 ? 0.738   2.293   -16.060 1.00 34.47 ? 160 LEU A CA  1 
ATOM   1134 C  C   . LEU A 1 160 ? 2.140   1.943   -16.573 1.00 35.11 ? 160 LEU A C   1 
ATOM   1135 O  O   . LEU A 1 160 ? 3.065   1.807   -15.770 1.00 34.57 ? 160 LEU A O   1 
ATOM   1136 C  CB  . LEU A 1 160 ? -0.066  1.034   -15.684 1.00 33.73 ? 160 LEU A CB  1 
ATOM   1137 C  CG  . LEU A 1 160 ? -1.381  1.257   -14.933 1.00 30.78 ? 160 LEU A CG  1 
ATOM   1138 C  CD1 . LEU A 1 160 ? -2.043  -0.081  -14.629 1.00 28.68 ? 160 LEU A CD1 1 
ATOM   1139 C  CD2 . LEU A 1 160 ? -1.184  2.089   -13.651 1.00 25.84 ? 160 LEU A CD2 1 
ATOM   1140 N  N   . ASP A 1 161 ? 2.311   1.819   -17.893 1.00 36.03 ? 161 ASP A N   1 
ATOM   1141 C  CA  . ASP A 1 161 ? 3.662   1.602   -18.422 1.00 38.29 ? 161 ASP A CA  1 
ATOM   1142 C  C   . ASP A 1 161 ? 4.629   2.762   -18.161 1.00 38.60 ? 161 ASP A C   1 
ATOM   1143 O  O   . ASP A 1 161 ? 5.842   2.606   -18.313 1.00 38.96 ? 161 ASP A O   1 
ATOM   1144 C  CB  . ASP A 1 161 ? 3.674   1.169   -19.891 1.00 39.40 ? 161 ASP A CB  1 
ATOM   1145 C  CG  . ASP A 1 161 ? 3.059   2.189   -20.819 1.00 41.71 ? 161 ASP A CG  1 
ATOM   1146 O  OD1 . ASP A 1 161 ? 2.919   3.385   -20.457 1.00 43.45 ? 161 ASP A OD1 1 
ATOM   1147 O  OD2 . ASP A 1 161 ? 2.696   1.761   -21.936 1.00 46.58 ? 161 ASP A OD2 1 
ATOM   1148 N  N   . GLU A 1 162 ? 4.091   3.907   -17.740 1.00 39.04 ? 162 GLU A N   1 
ATOM   1149 C  CA  . GLU A 1 162 ? 4.924   5.101   -17.524 1.00 39.92 ? 162 GLU A CA  1 
ATOM   1150 C  C   . GLU A 1 162 ? 5.441   5.193   -16.101 1.00 39.20 ? 162 GLU A C   1 
ATOM   1151 O  O   . GLU A 1 162 ? 6.247   6.082   -15.791 1.00 39.97 ? 162 GLU A O   1 
ATOM   1152 C  CB  . GLU A 1 162 ? 4.161   6.383   -17.887 1.00 39.81 ? 162 GLU A CB  1 
ATOM   1153 C  CG  . GLU A 1 162 ? 3.958   6.583   -19.400 1.00 41.99 ? 162 GLU A CG  1 
ATOM   1154 C  CD  . GLU A 1 162 ? 3.023   7.753   -19.739 1.00 41.54 ? 162 GLU A CD  1 
ATOM   1155 O  OE1 . GLU A 1 162 ? 2.845   8.672   -18.893 1.00 45.66 ? 162 GLU A OE1 1 
ATOM   1156 O  OE2 . GLU A 1 162 ? 2.437   7.728   -20.852 1.00 42.72 ? 162 GLU A OE2 1 
ATOM   1157 N  N   . LEU A 1 163 ? 4.980   4.291   -15.226 1.00 37.61 ? 163 LEU A N   1 
ATOM   1158 C  CA  . LEU A 1 163 ? 5.411   4.313   -13.824 1.00 36.32 ? 163 LEU A CA  1 
ATOM   1159 C  C   . LEU A 1 163 ? 6.900   4.059   -13.746 1.00 36.34 ? 163 LEU A C   1 
ATOM   1160 O  O   . LEU A 1 163 ? 7.410   3.213   -14.464 1.00 35.73 ? 163 LEU A O   1 
ATOM   1161 C  CB  . LEU A 1 163 ? 4.657   3.283   -12.974 1.00 35.87 ? 163 LEU A CB  1 
ATOM   1162 C  CG  . LEU A 1 163 ? 3.152   3.521   -12.692 1.00 36.37 ? 163 LEU A CG  1 
ATOM   1163 C  CD1 . LEU A 1 163 ? 2.528   2.263   -12.067 1.00 35.45 ? 163 LEU A CD1 1 
ATOM   1164 C  CD2 . LEU A 1 163 ? 2.905   4.745   -11.804 1.00 35.47 ? 163 LEU A CD2 1 
ATOM   1165 N  N   . ASP A 1 164 ? 7.576   4.797   -12.867 1.00 36.44 ? 164 ASP A N   1 
ATOM   1166 C  CA  . ASP A 1 164 ? 8.985   4.597   -12.608 1.00 37.25 ? 164 ASP A CA  1 
ATOM   1167 C  C   . ASP A 1 164 ? 9.221   3.189   -12.033 1.00 37.48 ? 164 ASP A C   1 
ATOM   1168 O  O   . ASP A 1 164 ? 8.431   2.695   -11.221 1.00 37.15 ? 164 ASP A O   1 
ATOM   1169 C  CB  . ASP A 1 164 ? 9.474   5.660   -11.634 1.00 36.59 ? 164 ASP A CB  1 
ATOM   1170 C  CG  . ASP A 1 164 ? 10.991  5.837   -11.665 1.00 38.92 ? 164 ASP A CG  1 
ATOM   1171 O  OD1 . ASP A 1 164 ? 11.688  5.016   -11.044 1.00 37.80 ? 164 ASP A OD1 1 
ATOM   1172 O  OD2 . ASP A 1 164 ? 11.476  6.815   -12.286 1.00 39.53 ? 164 ASP A OD2 1 
ATOM   1173 N  N   . ARG A 1 165 ? 10.288  2.540   -12.485 1.00 37.51 ? 165 ARG A N   1 
ATOM   1174 C  CA  . ARG A 1 165 ? 10.756  1.268   -11.900 1.00 37.86 ? 165 ARG A CA  1 
ATOM   1175 C  C   . ARG A 1 165 ? 10.845  1.353   -10.370 1.00 36.50 ? 165 ARG A C   1 
ATOM   1176 O  O   . ARG A 1 165 ? 10.705  0.336   -9.672  1.00 37.01 ? 165 ARG A O   1 
ATOM   1177 C  CB  . ARG A 1 165 ? 12.118  0.939   -12.507 1.00 39.21 ? 165 ARG A CB  1 
ATOM   1178 C  CG  . ARG A 1 165 ? 12.923  -0.124  -11.824 1.00 44.89 ? 165 ARG A CG  1 
ATOM   1179 C  CD  . ARG A 1 165 ? 12.906  -1.446  -12.571 1.00 51.04 ? 165 ARG A CD  1 
ATOM   1180 N  NE  . ARG A 1 165 ? 13.707  -2.449  -11.856 1.00 56.21 ? 165 ARG A NE  1 
ATOM   1181 C  CZ  . ARG A 1 165 ? 14.034  -3.638  -12.359 1.00 59.39 ? 165 ARG A CZ  1 
ATOM   1182 N  NH1 . ARG A 1 165 ? 13.625  -3.974  -13.586 1.00 61.10 ? 165 ARG A NH1 1 
ATOM   1183 N  NH2 . ARG A 1 165 ? 14.766  -4.489  -11.643 1.00 59.24 ? 165 ARG A NH2 1 
ATOM   1184 N  N   . ASP A 1 166 ? 11.050  2.568   -9.854  1.00 34.08 ? 166 ASP A N   1 
ATOM   1185 C  CA  . ASP A 1 166 ? 11.111  2.803   -8.421  1.00 33.10 ? 166 ASP A CA  1 
ATOM   1186 C  C   . ASP A 1 166 ? 9.744   2.691   -7.729  1.00 30.62 ? 166 ASP A C   1 
ATOM   1187 O  O   . ASP A 1 166 ? 9.673   2.770   -6.511  1.00 29.94 ? 166 ASP A O   1 
ATOM   1188 C  CB  . ASP A 1 166 ? 11.682  4.191   -8.111  1.00 34.62 ? 166 ASP A CB  1 
ATOM   1189 C  CG  . ASP A 1 166 ? 13.157  4.337   -8.478  1.00 39.94 ? 166 ASP A CG  1 
ATOM   1190 O  OD1 . ASP A 1 166 ? 13.885  3.316   -8.559  1.00 42.73 ? 166 ASP A OD1 1 
ATOM   1191 O  OD2 . ASP A 1 166 ? 13.576  5.509   -8.658  1.00 46.29 ? 166 ASP A OD2 1 
ATOM   1192 N  N   . GLN A 1 167 ? 8.675   2.575   -8.511  1.00 29.26 ? 167 GLN A N   1 
ATOM   1193 C  CA  . GLN A 1 167 ? 7.342   2.301   -7.975  1.00 27.91 ? 167 GLN A CA  1 
ATOM   1194 C  C   . GLN A 1 167 ? 7.317   0.803   -7.734  1.00 26.59 ? 167 GLN A C   1 
ATOM   1195 O  O   . GLN A 1 167 ? 6.810   0.034   -8.553  1.00 28.38 ? 167 GLN A O   1 
ATOM   1196 C  CB  . GLN A 1 167 ? 6.258   2.770   -8.951  1.00 27.97 ? 167 GLN A CB  1 
ATOM   1197 C  CG  . GLN A 1 167 ? 6.276   4.314   -9.223  1.00 27.69 ? 167 GLN A CG  1 
ATOM   1198 C  CD  . GLN A 1 167 ? 5.351   5.132   -8.340  1.00 28.90 ? 167 GLN A CD  1 
ATOM   1199 O  OE1 . GLN A 1 167 ? 4.930   4.700   -7.271  1.00 26.93 ? 167 GLN A OE1 1 
ATOM   1200 N  NE2 . GLN A 1 167 ? 5.005   6.335   -8.812  1.00 28.45 ? 167 GLN A NE2 1 
ATOM   1201 N  N   . VAL A 1 168 ? 7.887   0.401   -6.608  1.00 25.67 ? 168 VAL A N   1 
ATOM   1202 C  CA  . VAL A 1 168 ? 8.270   -1.007  -6.366  1.00 25.69 ? 168 VAL A CA  1 
ATOM   1203 C  C   . VAL A 1 168 ? 7.126   -1.903  -5.838  1.00 24.88 ? 168 VAL A C   1 
ATOM   1204 O  O   . VAL A 1 168 ? 6.566   -1.647  -4.777  1.00 24.33 ? 168 VAL A O   1 
ATOM   1205 C  CB  . VAL A 1 168 ? 9.516   -1.083  -5.420  1.00 25.93 ? 168 VAL A CB  1 
ATOM   1206 C  CG1 . VAL A 1 168 ? 9.187   -0.499  -4.047  1.00 24.83 ? 168 VAL A CG1 1 
ATOM   1207 C  CG2 . VAL A 1 168 ? 10.022  -2.561  -5.263  1.00 27.91 ? 168 VAL A CG2 1 
ATOM   1208 N  N   . VAL A 1 169 ? 6.817   -2.953  -6.601  1.00 25.39 ? 169 VAL A N   1 
ATOM   1209 C  CA  . VAL A 1 169 ? 5.777   -3.923  -6.267  1.00 25.10 ? 169 VAL A CA  1 
ATOM   1210 C  C   . VAL A 1 169 ? 6.183   -4.789  -5.064  1.00 25.31 ? 169 VAL A C   1 
ATOM   1211 O  O   . VAL A 1 169 ? 7.238   -5.450  -5.080  1.00 25.52 ? 169 VAL A O   1 
ATOM   1212 C  CB  . VAL A 1 169 ? 5.450   -4.814  -7.475  1.00 24.85 ? 169 VAL A CB  1 
ATOM   1213 C  CG1 . VAL A 1 169 ? 4.396   -5.927  -7.129  1.00 23.93 ? 169 VAL A CG1 1 
ATOM   1214 C  CG2 . VAL A 1 169 ? 4.957   -3.975  -8.609  1.00 25.76 ? 169 VAL A CG2 1 
ATOM   1215 N  N   . ILE A 1 170 ? 5.334   -4.783  -4.045  1.00 23.61 ? 170 ILE A N   1 
ATOM   1216 C  CA  . ILE A 1 170 ? 5.556   -5.520  -2.798  1.00 22.60 ? 170 ILE A CA  1 
ATOM   1217 C  C   . ILE A 1 170 ? 4.404   -6.493  -2.449  1.00 22.37 ? 170 ILE A C   1 
ATOM   1218 O  O   . ILE A 1 170 ? 4.464   -7.146  -1.406  1.00 21.65 ? 170 ILE A O   1 
ATOM   1219 C  CB  . ILE A 1 170 ? 5.788   -4.580  -1.583  1.00 21.91 ? 170 ILE A CB  1 
ATOM   1220 C  CG1 . ILE A 1 170 ? 4.607   -3.617  -1.368  1.00 21.80 ? 170 ILE A CG1 1 
ATOM   1221 C  CG2 . ILE A 1 170 ? 7.140   -3.766  -1.702  1.00 22.34 ? 170 ILE A CG2 1 
ATOM   1222 C  CD1 . ILE A 1 170 ? 4.537   -3.171  0.060   1.00 18.93 ? 170 ILE A CD1 1 
ATOM   1223 N  N   . GLY A 1 171 ? 3.387   -6.609  -3.320  1.00 21.81 ? 171 GLY A N   1 
ATOM   1224 C  CA  . GLY A 1 171 ? 2.243   -7.445  -2.995  1.00 22.35 ? 171 GLY A CA  1 
ATOM   1225 C  C   . GLY A 1 171 ? 1.205   -7.499  -4.081  1.00 23.03 ? 171 GLY A C   1 
ATOM   1226 O  O   . GLY A 1 171 ? 1.330   -6.806  -5.097  1.00 22.79 ? 171 GLY A O   1 
ATOM   1227 N  N   . GLN A 1 172 ? 0.154   -8.305  -3.856  1.00 22.44 ? 172 GLN A N   1 
ATOM   1228 C  CA  . GLN A 1 172 ? -0.979  -8.431  -4.796  1.00 23.39 ? 172 GLN A CA  1 
ATOM   1229 C  C   . GLN A 1 172 ? -2.261  -8.576  -3.981  1.00 21.99 ? 172 GLN A C   1 
ATOM   1230 O  O   . GLN A 1 172 ? -2.249  -9.165  -2.930  1.00 21.20 ? 172 GLN A O   1 
ATOM   1231 C  CB  . GLN A 1 172 ? -0.843  -9.689  -5.665  1.00 23.69 ? 172 GLN A CB  1 
ATOM   1232 C  CG  . GLN A 1 172 ? -0.876  -10.988 -4.824  1.00 25.95 ? 172 GLN A CG  1 
ATOM   1233 C  CD  . GLN A 1 172 ? -0.811  -12.261 -5.659  1.00 27.57 ? 172 GLN A CD  1 
ATOM   1234 O  OE1 . GLN A 1 172 ? -1.766  -12.609 -6.380  1.00 32.25 ? 172 GLN A OE1 1 
ATOM   1235 N  NE2 . GLN A 1 172 ? 0.311   -12.978 -5.556  1.00 26.26 ? 172 GLN A NE2 1 
ATOM   1236 N  N   . VAL A 1 173 ? -3.366  -8.119  -4.543  1.00 22.26 ? 173 VAL A N   1 
ATOM   1237 C  CA  . VAL A 1 173 ? -4.695  -8.309  -4.005  1.00 22.57 ? 173 VAL A CA  1 
ATOM   1238 C  C   . VAL A 1 173 ? -5.137  -9.719  -4.361  1.00 22.53 ? 173 VAL A C   1 
ATOM   1239 O  O   . VAL A 1 173 ? -5.158  -10.060 -5.536  1.00 25.00 ? 173 VAL A O   1 
ATOM   1240 C  CB  . VAL A 1 173 ? -5.684  -7.255  -4.611  1.00 22.69 ? 173 VAL A CB  1 
ATOM   1241 C  CG1 . VAL A 1 173 ? -7.128  -7.535  -4.152  1.00 19.74 ? 173 VAL A CG1 1 
ATOM   1242 C  CG2 . VAL A 1 173 ? -5.270  -5.813  -4.199  1.00 22.18 ? 173 VAL A CG2 1 
ATOM   1243 N  N   . TYR A 1 174 ? -5.464  -10.547 -3.372  1.00 22.31 ? 174 TYR A N   1 
ATOM   1244 C  CA  . TYR A 1 174 ? -5.964  -11.914 -3.697  1.00 22.15 ? 174 TYR A CA  1 
ATOM   1245 C  C   . TYR A 1 174 ? -7.481  -12.078 -3.413  1.00 22.08 ? 174 TYR A C   1 
ATOM   1246 O  O   . TYR A 1 174 ? -8.056  -13.153 -3.653  1.00 22.56 ? 174 TYR A O   1 
ATOM   1247 C  CB  . TYR A 1 174 ? -5.126  -13.004 -2.987  1.00 21.69 ? 174 TYR A CB  1 
ATOM   1248 C  CG  . TYR A 1 174 ? -5.214  -12.959 -1.461  1.00 20.73 ? 174 TYR A CG  1 
ATOM   1249 C  CD1 . TYR A 1 174 ? -6.187  -13.674 -0.784  1.00 20.73 ? 174 TYR A CD1 1 
ATOM   1250 C  CD2 . TYR A 1 174 ? -4.343  -12.148 -0.706  1.00 20.93 ? 174 TYR A CD2 1 
ATOM   1251 C  CE1 . TYR A 1 174 ? -6.286  -13.607 0.617   1.00 17.69 ? 174 TYR A CE1 1 
ATOM   1252 C  CE2 . TYR A 1 174 ? -4.427  -12.095 0.676   1.00 22.29 ? 174 TYR A CE2 1 
ATOM   1253 C  CZ  . TYR A 1 174 ? -5.405  -12.832 1.325   1.00 20.44 ? 174 TYR A CZ  1 
ATOM   1254 O  OH  . TYR A 1 174 ? -5.502  -12.771 2.689   1.00 21.37 ? 174 TYR A OH  1 
ATOM   1255 N  N   . GLY A 1 175 ? -8.100  -11.010 -2.921  1.00 20.96 ? 175 GLY A N   1 
ATOM   1256 C  CA  . GLY A 1 175 ? -9.526  -10.953 -2.653  1.00 21.32 ? 175 GLY A CA  1 
ATOM   1257 C  C   . GLY A 1 175 ? -9.951  -9.495  -2.696  1.00 22.23 ? 175 GLY A C   1 
ATOM   1258 O  O   . GLY A 1 175 ? -9.259  -8.641  -2.132  1.00 21.20 ? 175 GLY A O   1 
ATOM   1259 N  N   . GLY A 1 176 ? -11.053 -9.185  -3.396  1.00 22.21 ? 176 GLY A N   1 
ATOM   1260 C  CA  . GLY A 1 176 ? -11.520 -7.789  -3.468  1.00 22.71 ? 176 GLY A CA  1 
ATOM   1261 C  C   . GLY A 1 176 ? -11.153 -7.013  -4.719  1.00 23.86 ? 176 GLY A C   1 
ATOM   1262 O  O   . GLY A 1 176 ? -11.263 -5.801  -4.741  1.00 24.26 ? 176 GLY A O   1 
ATOM   1263 N  N   . LEU A 1 177 ? -10.725 -7.693  -5.779  1.00 23.91 ? 177 LEU A N   1 
ATOM   1264 C  CA  . LEU A 1 177 ? -10.571 -7.044  -7.073  1.00 24.73 ? 177 LEU A CA  1 
ATOM   1265 C  C   . LEU A 1 177 ? -11.876 -6.421  -7.546  1.00 24.88 ? 177 LEU A C   1 
ATOM   1266 O  O   . LEU A 1 177 ? -11.853 -5.381  -8.228  1.00 25.09 ? 177 LEU A O   1 
ATOM   1267 C  CB  . LEU A 1 177 ? -10.076 -8.019  -8.154  1.00 23.95 ? 177 LEU A CB  1 
ATOM   1268 C  CG  . LEU A 1 177 ? -8.692  -8.632  -7.926  1.00 26.20 ? 177 LEU A CG  1 
ATOM   1269 C  CD1 . LEU A 1 177 ? -8.437  -9.592  -9.041  1.00 26.17 ? 177 LEU A CD1 1 
ATOM   1270 C  CD2 . LEU A 1 177 ? -7.681  -7.491  -7.977  1.00 25.03 ? 177 LEU A CD2 1 
ATOM   1271 N  N   . ASP A 1 178 ? -13.000 -7.055  -7.222  1.00 24.49 ? 178 ASP A N   1 
ATOM   1272 C  CA  . ASP A 1 178 ? -14.329 -6.459  -7.490  1.00 25.18 ? 178 ASP A CA  1 
ATOM   1273 C  C   . ASP A 1 178 ? -14.583 -5.147  -6.764  1.00 25.44 ? 178 ASP A C   1 
ATOM   1274 O  O   . ASP A 1 178 ? -15.440 -4.364  -7.175  1.00 25.49 ? 178 ASP A O   1 
ATOM   1275 C  CB  . ASP A 1 178 ? -15.504 -7.439  -7.231  1.00 26.16 ? 178 ASP A CB  1 
ATOM   1276 C  CG  . ASP A 1 178 ? -15.318 -8.326  -5.973  1.00 30.07 ? 178 ASP A CG  1 
ATOM   1277 O  OD1 . ASP A 1 178 ? -14.309 -8.207  -5.256  1.00 28.67 ? 178 ASP A OD1 1 
ATOM   1278 O  OD2 . ASP A 1 178 ? -16.191 -9.198  -5.728  1.00 36.29 ? 178 ASP A OD2 1 
ATOM   1279 N  N   . VAL A 1 179 ? -13.858 -4.927  -5.667  1.00 24.59 ? 179 VAL A N   1 
ATOM   1280 C  CA  . VAL A 1 179 ? -13.948 -3.664  -4.902  1.00 25.07 ? 179 VAL A CA  1 
ATOM   1281 C  C   . VAL A 1 179 ? -13.168 -2.594  -5.662  1.00 24.35 ? 179 VAL A C   1 
ATOM   1282 O  O   . VAL A 1 179 ? -13.622 -1.448  -5.820  1.00 24.87 ? 179 VAL A O   1 
ATOM   1283 C  CB  . VAL A 1 179 ? -13.422 -3.858  -3.457  1.00 24.17 ? 179 VAL A CB  1 
ATOM   1284 C  CG1 . VAL A 1 179 ? -13.519 -2.549  -2.655  1.00 24.18 ? 179 VAL A CG1 1 
ATOM   1285 C  CG2 . VAL A 1 179 ? -14.209 -4.961  -2.803  1.00 26.57 ? 179 VAL A CG2 1 
ATOM   1286 N  N   . LEU A 1 180 ? -12.007 -2.974  -6.172  1.00 23.50 ? 180 LEU A N   1 
ATOM   1287 C  CA  . LEU A 1 180 ? -11.262 -2.121  -7.098  1.00 23.24 ? 180 LEU A CA  1 
ATOM   1288 C  C   . LEU A 1 180 ? -12.093 -1.708  -8.315  1.00 23.48 ? 180 LEU A C   1 
ATOM   1289 O  O   . LEU A 1 180 ? -12.032 -0.573  -8.727  1.00 23.79 ? 180 LEU A O   1 
ATOM   1290 C  CB  . LEU A 1 180 ? -9.947  -2.773  -7.559  1.00 23.26 ? 180 LEU A CB  1 
ATOM   1291 C  CG  . LEU A 1 180 ? -8.911  -3.095  -6.466  1.00 22.60 ? 180 LEU A CG  1 
ATOM   1292 C  CD1 . LEU A 1 180 ? -7.631  -3.627  -7.115  1.00 21.63 ? 180 LEU A CD1 1 
ATOM   1293 C  CD2 . LEU A 1 180 ? -8.589  -1.901  -5.541  1.00 23.72 ? 180 LEU A CD2 1 
ATOM   1294 N  N   . ASP A 1 181 ? -12.838 -2.637  -8.898  1.00 24.04 ? 181 ASP A N   1 
ATOM   1295 C  CA  . ASP A 1 181 ? -13.762 -2.312  -9.985  1.00 24.32 ? 181 ASP A CA  1 
ATOM   1296 C  C   . ASP A 1 181 ? -14.818 -1.247  -9.603  1.00 23.77 ? 181 ASP A C   1 
ATOM   1297 O  O   . ASP A 1 181 ? -15.085 -0.358  -10.382 1.00 23.42 ? 181 ASP A O   1 
ATOM   1298 C  CB  . ASP A 1 181 ? -14.481 -3.565  -10.491 1.00 25.47 ? 181 ASP A CB  1 
ATOM   1299 C  CG  . ASP A 1 181 ? -13.543 -4.595  -11.094 1.00 27.24 ? 181 ASP A CG  1 
ATOM   1300 O  OD1 . ASP A 1 181 ? -12.473 -4.236  -11.634 1.00 30.85 ? 181 ASP A OD1 1 
ATOM   1301 O  OD2 . ASP A 1 181 ? -13.876 -5.794  -11.003 1.00 30.72 ? 181 ASP A OD2 1 
ATOM   1302 N  N   . LYS A 1 182 ? -15.425 -1.377  -8.433  1.00 24.02 ? 182 LYS A N   1 
ATOM   1303 C  CA  . LYS A 1 182 ? -16.405 -0.408  -7.924  1.00 24.97 ? 182 LYS A CA  1 
ATOM   1304 C  C   . LYS A 1 182 ? -15.782 1.000   -7.819  1.00 25.57 ? 182 LYS A C   1 
ATOM   1305 O  O   . LYS A 1 182 ? -16.372 1.986   -8.269  1.00 24.73 ? 182 LYS A O   1 
ATOM   1306 C  CB  . LYS A 1 182 ? -16.934 -0.853  -6.565  1.00 24.80 ? 182 LYS A CB  1 
ATOM   1307 C  CG  . LYS A 1 182 ? -17.923 -2.050  -6.631  1.00 24.30 ? 182 LYS A CG  1 
ATOM   1308 C  CD  . LYS A 1 182 ? -18.454 -2.409  -5.237  1.00 25.67 ? 182 LYS A CD  1 
ATOM   1309 C  CE  . LYS A 1 182 ? -19.435 -3.590  -5.370  1.00 28.92 ? 182 LYS A CE  1 
ATOM   1310 N  NZ  . LYS A 1 182 ? -20.038 -3.929  -4.019  1.00 35.82 ? 182 LYS A NZ  1 
ATOM   1311 N  N   . ILE A 1 183 ? -14.598 1.070   -7.199  1.00 25.48 ? 183 ILE A N   1 
ATOM   1312 C  CA  . ILE A 1 183 ? -13.827 2.320   -7.103  1.00 25.27 ? 183 ILE A CA  1 
ATOM   1313 C  C   . ILE A 1 183 ? -13.598 2.930   -8.486  1.00 25.57 ? 183 ILE A C   1 
ATOM   1314 O  O   . ILE A 1 183 ? -13.924 4.105   -8.721  1.00 24.66 ? 183 ILE A O   1 
ATOM   1315 C  CB  . ILE A 1 183 ? -12.463 2.107   -6.355  1.00 25.42 ? 183 ILE A CB  1 
ATOM   1316 C  CG1 . ILE A 1 183 ? -12.717 1.756   -4.876  1.00 24.53 ? 183 ILE A CG1 1 
ATOM   1317 C  CG2 . ILE A 1 183 ? -11.601 3.372   -6.463  1.00 25.18 ? 183 ILE A CG2 1 
ATOM   1318 C  CD1 . ILE A 1 183 ? -11.484 1.124   -4.153  1.00 25.57 ? 183 ILE A CD1 1 
ATOM   1319 N  N   . ASN A 1 184 ? -13.054 2.120   -9.394  1.00 25.43 ? 184 ASN A N   1 
ATOM   1320 C  CA  . ASN A 1 184 ? -12.772 2.551   -10.756 1.00 26.87 ? 184 ASN A CA  1 
ATOM   1321 C  C   . ASN A 1 184 ? -13.990 3.071   -11.516 1.00 28.06 ? 184 ASN A C   1 
ATOM   1322 O  O   . ASN A 1 184 ? -13.892 4.088   -12.255 1.00 28.66 ? 184 ASN A O   1 
ATOM   1323 C  CB  . ASN A 1 184 ? -12.106 1.431   -11.563 1.00 25.82 ? 184 ASN A CB  1 
ATOM   1324 C  CG  . ASN A 1 184 ? -11.401 1.957   -12.743 1.00 28.20 ? 184 ASN A CG  1 
ATOM   1325 O  OD1 . ASN A 1 184 ? -10.593 2.870   -12.624 1.00 27.58 ? 184 ASN A OD1 1 
ATOM   1326 N  ND2 . ASN A 1 184 ? -11.706 1.405   -13.932 1.00 30.61 ? 184 ASN A ND2 1 
ATOM   1327 N  N   . SER A 1 185 ? -15.113 2.364   -11.386 1.00 28.71 ? 185 SER A N   1 
ATOM   1328 C  CA  . SER A 1 185 ? -16.359 2.876   -11.979 1.00 31.29 ? 185 SER A CA  1 
ATOM   1329 C  C   . SER A 1 185 ? -16.723 4.250   -11.420 1.00 31.57 ? 185 SER A C   1 
ATOM   1330 O  O   . SER A 1 185 ? -17.099 5.124   -12.166 1.00 33.01 ? 185 SER A O   1 
ATOM   1331 C  CB  . SER A 1 185 ? -17.512 1.920   -11.757 1.00 30.57 ? 185 SER A CB  1 
ATOM   1332 O  OG  . SER A 1 185 ? -17.311 0.805   -12.615 1.00 35.85 ? 185 SER A OG  1 
ATOM   1333 N  N   . MET A 1 186 ? -16.633 4.424   -10.107 1.00 32.23 ? 186 MET A N   1 
ATOM   1334 C  CA  . MET A 1 186 ? -17.036 5.682   -9.491  1.00 33.23 ? 186 MET A CA  1 
ATOM   1335 C  C   . MET A 1 186 ? -16.119 6.856   -9.791  1.00 32.83 ? 186 MET A C   1 
ATOM   1336 O  O   . MET A 1 186 ? -16.508 8.005   -9.552  1.00 34.45 ? 186 MET A O   1 
ATOM   1337 C  CB  . MET A 1 186 ? -17.188 5.519   -7.999  1.00 32.85 ? 186 MET A CB  1 
ATOM   1338 C  CG  . MET A 1 186 ? -18.329 4.615   -7.658  1.00 33.13 ? 186 MET A CG  1 
ATOM   1339 S  SD  . MET A 1 186 ? -18.562 4.596   -5.911  1.00 36.37 ? 186 MET A SD  1 
ATOM   1340 C  CE  . MET A 1 186 ? -17.504 3.244   -5.482  1.00 35.96 ? 186 MET A CE  1 
ATOM   1341 N  N   . ILE A 1 187 ? -14.919 6.583   -10.303 1.00 31.18 ? 187 ILE A N   1 
ATOM   1342 C  CA  . ILE A 1 187 ? -13.992 7.634   -10.661 1.00 30.29 ? 187 ILE A CA  1 
ATOM   1343 C  C   . ILE A 1 187 ? -13.877 7.880   -12.172 1.00 29.95 ? 187 ILE A C   1 
ATOM   1344 O  O   . ILE A 1 187 ? -12.977 8.582   -12.604 1.00 27.64 ? 187 ILE A O   1 
ATOM   1345 C  CB  . ILE A 1 187 ? -12.581 7.515   -9.969  1.00 31.06 ? 187 ILE A CB  1 
ATOM   1346 C  CG1 . ILE A 1 187 ? -11.784 6.302   -10.476 1.00 28.10 ? 187 ILE A CG1 1 
ATOM   1347 C  CG2 . ILE A 1 187 ? -12.742 7.538   -8.412  1.00 29.55 ? 187 ILE A CG2 1 
ATOM   1348 C  CD1 . ILE A 1 187 ? -10.367 6.169   -9.813  1.00 29.11 ? 187 ILE A CD1 1 
ATOM   1349 N  N   . LYS A 1 188 ? -14.823 7.343   -12.947 1.00 30.17 ? 188 LYS A N   1 
ATOM   1350 C  CA  . LYS A 1 188 ? -14.877 7.638   -14.375 1.00 31.65 ? 188 LYS A CA  1 
ATOM   1351 C  C   . LYS A 1 188 ? -14.944 9.167   -14.547 1.00 31.17 ? 188 LYS A C   1 
ATOM   1352 O  O   . LYS A 1 188 ? -15.767 9.814   -13.899 1.00 29.76 ? 188 LYS A O   1 
ATOM   1353 C  CB  . LYS A 1 188 ? -16.088 6.954   -15.009 1.00 32.47 ? 188 LYS A CB  1 
ATOM   1354 C  CG  . LYS A 1 188 ? -16.199 7.185   -16.535 1.00 34.65 ? 188 LYS A CG  1 
ATOM   1355 C  CD  . LYS A 1 188 ? -17.523 6.678   -17.048 1.00 39.20 ? 188 LYS A CD  1 
ATOM   1356 C  CE  . LYS A 1 188 ? -17.960 7.399   -18.338 1.00 45.24 ? 188 LYS A CE  1 
ATOM   1357 N  NZ  . LYS A 1 188 ? -17.025 7.139   -19.492 1.00 48.78 ? 188 LYS A NZ  1 
ATOM   1358 N  N   . PRO A 1 189 ? -13.997 9.745   -15.316 1.00 31.69 ? 189 PRO A N   1 
ATOM   1359 C  CA  . PRO A 1 189 ? -13.934 11.216  -15.358 1.00 31.81 ? 189 PRO A CA  1 
ATOM   1360 C  C   . PRO A 1 189 ? -14.969 11.898  -16.261 1.00 31.78 ? 189 PRO A C   1 
ATOM   1361 O  O   . PRO A 1 189 ? -15.356 11.384  -17.331 1.00 31.27 ? 189 PRO A O   1 
ATOM   1362 C  CB  . PRO A 1 189 ? -12.518 11.499  -15.846 1.00 31.77 ? 189 PRO A CB  1 
ATOM   1363 C  CG  . PRO A 1 189 ? -12.195 10.318  -16.733 1.00 32.81 ? 189 PRO A CG  1 
ATOM   1364 C  CD  . PRO A 1 189 ? -12.879 9.122   -16.062 1.00 31.39 ? 189 PRO A CD  1 
ATOM   1365 N  N   . TYR A 1 190 ? -15.404 13.050  -15.773 1.00 31.53 ? 190 TYR A N   1 
ATOM   1366 C  CA  . TYR A 1 190 ? -16.341 13.935  -16.438 1.00 31.48 ? 190 TYR A CA  1 
ATOM   1367 C  C   . TYR A 1 190 ? -15.880 15.323  -16.018 1.00 30.10 ? 190 TYR A C   1 
ATOM   1368 O  O   . TYR A 1 190 ? -15.617 15.527  -14.842 1.00 29.60 ? 190 TYR A O   1 
ATOM   1369 C  CB  . TYR A 1 190 ? -17.743 13.725  -15.872 1.00 31.42 ? 190 TYR A CB  1 
ATOM   1370 C  CG  . TYR A 1 190 ? -18.444 12.502  -16.382 1.00 32.05 ? 190 TYR A CG  1 
ATOM   1371 C  CD1 . TYR A 1 190 ? -18.755 12.387  -17.728 1.00 33.70 ? 190 TYR A CD1 1 
ATOM   1372 C  CD2 . TYR A 1 190 ? -18.808 11.464  -15.518 1.00 32.41 ? 190 TYR A CD2 1 
ATOM   1373 C  CE1 . TYR A 1 190 ? -19.424 11.284  -18.232 1.00 36.39 ? 190 TYR A CE1 1 
ATOM   1374 C  CE2 . TYR A 1 190 ? -19.508 10.322  -16.016 1.00 34.23 ? 190 TYR A CE2 1 
ATOM   1375 C  CZ  . TYR A 1 190 ? -19.800 10.257  -17.384 1.00 35.24 ? 190 TYR A CZ  1 
ATOM   1376 O  OH  . TYR A 1 190 ? -20.483 9.189   -17.963 1.00 38.71 ? 190 TYR A OH  1 
ATOM   1377 N  N   . ALA A 1 191 ? -15.768 16.243  -16.967 1.00 29.84 ? 191 ALA A N   1 
ATOM   1378 C  CA  . ALA A 1 191 ? -15.395 17.635  -16.671 1.00 30.08 ? 191 ALA A CA  1 
ATOM   1379 C  C   . ALA A 1 191 ? -16.350 18.217  -15.647 1.00 30.58 ? 191 ALA A C   1 
ATOM   1380 O  O   . ALA A 1 191 ? -17.601 18.055  -15.761 1.00 30.24 ? 191 ALA A O   1 
ATOM   1381 C  CB  . ALA A 1 191 ? -15.386 18.445  -17.944 1.00 31.49 ? 191 ALA A CB  1 
ATOM   1382 N  N   . GLY A 1 192 ? -15.774 18.764  -14.585 1.00 30.19 ? 192 GLY A N   1 
ATOM   1383 C  CA  . GLY A 1 192 ? -16.517 19.385  -13.493 1.00 31.56 ? 192 GLY A CA  1 
ATOM   1384 C  C   . GLY A 1 192 ? -16.978 18.491  -12.360 1.00 33.08 ? 192 GLY A C   1 
ATOM   1385 O  O   . GLY A 1 192 ? -17.481 18.982  -11.347 1.00 33.25 ? 192 GLY A O   1 
ATOM   1386 N  N   . ARG A 1 193 ? -16.834 17.175  -12.522 1.00 34.37 ? 193 ARG A N   1 
ATOM   1387 C  CA  . ARG A 1 193 ? -17.262 16.226  -11.511 1.00 35.83 ? 193 ARG A CA  1 
ATOM   1388 C  C   . ARG A 1 193 ? -16.098 15.978  -10.553 1.00 37.56 ? 193 ARG A C   1 
ATOM   1389 O  O   . ARG A 1 193 ? -15.056 15.462  -10.971 1.00 36.63 ? 193 ARG A O   1 
ATOM   1390 C  CB  . ARG A 1 193 ? -17.683 14.897  -12.170 1.00 35.37 ? 193 ARG A CB  1 
ATOM   1391 C  CG  . ARG A 1 193 ? -17.937 13.703  -11.202 1.00 34.22 ? 193 ARG A CG  1 
ATOM   1392 C  CD  . ARG A 1 193 ? -19.008 13.982  -10.137 1.00 33.61 ? 193 ARG A CD  1 
ATOM   1393 N  NE  . ARG A 1 193 ? -20.302 14.348  -10.696 1.00 32.35 ? 193 ARG A NE  1 
ATOM   1394 C  CZ  . ARG A 1 193 ? -21.360 14.705  -9.976  1.00 30.65 ? 193 ARG A CZ  1 
ATOM   1395 N  NH1 . ARG A 1 193 ? -21.278 14.747  -8.667  1.00 29.71 ? 193 ARG A NH1 1 
ATOM   1396 N  NH2 . ARG A 1 193 ? -22.515 15.019  -10.577 1.00 30.88 ? 193 ARG A NH2 1 
ATOM   1397 N  N   . LYS A 1 194 ? -16.259 16.315  -9.279  1.00 39.11 ? 194 LYS A N   1 
ATOM   1398 C  CA  . LYS A 1 194 ? -15.242 15.847  -8.338  1.00 42.09 ? 194 LYS A CA  1 
ATOM   1399 C  C   . LYS A 1 194 ? -15.522 14.438  -7.780  1.00 42.72 ? 194 LYS A C   1 
ATOM   1400 O  O   . LYS A 1 194 ? -16.677 14.061  -7.503  1.00 43.63 ? 194 LYS A O   1 
ATOM   1401 C  CB  . LYS A 1 194 ? -14.861 16.869  -7.265  1.00 42.37 ? 194 LYS A CB  1 
ATOM   1402 C  CG  . LYS A 1 194 ? -15.969 17.478  -6.499  1.00 44.92 ? 194 LYS A CG  1 
ATOM   1403 C  CD  . LYS A 1 194 ? -15.435 18.636  -5.704  1.00 47.60 ? 194 LYS A CD  1 
ATOM   1404 C  CE  . LYS A 1 194 ? -16.045 18.652  -4.326  1.00 49.37 ? 194 LYS A CE  1 
ATOM   1405 N  NZ  . LYS A 1 194 ? -15.548 19.832  -3.581  1.00 52.56 ? 194 LYS A NZ  1 
ATOM   1406 N  N   . TYR A 1 195 ? -14.440 13.672  -7.662  1.00 43.42 ? 195 TYR A N   1 
ATOM   1407 C  CA  . TYR A 1 195 ? -14.489 12.291  -7.254  1.00 43.11 ? 195 TYR A CA  1 
ATOM   1408 C  C   . TYR A 1 195 ? -14.992 12.197  -5.817  1.00 42.89 ? 195 TYR A C   1 
ATOM   1409 O  O   . TYR A 1 195 ? -14.788 13.116  -5.009  1.00 42.01 ? 195 TYR A O   1 
ATOM   1410 C  CB  . TYR A 1 195 ? -13.094 11.645  -7.355  1.00 44.73 ? 195 TYR A CB  1 
ATOM   1411 C  CG  . TYR A 1 195 ? -12.373 11.753  -8.702  1.00 46.01 ? 195 TYR A CG  1 
ATOM   1412 C  CD1 . TYR A 1 195 ? -12.980 11.328  -9.893  1.00 48.04 ? 195 TYR A CD1 1 
ATOM   1413 C  CD2 . TYR A 1 195 ? -11.071 12.257  -8.770  1.00 46.98 ? 195 TYR A CD2 1 
ATOM   1414 C  CE1 . TYR A 1 195 ? -12.307 11.423  -11.145 1.00 47.29 ? 195 TYR A CE1 1 
ATOM   1415 C  CE2 . TYR A 1 195 ? -10.387 12.350  -9.993  1.00 47.96 ? 195 TYR A CE2 1 
ATOM   1416 C  CZ  . TYR A 1 195 ? -11.013 11.932  -11.180 1.00 48.84 ? 195 TYR A CZ  1 
ATOM   1417 O  OH  . TYR A 1 195 ? -10.332 12.032  -12.391 1.00 48.58 ? 195 TYR A OH  1 
ATOM   1418 N  N   . PRO A 1 196 ? -15.635 11.066  -5.483  1.00 42.26 ? 196 PRO A N   1 
ATOM   1419 C  CA  . PRO A 1 196 ? -15.933 10.764  -4.086  1.00 41.98 ? 196 PRO A CA  1 
ATOM   1420 C  C   . PRO A 1 196 ? -14.627 10.544  -3.289  1.00 40.12 ? 196 PRO A C   1 
ATOM   1421 O  O   . PRO A 1 196 ? -13.606 10.273  -3.891  1.00 40.08 ? 196 PRO A O   1 
ATOM   1422 C  CB  . PRO A 1 196 ? -16.761 9.470   -4.176  1.00 42.28 ? 196 PRO A CB  1 
ATOM   1423 C  CG  . PRO A 1 196 ? -16.400 8.860   -5.501  1.00 43.02 ? 196 PRO A CG  1 
ATOM   1424 C  CD  . PRO A 1 196 ? -16.115 10.014  -6.407  1.00 42.68 ? 196 PRO A CD  1 
ATOM   1425 N  N   . THR A 1 197 ? -14.658 10.722  -1.967  1.00 39.09 ? 197 THR A N   1 
ATOM   1426 C  CA  . THR A 1 197 ? -13.475 10.460  -1.120  1.00 38.41 ? 197 THR A CA  1 
ATOM   1427 C  C   . THR A 1 197 ? -13.503 9.072   -0.479  1.00 36.38 ? 197 THR A C   1 
ATOM   1428 O  O   . THR A 1 197 ? -14.322 8.783   0.396   1.00 37.61 ? 197 THR A O   1 
ATOM   1429 C  CB  . THR A 1 197 ? -13.242 11.572  -0.088  1.00 38.72 ? 197 THR A CB  1 
ATOM   1430 O  OG1 . THR A 1 197 ? -12.870 12.755  -0.793  1.00 41.99 ? 197 THR A OG1 1 
ATOM   1431 C  CG2 . THR A 1 197 ? -12.084 11.215  0.877   1.00 39.45 ? 197 THR A CG2 1 
ATOM   1432 N  N   . PHE A 1 198 ? -12.602 8.203   -0.934  1.00 34.26 ? 198 PHE A N   1 
ATOM   1433 C  CA  . PHE A 1 198 ? -12.473 6.861   -0.368  1.00 31.03 ? 198 PHE A CA  1 
ATOM   1434 C  C   . PHE A 1 198 ? -11.496 6.858   0.787   1.00 30.22 ? 198 PHE A C   1 
ATOM   1435 O  O   . PHE A 1 198 ? -10.519 7.611   0.799   1.00 30.39 ? 198 PHE A O   1 
ATOM   1436 C  CB  . PHE A 1 198 ? -12.000 5.879   -1.465  1.00 30.12 ? 198 PHE A CB  1 
ATOM   1437 C  CG  . PHE A 1 198 ? -12.969 5.749   -2.595  1.00 29.15 ? 198 PHE A CG  1 
ATOM   1438 C  CD1 . PHE A 1 198 ? -14.114 4.974   -2.458  1.00 28.89 ? 198 PHE A CD1 1 
ATOM   1439 C  CD2 . PHE A 1 198 ? -12.763 6.416   -3.778  1.00 26.59 ? 198 PHE A CD2 1 
ATOM   1440 C  CE1 . PHE A 1 198 ? -15.016 4.867   -3.503  1.00 27.97 ? 198 PHE A CE1 1 
ATOM   1441 C  CE2 . PHE A 1 198 ? -13.679 6.310   -4.836  1.00 26.21 ? 198 PHE A CE2 1 
ATOM   1442 C  CZ  . PHE A 1 198 ? -14.789 5.554   -4.700  1.00 26.40 ? 198 PHE A CZ  1 
ATOM   1443 N  N   . SER A 1 199 ? -11.713 5.967   1.742   1.00 29.85 ? 199 SER A N   1 
ATOM   1444 C  CA  . SER A 1 199 ? -10.754 5.852   2.836   1.00 28.39 ? 199 SER A CA  1 
ATOM   1445 C  C   . SER A 1 199 ? -10.619 4.420   3.272   1.00 27.78 ? 199 SER A C   1 
ATOM   1446 O  O   . SER A 1 199 ? -11.430 3.562   2.885   1.00 27.54 ? 199 SER A O   1 
ATOM   1447 C  CB  . SER A 1 199 ? -11.175 6.735   4.019   1.00 29.02 ? 199 SER A CB  1 
ATOM   1448 O  OG  . SER A 1 199 ? -12.518 6.445   4.354   1.00 30.42 ? 199 SER A OG  1 
ATOM   1449 N  N   . ILE A 1 200 ? -9.605  4.167   4.085   1.00 26.32 ? 200 ILE A N   1 
ATOM   1450 C  CA  . ILE A 1 200 ? -9.385  2.855   4.682   1.00 27.23 ? 200 ILE A CA  1 
ATOM   1451 C  C   . ILE A 1 200 ? -10.173 2.781   5.990   1.00 29.02 ? 200 ILE A C   1 
ATOM   1452 O  O   . ILE A 1 200 ? -10.092 3.720   6.820   1.00 30.12 ? 200 ILE A O   1 
ATOM   1453 C  CB  . ILE A 1 200 ? -7.854  2.606   4.927   1.00 26.92 ? 200 ILE A CB  1 
ATOM   1454 C  CG1 . ILE A 1 200 ? -7.086  2.709   3.591   1.00 27.56 ? 200 ILE A CG1 1 
ATOM   1455 C  CG2 . ILE A 1 200 ? -7.604  1.285   5.637   1.00 27.12 ? 200 ILE A CG2 1 
ATOM   1456 C  CD1 . ILE A 1 200 ? -5.484  2.806   3.743   1.00 25.77 ? 200 ILE A CD1 1 
ATOM   1457 N  N   . GLY A 1 201 ? -10.948 1.706   6.159   1.00 28.03 ? 201 GLY A N   1 
ATOM   1458 C  CA  . GLY A 1 201 ? -11.616 1.401   7.422   1.00 27.16 ? 201 GLY A CA  1 
ATOM   1459 C  C   . GLY A 1 201 ? -10.793 0.453   8.252   1.00 27.34 ? 201 GLY A C   1 
ATOM   1460 O  O   . GLY A 1 201 ? -9.570  0.577   8.298   1.00 26.86 ? 201 GLY A O   1 
ATOM   1461 N  N   . LYS A 1 202 ? -11.441 -0.493  8.937   1.00 27.65 ? 202 LYS A N   1 
ATOM   1462 C  CA  . LYS A 1 202 ? -10.687 -1.465  9.717   1.00 29.38 ? 202 LYS A CA  1 
ATOM   1463 C  C   . LYS A 1 202 ? -9.626  -2.155  8.851   1.00 28.68 ? 202 LYS A C   1 
ATOM   1464 O  O   . LYS A 1 202 ? -9.847  -2.411  7.672   1.00 28.25 ? 202 LYS A O   1 
ATOM   1465 C  CB  . LYS A 1 202 ? -11.612 -2.537  10.335  1.00 30.75 ? 202 LYS A CB  1 
ATOM   1466 C  CG  . LYS A 1 202 ? -12.392 -2.116  11.583  1.00 31.05 ? 202 LYS A CG  1 
ATOM   1467 C  CD  . LYS A 1 202 ? -12.817 -3.384  12.400  1.00 33.67 ? 202 LYS A CD  1 
ATOM   1468 C  CE  . LYS A 1 202 ? -13.443 -3.010  13.737  1.00 41.46 ? 202 LYS A CE  1 
ATOM   1469 N  NZ  . LYS A 1 202 ? -12.399 -2.711  14.803  1.00 47.88 ? 202 LYS A NZ  1 
ATOM   1470 N  N   . CYS A 1 203 ? -8.476  -2.447  9.451   1.00 28.03 ? 203 CYS A N   1 
ATOM   1471 C  CA  . CYS A 1 203 ? -7.410  -3.131  8.755   1.00 27.41 ? 203 CYS A CA  1 
ATOM   1472 C  C   . CYS A 1 203 ? -6.667  -3.979  9.782   1.00 27.02 ? 203 CYS A C   1 
ATOM   1473 O  O   . CYS A 1 203 ? -6.826  -3.799  11.005  1.00 26.50 ? 203 CYS A O   1 
ATOM   1474 C  CB  . CYS A 1 203 ? -6.496  -2.145  8.001   1.00 27.72 ? 203 CYS A CB  1 
ATOM   1475 S  SG  . CYS A 1 203 ? -5.743  -0.871  9.014   1.00 30.07 ? 203 CYS A SG  1 
ATOM   1476 N  N   . GLY A 1 204 ? -5.849  -4.884  9.293   1.00 26.50 ? 204 GLY A N   1 
ATOM   1477 C  CA  . GLY A 1 204 ? -5.207  -5.855  10.156  1.00 27.14 ? 204 GLY A CA  1 
ATOM   1478 C  C   . GLY A 1 204 ? -4.456  -6.862  9.336   1.00 27.73 ? 204 GLY A C   1 
ATOM   1479 O  O   . GLY A 1 204 ? -4.526  -6.854  8.113   1.00 26.53 ? 204 GLY A O   1 
ATOM   1480 N  N   . ALA A 1 205 ? -3.707  -7.708  10.032  1.00 28.98 ? 205 ALA A N   1 
ATOM   1481 C  CA  . ALA A 1 205 ? -3.013  -8.826  9.421   1.00 29.62 ? 205 ALA A CA  1 
ATOM   1482 C  C   . ALA A 1 205 ? -3.716  -10.072 9.892   1.00 30.06 ? 205 ALA A C   1 
ATOM   1483 O  O   . ALA A 1 205 ? -4.152  -10.144 11.057  1.00 31.56 ? 205 ALA A O   1 
ATOM   1484 C  CB  . ALA A 1 205 ? -1.556  -8.851  9.856   1.00 29.76 ? 205 ALA A CB  1 
ATOM   1485 N  N   . TYR A 1 206 ? -3.880  -11.028 8.982   1.00 28.54 ? 206 TYR A N   1 
ATOM   1486 C  CA  . TYR A 1 206 ? -4.255  -12.384 9.349   1.00 28.50 ? 206 TYR A CA  1 
ATOM   1487 C  C   . TYR A 1 206 ? -3.079  -13.047 10.066  1.00 28.80 ? 206 TYR A C   1 
ATOM   1488 O  O   . TYR A 1 206 ? -1.920  -12.717 9.789   1.00 28.77 ? 206 TYR A O   1 
ATOM   1489 C  CB  . TYR A 1 206 ? -4.592  -13.210 8.106   1.00 26.84 ? 206 TYR A CB  1 
ATOM   1490 C  CG  . TYR A 1 206 ? -5.743  -12.687 7.323   1.00 25.56 ? 206 TYR A CG  1 
ATOM   1491 C  CD1 . TYR A 1 206 ? -7.056  -12.911 7.735   1.00 24.43 ? 206 TYR A CD1 1 
ATOM   1492 C  CD2 . TYR A 1 206 ? -5.531  -11.942 6.163   1.00 22.58 ? 206 TYR A CD2 1 
ATOM   1493 C  CE1 . TYR A 1 206 ? -8.131  -12.413 6.990   1.00 23.06 ? 206 TYR A CE1 1 
ATOM   1494 C  CE2 . TYR A 1 206 ? -6.592  -11.453 5.433   1.00 22.00 ? 206 TYR A CE2 1 
ATOM   1495 C  CZ  . TYR A 1 206 ? -7.877  -11.680 5.851   1.00 23.37 ? 206 TYR A CZ  1 
ATOM   1496 O  OH  . TYR A 1 206 ? -8.913  -11.199 5.097   1.00 25.30 ? 206 TYR A OH  1 
ATOM   1497 N  N   . LEU A 1 207 ? -3.368  -13.998 10.958  1.00 29.06 ? 207 LEU A N   1 
ATOM   1498 C  CA  . LEU A 1 207 ? -2.309  -14.798 11.608  1.00 29.50 ? 207 LEU A CA  1 
ATOM   1499 C  C   . LEU A 1 207 ? -1.452  -15.445 10.547  1.00 29.96 ? 207 LEU A C   1 
ATOM   1500 O  O   . LEU A 1 207 ? -1.960  -16.078 9.613   1.00 30.16 ? 207 LEU A O   1 
ATOM   1501 C  CB  . LEU A 1 207 ? -2.883  -15.939 12.478  1.00 28.96 ? 207 LEU A CB  1 
ATOM   1502 C  CG  . LEU A 1 207 ? -1.882  -16.736 13.353  1.00 29.34 ? 207 LEU A CG  1 
ATOM   1503 C  CD1 . LEU A 1 207 ? -1.504  -15.930 14.616  1.00 31.79 ? 207 LEU A CD1 1 
ATOM   1504 C  CD2 . LEU A 1 207 ? -2.452  -18.103 13.776  1.00 29.97 ? 207 LEU A CD2 1 
ATOM   1505 N  N   . ASP A 1 208 ? -0.150  -15.310 10.698  1.00 31.30 ? 208 ASP A N   1 
ATOM   1506 C  CA  . ASP A 1 208 ? 0.762   -16.110 9.874   1.00 33.89 ? 208 ASP A CA  1 
ATOM   1507 C  C   . ASP A 1 208 ? 1.166   -17.352 10.665  1.00 34.34 ? 208 ASP A C   1 
ATOM   1508 O  O   . ASP A 1 208 ? 1.941   -17.257 11.619  1.00 33.01 ? 208 ASP A O   1 
ATOM   1509 C  CB  . ASP A 1 208 ? 1.987   -15.303 9.438   1.00 34.05 ? 208 ASP A CB  1 
ATOM   1510 C  CG  . ASP A 1 208 ? 2.885   -16.091 8.527   1.00 38.05 ? 208 ASP A CG  1 
ATOM   1511 O  OD1 . ASP A 1 208 ? 2.708   -15.956 7.286   1.00 41.57 ? 208 ASP A OD1 1 
ATOM   1512 O  OD2 . ASP A 1 208 ? 3.739   -16.857 9.043   1.00 36.92 ? 208 ASP A OD2 1 
ATOM   1513 N  N   . SER A 1 209 ? 0.617   -18.499 10.277  1.00 35.67 ? 209 SER A N   1 
ATOM   1514 C  CA  . SER A 1 209 ? 0.667   -19.687 11.137  1.00 38.47 ? 209 SER A CA  1 
ATOM   1515 C  C   . SER A 1 209 ? 2.081   -20.277 11.256  1.00 39.85 ? 209 SER A C   1 
ATOM   1516 O  O   . SER A 1 209 ? 2.460   -20.737 12.334  1.00 39.94 ? 209 SER A O   1 
ATOM   1517 C  CB  . SER A 1 209 ? -0.369  -20.741 10.722  1.00 37.92 ? 209 SER A CB  1 
ATOM   1518 O  OG  . SER A 1 209 ? -0.087  -21.280 9.452   1.00 39.48 ? 209 SER A OG  1 
ATOM   1519 N  N   . SER A 1 210 ? 2.857   -20.218 10.171  1.00 42.30 ? 210 SER A N   1 
ATOM   1520 C  CA  . SER A 1 210 ? 4.271   -20.647 10.192  1.00 44.13 ? 210 SER A CA  1 
ATOM   1521 C  C   . SER A 1 210 ? 5.081   -19.792 11.141  1.00 44.75 ? 210 SER A C   1 
ATOM   1522 O  O   . SER A 1 210 ? 5.850   -20.332 11.933  1.00 46.02 ? 210 SER A O   1 
ATOM   1523 C  CB  . SER A 1 210 ? 4.896   -20.608 8.801   1.00 44.10 ? 210 SER A CB  1 
ATOM   1524 O  OG  . SER A 1 210 ? 4.234   -21.491 7.914   1.00 47.67 ? 210 SER A OG  1 
ATOM   1525 N  N   . GLN A 1 211 ? 4.914   -18.466 11.077  1.00 45.45 ? 211 GLN A N   1 
ATOM   1526 C  CA  . GLN A 1 211 ? 5.527   -17.575 12.075  1.00 46.57 ? 211 GLN A CA  1 
ATOM   1527 C  C   . GLN A 1 211 ? 4.979   -17.758 13.489  1.00 47.22 ? 211 GLN A C   1 
ATOM   1528 O  O   . GLN A 1 211 ? 5.732   -17.628 14.452  1.00 47.75 ? 211 GLN A O   1 
ATOM   1529 C  CB  . GLN A 1 211 ? 5.420   -16.089 11.676  1.00 47.23 ? 211 GLN A CB  1 
ATOM   1530 C  CG  . GLN A 1 211 ? 6.566   -15.555 10.805  1.00 48.04 ? 211 GLN A CG  1 
ATOM   1531 C  CD  . GLN A 1 211 ? 7.934   -15.615 11.502  1.00 51.66 ? 211 GLN A CD  1 
ATOM   1532 O  OE1 . GLN A 1 211 ? 8.853   -16.274 11.010  1.00 54.43 ? 211 GLN A OE1 1 
ATOM   1533 N  NE2 . GLN A 1 211 ? 8.063   -14.945 12.650  1.00 51.00 ? 211 GLN A NE2 1 
ATOM   1534 N  N   . ALA A 1 212 ? 3.676   -18.045 13.626  1.00 47.17 ? 212 ALA A N   1 
ATOM   1535 C  CA  . ALA A 1 212 ? 3.044   -18.149 14.953  1.00 47.67 ? 212 ALA A CA  1 
ATOM   1536 C  C   . ALA A 1 212 ? 3.287   -19.478 15.708  1.00 47.69 ? 212 ALA A C   1 
ATOM   1537 O  O   . ALA A 1 212 ? 3.363   -19.474 16.929  1.00 47.44 ? 212 ALA A O   1 
ATOM   1538 C  CB  . ALA A 1 212 ? 1.556   -17.864 14.860  1.00 47.76 ? 212 ALA A CB  1 
ATOM   1539 N  N   . GLN A 1 213 ? 3.382   -20.597 14.990  1.00 48.25 ? 213 GLN A N   1 
ATOM   1540 C  CA  . GLN A 1 213 ? 3.547   -21.914 15.617  1.00 49.43 ? 213 GLN A CA  1 
ATOM   1541 C  C   . GLN A 1 213 ? 4.771   -21.964 16.548  1.00 51.10 ? 213 GLN A C   1 
ATOM   1542 O  O   . GLN A 1 213 ? 5.755   -21.237 16.342  1.00 51.02 ? 213 GLN A O   1 
ATOM   1543 C  CB  . GLN A 1 213 ? 3.592   -23.046 14.575  1.00 48.79 ? 213 GLN A CB  1 
ATOM   1544 C  CG  . GLN A 1 213 ? 4.793   -23.041 13.641  1.00 48.51 ? 213 GLN A CG  1 
ATOM   1545 C  CD  . GLN A 1 213 ? 4.791   -24.194 12.642  1.00 49.15 ? 213 GLN A CD  1 
ATOM   1546 O  OE1 . GLN A 1 213 ? 3.825   -24.950 12.533  1.00 48.80 ? 213 GLN A OE1 1 
ATOM   1547 N  NE2 . GLN A 1 213 ? 5.875   -24.318 11.894  1.00 49.86 ? 213 GLN A NE2 1 
ATOM   1548 N  N   . ARG A 1 214 ? 4.675   -22.798 17.585  1.00 52.63 ? 214 ARG A N   1 
ATOM   1549 C  CA  . ARG A 1 214 ? 5.719   -22.935 18.617  1.00 54.70 ? 214 ARG A CA  1 
ATOM   1550 C  C   . ARG A 1 214 ? 5.920   -24.410 18.939  1.00 54.48 ? 214 ARG A C   1 
ATOM   1551 O  O   . ARG A 1 214 ? 4.943   -25.134 19.175  1.00 54.43 ? 214 ARG A O   1 
ATOM   1552 C  CB  . ARG A 1 214 ? 5.326   -22.187 19.898  1.00 54.28 ? 214 ARG A CB  1 
ATOM   1553 C  CG  . ARG A 1 214 ? 5.419   -20.665 19.786  1.00 56.40 ? 214 ARG A CG  1 
ATOM   1554 C  CD  . ARG A 1 214 ? 4.676   -19.953 20.927  1.00 57.69 ? 214 ARG A CD  1 
ATOM   1555 N  NE  . ARG A 1 214 ? 5.124   -18.565 21.074  1.00 64.78 ? 214 ARG A NE  1 
ATOM   1556 C  CZ  . ARG A 1 214 ? 4.617   -17.681 21.935  1.00 69.07 ? 214 ARG A CZ  1 
ATOM   1557 N  NH1 . ARG A 1 214 ? 3.612   -18.018 22.751  1.00 71.36 ? 214 ARG A NH1 1 
ATOM   1558 N  NH2 . ARG A 1 214 ? 5.116   -16.440 21.981  1.00 69.86 ? 214 ARG A NH2 1 
HETATM 1559 CL CL  . CL  B 2 .   ? -11.619 -11.041 6.254   1.00 23.09 ? 501 CL  A CL  1 
HETATM 1560 CL CL  . CL  C 2 .   ? 6.124   7.500   -11.544 1.00 33.57 ? 502 CL  A CL  1 
HETATM 1561 O  O   . HOH D 3 .   ? -6.701  -14.773 4.045   1.00 19.98 ? 503 HOH A O   1 
HETATM 1562 O  O   . HOH D 3 .   ? 0.707   -0.585  -7.672  1.00 23.89 ? 504 HOH A O   1 
HETATM 1563 O  O   . HOH D 3 .   ? 2.546   -8.178  -13.397 1.00 28.70 ? 505 HOH A O   1 
HETATM 1564 O  O   . HOH D 3 .   ? 4.449   2.413   -6.091  1.00 29.43 ? 506 HOH A O   1 
HETATM 1565 O  O   . HOH D 3 .   ? 6.615   4.555   0.033   1.00 27.18 ? 507 HOH A O   1 
HETATM 1566 O  O   . HOH D 3 .   ? -5.938  -16.825 2.120   1.00 24.49 ? 508 HOH A O   1 
HETATM 1567 O  O   . HOH D 3 .   ? -15.955 -5.677  4.905   1.00 27.16 ? 509 HOH A O   1 
HETATM 1568 O  O   . HOH D 3 .   ? 6.546   -17.561 7.017   1.00 38.70 ? 510 HOH A O   1 
HETATM 1569 O  O   . HOH D 3 .   ? -17.534 -5.123  -8.819  1.00 29.51 ? 511 HOH A O   1 
HETATM 1570 O  O   . HOH D 3 .   ? 6.968   0.139   -11.724 1.00 32.98 ? 512 HOH A O   1 
HETATM 1571 O  O   . HOH D 3 .   ? -3.151  -16.212 -2.887  1.00 32.97 ? 513 HOH A O   1 
HETATM 1572 O  O   . HOH D 3 .   ? -15.296 9.322   -19.064 1.00 43.80 ? 514 HOH A O   1 
HETATM 1573 O  O   . HOH D 3 .   ? -9.793  -6.050  12.261  1.00 34.75 ? 515 HOH A O   1 
HETATM 1574 O  O   . HOH D 3 .   ? -16.515 -6.514  -10.762 1.00 27.26 ? 516 HOH A O   1 
HETATM 1575 O  O   . HOH D 3 .   ? -12.307 -7.965  -10.956 1.00 27.70 ? 517 HOH A O   1 
HETATM 1576 O  O   . HOH D 3 .   ? 4.091   -16.537 5.012   1.00 36.10 ? 518 HOH A O   1 
HETATM 1577 O  O   . HOH D 3 .   ? -14.299 -0.863  8.556   1.00 29.26 ? 519 HOH A O   1 
HETATM 1578 O  O   . HOH D 3 .   ? -18.509 -5.677  6.024   1.00 33.78 ? 520 HOH A O   1 
HETATM 1579 O  O   . HOH D 3 .   ? -6.467  -14.832 10.939  1.00 32.64 ? 521 HOH A O   1 
HETATM 1580 O  O   . HOH D 3 .   ? -6.717  -9.517  12.708  1.00 36.83 ? 522 HOH A O   1 
HETATM 1581 O  O   . HOH D 3 .   ? 11.849  3.632   -14.760 1.00 35.57 ? 523 HOH A O   1 
HETATM 1582 O  O   . HOH D 3 .   ? -5.007  7.145   -18.636 1.00 41.10 ? 524 HOH A O   1 
HETATM 1583 O  O   . HOH D 3 .   ? 1.657   6.985   -14.790 1.00 39.89 ? 525 HOH A O   1 
HETATM 1584 O  O   . HOH D 3 .   ? -15.743 -7.220  -0.048  1.00 28.71 ? 526 HOH A O   1 
HETATM 1585 O  O   . HOH D 3 .   ? 1.984   -11.312 9.389   1.00 43.15 ? 527 HOH A O   1 
HETATM 1586 O  O   . HOH D 3 .   ? 1.734   -2.640  14.717  1.00 43.63 ? 528 HOH A O   1 
HETATM 1587 O  O   . HOH D 3 .   ? -3.614  9.178   3.077   1.00 34.31 ? 529 HOH A O   1 
HETATM 1588 O  O   . HOH D 3 .   ? -4.780  -15.891 6.013   1.00 28.63 ? 530 HOH A O   1 
HETATM 1589 O  O   . HOH D 3 .   ? -9.559  9.650   -12.742 1.00 39.74 ? 531 HOH A O   1 
HETATM 1590 O  O   . HOH D 3 .   ? -5.487  10.857  5.054   1.00 32.12 ? 532 HOH A O   1 
HETATM 1591 O  O   . HOH D 3 .   ? 0.058   1.631   -19.873 1.00 42.34 ? 533 HOH A O   1 
HETATM 1592 O  O   . HOH D 3 .   ? -16.581 8.132   4.914   1.00 38.36 ? 534 HOH A O   1 
HETATM 1593 O  O   . HOH D 3 .   ? 14.902  -11.191 0.740   1.00 38.04 ? 535 HOH A O   1 
HETATM 1594 O  O   . HOH D 3 .   ? 9.373   -5.778  -6.788  1.00 30.09 ? 536 HOH A O   1 
HETATM 1595 O  O   . HOH D 3 .   ? 1.673   0.479   13.726  1.00 38.58 ? 537 HOH A O   1 
HETATM 1596 O  O   . HOH D 3 .   ? 19.010  6.956   -4.242  1.00 46.01 ? 538 HOH A O   1 
HETATM 1597 O  O   . HOH D 3 .   ? -6.418  -0.287  -24.747 1.00 43.68 ? 539 HOH A O   1 
HETATM 1598 O  O   . HOH D 3 .   ? 14.746  -3.502  3.329   1.00 40.69 ? 540 HOH A O   1 
HETATM 1599 O  O   . HOH D 3 .   ? 6.161   1.011   3.730   1.00 36.62 ? 541 HOH A O   1 
HETATM 1600 O  O   . HOH D 3 .   ? -19.207 17.236  -5.804  1.00 51.61 ? 542 HOH A O   1 
HETATM 1601 O  O   . HOH D 3 .   ? 7.326   -3.501  -14.781 1.00 38.66 ? 543 HOH A O   1 
HETATM 1602 O  O   . HOH D 3 .   ? -11.086 9.139   7.310   1.00 45.57 ? 544 HOH A O   1 
HETATM 1603 O  O   . HOH D 3 .   ? 12.051  -5.892  -5.324  1.00 39.45 ? 545 HOH A O   1 
HETATM 1604 O  O   . HOH D 3 .   ? -10.460 8.907   -2.630  1.00 31.71 ? 546 HOH A O   1 
HETATM 1605 O  O   . HOH D 3 .   ? 8.541   -3.908  -8.840  1.00 39.18 ? 547 HOH A O   1 
HETATM 1606 O  O   . HOH D 3 .   ? -20.807 -0.066  6.893   1.00 37.01 ? 548 HOH A O   1 
HETATM 1607 O  O   . HOH D 3 .   ? -0.499  4.252   -23.019 1.00 44.68 ? 549 HOH A O   1 
HETATM 1608 O  O   . HOH D 3 .   ? 4.349   -0.426  -15.030 1.00 39.83 ? 550 HOH A O   1 
HETATM 1609 O  O   . HOH D 3 .   ? -2.117  -15.746 6.637   1.00 27.70 ? 551 HOH A O   1 
HETATM 1610 O  O   . HOH D 3 .   ? -11.904 15.557  -7.118  1.00 37.79 ? 552 HOH A O   1 
HETATM 1611 O  O   . HOH D 3 .   ? -4.006  -7.078  13.083  1.00 33.05 ? 553 HOH A O   1 
HETATM 1612 O  O   . HOH D 3 .   ? -7.547  1.789   -20.269 1.00 53.10 ? 554 HOH A O   1 
HETATM 1613 O  O   . HOH D 3 .   ? -0.196  -12.388 7.936   1.00 37.50 ? 555 HOH A O   1 
HETATM 1614 O  O   . HOH D 3 .   ? 0.293   -15.001 6.301   1.00 40.09 ? 556 HOH A O   1 
HETATM 1615 O  O   . HOH D 3 .   ? 7.075   0.242   -14.420 1.00 40.05 ? 557 HOH A O   1 
HETATM 1616 O  O   . HOH D 3 .   ? -5.351  -1.562  12.848  1.00 45.84 ? 558 HOH A O   1 
HETATM 1617 O  O   . HOH D 3 .   ? -5.484  -3.434  15.173  1.00 48.99 ? 559 HOH A O   1 
HETATM 1618 O  O   . HOH D 3 .   ? -12.426 -1.999  -13.472 1.00 41.33 ? 560 HOH A O   1 
HETATM 1619 O  O   . HOH D 3 .   ? -22.641 2.380   8.984   1.00 59.14 ? 561 HOH A O   1 
HETATM 1620 O  O   . HOH D 3 .   ? 4.757   13.294  3.779   1.00 42.96 ? 562 HOH A O   1 
HETATM 1621 O  O   . HOH D 3 .   ? -4.973  9.512   8.858   1.00 50.20 ? 563 HOH A O   1 
HETATM 1622 O  O   . HOH D 3 .   ? -3.931  -9.593  -14.811 1.00 40.68 ? 564 HOH A O   1 
HETATM 1623 O  O   . HOH D 3 .   ? 11.580  -15.575 11.904  1.00 49.07 ? 565 HOH A O   1 
HETATM 1624 O  O   . HOH D 3 .   ? 17.350  -7.173  1.764   1.00 53.70 ? 566 HOH A O   1 
HETATM 1625 O  O   . HOH D 3 .   ? -18.186 -5.040  -2.075  1.00 42.49 ? 567 HOH A O   1 
HETATM 1626 O  O   . HOH D 3 .   ? -7.636  5.891   12.753  1.00 43.80 ? 568 HOH A O   1 
HETATM 1627 O  O   . HOH D 3 .   ? 1.226   -13.949 12.782  1.00 39.05 ? 569 HOH A O   1 
HETATM 1628 O  O   . HOH D 3 .   ? 8.808   -13.399 0.628   1.00 40.14 ? 570 HOH A O   1 
HETATM 1629 O  O   . HOH D 3 .   ? -14.272 7.910   3.347   1.00 32.30 ? 571 HOH A O   1 
HETATM 1630 O  O   . HOH D 3 .   ? 0.467   -15.789 -5.813  1.00 44.97 ? 572 HOH A O   1 
HETATM 1631 O  O   . HOH D 3 .   ? -17.905 2.752   7.888   1.00 47.08 ? 573 HOH A O   1 
HETATM 1632 O  O   . HOH D 3 .   ? -19.170 13.548  -6.834  1.00 45.26 ? 574 HOH A O   1 
HETATM 1633 O  O   . HOH D 3 .   ? -12.388 -9.720  0.160   1.00 35.59 ? 575 HOH A O   1 
HETATM 1634 O  O   . HOH D 3 .   ? -19.101 17.280  -8.590  1.00 40.19 ? 576 HOH A O   1 
HETATM 1635 O  O   . HOH D 3 .   ? -11.657 -13.567 -0.199  1.00 28.49 ? 577 HOH A O   1 
HETATM 1636 O  O   . HOH D 3 .   ? -9.869  -14.456 -1.377  1.00 26.05 ? 578 HOH A O   1 
HETATM 1637 O  O   . HOH D 3 .   ? -8.072  -1.365  12.257  1.00 32.69 ? 579 HOH A O   1 
# 
loop_
_pdbx_poly_seq_scheme.asym_id 
_pdbx_poly_seq_scheme.entity_id 
_pdbx_poly_seq_scheme.seq_id 
_pdbx_poly_seq_scheme.mon_id 
_pdbx_poly_seq_scheme.ndb_seq_num 
_pdbx_poly_seq_scheme.pdb_seq_num 
_pdbx_poly_seq_scheme.auth_seq_num 
_pdbx_poly_seq_scheme.pdb_mon_id 
_pdbx_poly_seq_scheme.auth_mon_id 
_pdbx_poly_seq_scheme.pdb_strand_id 
_pdbx_poly_seq_scheme.pdb_ins_code 
_pdbx_poly_seq_scheme.hetero 
A 1 1   MET 1   1   1   MET MET A . n 
A 1 2   ASN 2   2   2   ASN ASN A . n 
A 1 3   TYR 3   3   3   TYR TYR A . n 
A 1 4   SER 4   4   4   SER SER A . n 
A 1 5   LEU 5   5   5   LEU LEU A . n 
A 1 6   GLU 6   6   6   GLU GLU A . n 
A 1 7   ASP 7   7   7   ASP ASP A . n 
A 1 8   LEU 8   8   8   LEU LEU A . n 
A 1 9   PRO 9   9   9   PRO PRO A . n 
A 1 10  ASN 10  10  10  ASN ASN A . n 
A 1 11  SER 11  11  11  SER SER A . n 
A 1 12  GLY 12  12  12  GLY GLY A . n 
A 1 13  LYS 13  13  13  LYS LYS A . n 
A 1 14  ASN 14  14  14  ASN ASN A . n 
A 1 15  PRO 15  15  15  PRO PRO A . n 
A 1 16  ARG 16  16  16  ARG ARG A . n 
A 1 17  VAL 17  17  17  VAL VAL A . n 
A 1 18  TYR 18  18  18  TYR TYR A . n 
A 1 19  MET 19  19  19  MET MET A . n 
A 1 20  ASP 20  20  20  ASP ASP A . n 
A 1 21  ILE 21  21  21  ILE ILE A . n 
A 1 22  VAL 22  22  22  VAL VAL A . n 
A 1 23  LEU 23  23  23  LEU LEU A . n 
A 1 24  ASN 24  24  24  ASN ASN A . n 
A 1 25  ASN 25  25  25  ASN ASN A . n 
A 1 26  GLU 26  26  26  GLU GLU A . n 
A 1 27  ILE 27  27  27  ILE ILE A . n 
A 1 28  ILE 28  28  28  ILE ILE A . n 
A 1 29  GLY 29  29  29  GLY GLY A . n 
A 1 30  ARG 30  30  30  ARG ARG A . n 
A 1 31  LEU 31  31  31  LEU LEU A . n 
A 1 32  GLN 32  32  32  GLN GLN A . n 
A 1 33  ILE 33  33  33  ILE ILE A . n 
A 1 34  LYS 34  34  34  LYS LYS A . n 
A 1 35  LEU 35  35  35  LEU LEU A . n 
A 1 36  PHE 36  36  36  PHE PHE A . n 
A 1 37  ARG 37  37  37  ARG ARG A . n 
A 1 38  ASP 38  38  38  ASP ASP A . n 
A 1 39  ALA 39  39  39  ALA ALA A . n 
A 1 40  PHE 40  40  40  PHE PHE A . n 
A 1 41  PRO 41  41  41  PRO PRO A . n 
A 1 42  ALA 42  42  42  ALA ALA A . n 
A 1 43  GLY 43  43  43  GLY GLY A . n 
A 1 44  VAL 44  44  44  VAL VAL A . n 
A 1 45  GLU 45  45  45  GLU GLU A . n 
A 1 46  ASN 46  46  46  ASN ASN A . n 
A 1 47  PHE 47  47  47  PHE PHE A . n 
A 1 48  VAL 48  48  48  VAL VAL A . n 
A 1 49  GLN 49  49  49  GLN GLN A . n 
A 1 50  LEU 50  50  50  LEU LEU A . n 
A 1 51  THR 51  51  51  THR THR A . n 
A 1 52  ASN 52  52  52  ASN ASN A . n 
A 1 53  GLY 53  53  53  GLY GLY A . n 
A 1 54  LYS 54  54  54  LYS LYS A . n 
A 1 55  THR 55  55  55  THR THR A . n 
A 1 56  TYR 56  56  56  TYR TYR A . n 
A 1 57  ARG 57  57  57  ARG ARG A . n 
A 1 58  VAL 58  58  ?   ?   ?   A . n 
A 1 59  ASN 59  59  ?   ?   ?   A . n 
A 1 60  SER 60  60  ?   ?   ?   A . n 
A 1 61  ASN 61  61  ?   ?   ?   A . n 
A 1 62  GLY 62  62  ?   ?   ?   A . n 
A 1 63  THR 63  63  ?   ?   ?   A . n 
A 1 64  GLY 64  64  ?   ?   ?   A . n 
A 1 65  LYS 65  65  ?   ?   ?   A . n 
A 1 66  TYR 66  66  ?   ?   ?   A . n 
A 1 67  LYS 67  67  ?   ?   ?   A . n 
A 1 68  TYR 68  68  ?   ?   ?   A . n 
A 1 69  ASN 69  69  ?   ?   ?   A . n 
A 1 70  ARG 70  70  ?   ?   ?   A . n 
A 1 71  HIS 71  71  ?   ?   ?   A . n 
A 1 72  ILE 72  72  ?   ?   ?   A . n 
A 1 73  ASN 73  73  73  ASN ASN A . n 
A 1 74  ARG 74  74  74  ARG ARG A . n 
A 1 75  THR 75  75  75  THR THR A . n 
A 1 76  TYR 76  76  76  TYR TYR A . n 
A 1 77  GLU 77  77  77  GLU GLU A . n 
A 1 78  GLY 78  78  78  GLY GLY A . n 
A 1 79  CYS 79  79  79  CYS CYS A . n 
A 1 80  LYS 80  80  80  LYS LYS A . n 
A 1 81  PHE 81  81  81  PHE PHE A . n 
A 1 82  HIS 82  82  82  HIS HIS A . n 
A 1 83  ASN 83  83  83  ASN ASN A . n 
A 1 84  VAL 84  84  84  VAL VAL A . n 
A 1 85  LEU 85  85  85  LEU LEU A . n 
A 1 86  HIS 86  86  86  HIS HIS A . n 
A 1 87  ASN 87  87  87  ASN ASN A . n 
A 1 88  ASN 88  88  88  ASN ASN A . n 
A 1 89  TYR 89  89  89  TYR TYR A . n 
A 1 90  ILE 90  90  90  ILE ILE A . n 
A 1 91  VAL 91  91  91  VAL VAL A . n 
A 1 92  SER 92  92  92  SER SER A . n 
A 1 93  GLY 93  93  93  GLY GLY A . n 
A 1 94  ASP 94  94  94  ASP ASP A . n 
A 1 95  ILE 95  95  95  ILE ILE A . n 
A 1 96  TYR 96  96  96  TYR TYR A . n 
A 1 97  ASN 97  97  ?   ?   ?   A . n 
A 1 98  SER 98  98  ?   ?   ?   A . n 
A 1 99  ASN 99  99  ?   ?   ?   A . n 
A 1 100 GLY 100 100 ?   ?   ?   A . n 
A 1 101 SER 101 101 101 SER SER A . n 
A 1 102 SER 102 102 102 SER SER A . n 
A 1 103 ALA 103 103 103 ALA ALA A . n 
A 1 104 GLY 104 104 104 GLY GLY A . n 
A 1 105 THR 105 105 105 THR THR A . n 
A 1 106 VAL 106 106 106 VAL VAL A . n 
A 1 107 TYR 107 107 107 TYR TYR A . n 
A 1 108 CYS 108 108 108 CYS CYS A . n 
A 1 109 ASP 109 109 109 ASP ASP A . n 
A 1 110 GLU 110 110 110 GLU GLU A . n 
A 1 111 PRO 111 111 111 PRO PRO A . n 
A 1 112 ILE 112 112 112 ILE ILE A . n 
A 1 113 PRO 113 113 113 PRO PRO A . n 
A 1 114 PRO 114 114 114 PRO PRO A . n 
A 1 115 VAL 115 115 115 VAL VAL A . n 
A 1 116 PHE 116 116 116 PHE PHE A . n 
A 1 117 GLY 117 117 117 GLY GLY A . n 
A 1 118 ASP 118 118 118 ASP ASP A . n 
A 1 119 TYR 119 119 119 TYR TYR A . n 
A 1 120 PHE 120 120 120 PHE PHE A . n 
A 1 121 TYR 121 121 121 TYR TYR A . n 
A 1 122 PRO 122 122 122 PRO PRO A . n 
A 1 123 HIS 123 123 123 HIS HIS A . n 
A 1 124 GLU 124 124 124 GLU GLU A . n 
A 1 125 SER 125 125 125 SER SER A . n 
A 1 126 LYS 126 126 126 LYS LYS A . n 
A 1 127 GLY 127 127 127 GLY GLY A . n 
A 1 128 LEU 128 128 128 LEU LEU A . n 
A 1 129 LEU 129 129 129 LEU LEU A . n 
A 1 130 SER 130 130 130 SER SER A . n 
A 1 131 LEU 131 131 131 LEU LEU A . n 
A 1 132 VAL 132 132 132 VAL VAL A . n 
A 1 133 PRO 133 133 133 PRO PRO A . n 
A 1 134 TYR 134 134 134 TYR TYR A . n 
A 1 135 THR 135 135 135 THR THR A . n 
A 1 136 ASP 136 136 136 ASP ASP A . n 
A 1 137 GLU 137 137 137 GLU GLU A . n 
A 1 138 SER 138 138 138 SER SER A . n 
A 1 139 GLY 139 139 139 GLY GLY A . n 
A 1 140 ASN 140 140 140 ASN ASN A . n 
A 1 141 ARG 141 141 141 ARG ARG A . n 
A 1 142 TYR 142 142 142 TYR TYR A . n 
A 1 143 TYR 143 143 143 TYR TYR A . n 
A 1 144 ASP 144 144 144 ASP ASP A . n 
A 1 145 SER 145 145 145 SER SER A . n 
A 1 146 THR 146 146 146 THR THR A . n 
A 1 147 PHE 147 147 147 PHE PHE A . n 
A 1 148 MET 148 148 148 MET MET A . n 
A 1 149 ILE 149 149 149 ILE ILE A . n 
A 1 150 THR 150 150 150 THR THR A . n 
A 1 151 LEU 151 151 151 LEU LEU A . n 
A 1 152 ASP 152 152 152 ASP ASP A . n 
A 1 153 ASP 153 153 153 ASP ASP A . n 
A 1 154 ILE 154 154 154 ILE ILE A . n 
A 1 155 ARG 155 155 155 ARG ARG A . n 
A 1 156 PRO 156 156 156 PRO PRO A . n 
A 1 157 SER 157 157 157 SER SER A . n 
A 1 158 ASN 158 158 158 ASN ASN A . n 
A 1 159 VAL 159 159 159 VAL VAL A . n 
A 1 160 LEU 160 160 160 LEU LEU A . n 
A 1 161 ASP 161 161 161 ASP ASP A . n 
A 1 162 GLU 162 162 162 GLU GLU A . n 
A 1 163 LEU 163 163 163 LEU LEU A . n 
A 1 164 ASP 164 164 164 ASP ASP A . n 
A 1 165 ARG 165 165 165 ARG ARG A . n 
A 1 166 ASP 166 166 166 ASP ASP A . n 
A 1 167 GLN 167 167 167 GLN GLN A . n 
A 1 168 VAL 168 168 168 VAL VAL A . n 
A 1 169 VAL 169 169 169 VAL VAL A . n 
A 1 170 ILE 170 170 170 ILE ILE A . n 
A 1 171 GLY 171 171 171 GLY GLY A . n 
A 1 172 GLN 172 172 172 GLN GLN A . n 
A 1 173 VAL 173 173 173 VAL VAL A . n 
A 1 174 TYR 174 174 174 TYR TYR A . n 
A 1 175 GLY 175 175 175 GLY GLY A . n 
A 1 176 GLY 176 176 176 GLY GLY A . n 
A 1 177 LEU 177 177 177 LEU LEU A . n 
A 1 178 ASP 178 178 178 ASP ASP A . n 
A 1 179 VAL 179 179 179 VAL VAL A . n 
A 1 180 LEU 180 180 180 LEU LEU A . n 
A 1 181 ASP 181 181 181 ASP ASP A . n 
A 1 182 LYS 182 182 182 LYS LYS A . n 
A 1 183 ILE 183 183 183 ILE ILE A . n 
A 1 184 ASN 184 184 184 ASN ASN A . n 
A 1 185 SER 185 185 185 SER SER A . n 
A 1 186 MET 186 186 186 MET MET A . n 
A 1 187 ILE 187 187 187 ILE ILE A . n 
A 1 188 LYS 188 188 188 LYS LYS A . n 
A 1 189 PRO 189 189 189 PRO PRO A . n 
A 1 190 TYR 190 190 190 TYR TYR A . n 
A 1 191 ALA 191 191 191 ALA ALA A . n 
A 1 192 GLY 192 192 192 GLY GLY A . n 
A 1 193 ARG 193 193 193 ARG ARG A . n 
A 1 194 LYS 194 194 194 LYS LYS A . n 
A 1 195 TYR 195 195 195 TYR TYR A . n 
A 1 196 PRO 196 196 196 PRO PRO A . n 
A 1 197 THR 197 197 197 THR THR A . n 
A 1 198 PHE 198 198 198 PHE PHE A . n 
A 1 199 SER 199 199 199 SER SER A . n 
A 1 200 ILE 200 200 200 ILE ILE A . n 
A 1 201 GLY 201 201 201 GLY GLY A . n 
A 1 202 LYS 202 202 202 LYS LYS A . n 
A 1 203 CYS 203 203 203 CYS CYS A . n 
A 1 204 GLY 204 204 204 GLY GLY A . n 
A 1 205 ALA 205 205 205 ALA ALA A . n 
A 1 206 TYR 206 206 206 TYR TYR A . n 
A 1 207 LEU 207 207 207 LEU LEU A . n 
A 1 208 ASP 208 208 208 ASP ASP A . n 
A 1 209 SER 209 209 209 SER SER A . n 
A 1 210 SER 210 210 210 SER SER A . n 
A 1 211 GLN 211 211 211 GLN GLN A . n 
A 1 212 ALA 212 212 212 ALA ALA A . n 
A 1 213 GLN 213 213 213 GLN GLN A . n 
A 1 214 ARG 214 214 214 ARG ARG A . n 
A 1 215 LYS 215 215 ?   ?   ?   A . n 
A 1 216 ARG 216 216 ?   ?   ?   A . n 
A 1 217 PRO 217 217 ?   ?   ?   A . n 
A 1 218 VAL 218 218 ?   ?   ?   A . n 
A 1 219 ASN 219 219 ?   ?   ?   A . n 
A 1 220 VAL 220 220 ?   ?   ?   A . n 
A 1 221 ASN 221 221 ?   ?   ?   A . n 
A 1 222 GLY 222 222 ?   ?   ?   A . n 
A 1 223 THR 223 223 ?   ?   ?   A . n 
A 1 224 LYS 224 224 ?   ?   ?   A . n 
A 1 225 ARG 225 225 ?   ?   ?   A . n 
A 1 226 PHE 226 226 ?   ?   ?   A . n 
A 1 227 LEU 227 227 ?   ?   ?   A . n 
A 1 228 ASN 228 228 ?   ?   ?   A . n 
A 1 229 LYS 229 229 ?   ?   ?   A . n 
A 1 230 PRO 230 230 ?   ?   ?   A . n 
A 1 231 THR 231 231 ?   ?   ?   A . n 
A 1 232 ARG 232 232 ?   ?   ?   A . n 
A 1 233 VAL 233 233 ?   ?   ?   A . n 
A 1 234 ASN 234 234 ?   ?   ?   A . n 
# 
loop_
_pdbx_nonpoly_scheme.asym_id 
_pdbx_nonpoly_scheme.entity_id 
_pdbx_nonpoly_scheme.mon_id 
_pdbx_nonpoly_scheme.ndb_seq_num 
_pdbx_nonpoly_scheme.pdb_seq_num 
_pdbx_nonpoly_scheme.auth_seq_num 
_pdbx_nonpoly_scheme.pdb_mon_id 
_pdbx_nonpoly_scheme.auth_mon_id 
_pdbx_nonpoly_scheme.pdb_strand_id 
_pdbx_nonpoly_scheme.pdb_ins_code 
B 2 CL  1  501 1  CL  CL  A . 
C 2 CL  1  502 2  CL  CL  A . 
D 3 HOH 1  503 1  HOH HOH A . 
D 3 HOH 2  504 2  HOH HOH A . 
D 3 HOH 3  505 3  HOH HOH A . 
D 3 HOH 4  506 4  HOH HOH A . 
D 3 HOH 5  507 5  HOH HOH A . 
D 3 HOH 6  508 6  HOH HOH A . 
D 3 HOH 7  509 7  HOH HOH A . 
D 3 HOH 8  510 8  HOH HOH A . 
D 3 HOH 9  511 9  HOH HOH A . 
D 3 HOH 10 512 10 HOH HOH A . 
D 3 HOH 11 513 11 HOH HOH A . 
D 3 HOH 12 514 12 HOH HOH A . 
D 3 HOH 13 515 13 HOH HOH A . 
D 3 HOH 14 516 14 HOH HOH A . 
D 3 HOH 15 517 15 HOH HOH A . 
D 3 HOH 16 518 16 HOH HOH A . 
D 3 HOH 17 519 17 HOH HOH A . 
D 3 HOH 18 520 18 HOH HOH A . 
D 3 HOH 19 521 19 HOH HOH A . 
D 3 HOH 20 522 20 HOH HOH A . 
D 3 HOH 21 523 21 HOH HOH A . 
D 3 HOH 22 524 22 HOH HOH A . 
D 3 HOH 23 525 23 HOH HOH A . 
D 3 HOH 24 526 24 HOH HOH A . 
D 3 HOH 25 527 25 HOH HOH A . 
D 3 HOH 26 528 26 HOH HOH A . 
D 3 HOH 27 529 27 HOH HOH A . 
D 3 HOH 28 530 28 HOH HOH A . 
D 3 HOH 29 531 29 HOH HOH A . 
D 3 HOH 30 532 30 HOH HOH A . 
D 3 HOH 31 533 31 HOH HOH A . 
D 3 HOH 32 534 32 HOH HOH A . 
D 3 HOH 33 535 33 HOH HOH A . 
D 3 HOH 34 536 34 HOH HOH A . 
D 3 HOH 35 537 35 HOH HOH A . 
D 3 HOH 36 538 36 HOH HOH A . 
D 3 HOH 37 539 37 HOH HOH A . 
D 3 HOH 38 540 38 HOH HOH A . 
D 3 HOH 39 541 39 HOH HOH A . 
D 3 HOH 40 542 40 HOH HOH A . 
D 3 HOH 41 543 41 HOH HOH A . 
D 3 HOH 42 544 42 HOH HOH A . 
D 3 HOH 43 545 43 HOH HOH A . 
D 3 HOH 44 546 44 HOH HOH A . 
D 3 HOH 45 547 45 HOH HOH A . 
D 3 HOH 46 548 46 HOH HOH A . 
D 3 HOH 47 549 47 HOH HOH A . 
D 3 HOH 48 550 48 HOH HOH A . 
D 3 HOH 49 551 49 HOH HOH A . 
D 3 HOH 50 552 50 HOH HOH A . 
D 3 HOH 51 553 51 HOH HOH A . 
D 3 HOH 52 554 52 HOH HOH A . 
D 3 HOH 53 555 53 HOH HOH A . 
D 3 HOH 54 556 54 HOH HOH A . 
D 3 HOH 55 557 55 HOH HOH A . 
D 3 HOH 56 558 56 HOH HOH A . 
D 3 HOH 57 559 57 HOH HOH A . 
D 3 HOH 58 560 58 HOH HOH A . 
D 3 HOH 59 561 59 HOH HOH A . 
D 3 HOH 60 562 60 HOH HOH A . 
D 3 HOH 61 563 61 HOH HOH A . 
D 3 HOH 62 564 62 HOH HOH A . 
D 3 HOH 63 565 63 HOH HOH A . 
D 3 HOH 64 566 64 HOH HOH A . 
D 3 HOH 65 567 65 HOH HOH A . 
D 3 HOH 66 568 66 HOH HOH A . 
D 3 HOH 67 569 67 HOH HOH A . 
D 3 HOH 68 570 68 HOH HOH A . 
D 3 HOH 69 571 69 HOH HOH A . 
D 3 HOH 70 572 70 HOH HOH A . 
D 3 HOH 71 573 71 HOH HOH A . 
D 3 HOH 72 574 72 HOH HOH A . 
D 3 HOH 73 575 73 HOH HOH A . 
D 3 HOH 74 576 74 HOH HOH A . 
D 3 HOH 75 577 75 HOH HOH A . 
D 3 HOH 76 578 76 HOH HOH A . 
D 3 HOH 77 579 77 HOH HOH A . 
# 
_pdbx_struct_assembly.id                   1 
_pdbx_struct_assembly.details              author_and_software_defined_assembly 
_pdbx_struct_assembly.method_details       PISA 
_pdbx_struct_assembly.oligomeric_details   trimeric 
_pdbx_struct_assembly.oligomeric_count     3 
# 
_pdbx_struct_assembly_gen.assembly_id       1 
_pdbx_struct_assembly_gen.oper_expression   1,2,3 
_pdbx_struct_assembly_gen.asym_id_list      A,B,C,D 
# 
loop_
_pdbx_struct_assembly_prop.biol_id 
_pdbx_struct_assembly_prop.type 
_pdbx_struct_assembly_prop.value 
_pdbx_struct_assembly_prop.details 
1 'ABSA (A^2)' 4560  ? 
1 MORE         -67.9 ? 
1 'SSA (A^2)'  26860 ? 
# 
loop_
_pdbx_struct_oper_list.id 
_pdbx_struct_oper_list.type 
_pdbx_struct_oper_list.name 
_pdbx_struct_oper_list.symmetry_operation 
_pdbx_struct_oper_list.matrix[1][1] 
_pdbx_struct_oper_list.matrix[1][2] 
_pdbx_struct_oper_list.matrix[1][3] 
_pdbx_struct_oper_list.vector[1] 
_pdbx_struct_oper_list.matrix[2][1] 
_pdbx_struct_oper_list.matrix[2][2] 
_pdbx_struct_oper_list.matrix[2][3] 
_pdbx_struct_oper_list.vector[2] 
_pdbx_struct_oper_list.matrix[3][1] 
_pdbx_struct_oper_list.matrix[3][2] 
_pdbx_struct_oper_list.matrix[3][3] 
_pdbx_struct_oper_list.vector[3] 
1 'identity operation'         1_555  x,y,z           1.0000000000  0.0000000000  0.0000000000  0.0000000000   0.0000000000  1.0000000000  0.0000000000 0.0000000000  0.0000000000  0.0000000000 1.0000000000 0.0000000000   
2 'crystal symmetry operation' 6_555  z+1/2,-x+1/2,-y -0.3842743911 0.7317740378  -0.5628853790 -26.5477565867 -0.8965075761 -0.4413761161 0.0382268239 24.5323762997 -0.2204707651 0.5193205963 0.8256505072 -13.0027903901 
3 'crystal symmetry operation' 12_554 -y+1/2,-z,x-1/2 -0.3842743911 -0.8965075761 -0.2204707651 8.9251030701   0.7317740378  -0.4413761161 0.5193205963 37.0075808610 -0.5628853790 0.0382268239 0.8256505072 -5.1453783763 
# 
loop_
_pdbx_audit_revision_history.ordinal 
_pdbx_audit_revision_history.data_content_type 
_pdbx_audit_revision_history.major_revision 
_pdbx_audit_revision_history.minor_revision 
_pdbx_audit_revision_history.revision_date 
1 'Structure model' 1 0 2007-12-18 
2 'Structure model' 1 1 2011-07-13 
3 'Structure model' 1 2 2017-10-18 
4 'Structure model' 1 3 2023-08-30 
# 
_pdbx_audit_revision_details.ordinal             1 
_pdbx_audit_revision_details.revision_ordinal    1 
_pdbx_audit_revision_details.data_content_type   'Structure model' 
_pdbx_audit_revision_details.provider            repository 
_pdbx_audit_revision_details.type                'Initial release' 
_pdbx_audit_revision_details.description         ? 
_pdbx_audit_revision_details.details             ? 
# 
loop_
_pdbx_audit_revision_group.ordinal 
_pdbx_audit_revision_group.revision_ordinal 
_pdbx_audit_revision_group.data_content_type 
_pdbx_audit_revision_group.group 
1 2 'Structure model' 'Version format compliance' 
2 3 'Structure model' 'Refinement description'    
3 4 'Structure model' 'Data collection'           
4 4 'Structure model' 'Database references'       
5 4 'Structure model' 'Derived calculations'      
6 4 'Structure model' 'Refinement description'    
# 
loop_
_pdbx_audit_revision_category.ordinal 
_pdbx_audit_revision_category.revision_ordinal 
_pdbx_audit_revision_category.data_content_type 
_pdbx_audit_revision_category.category 
1 3 'Structure model' software                      
2 4 'Structure model' chem_comp_atom                
3 4 'Structure model' chem_comp_bond                
4 4 'Structure model' database_2                    
5 4 'Structure model' pdbx_initial_refinement_model 
6 4 'Structure model' struct_site                   
# 
loop_
_pdbx_audit_revision_item.ordinal 
_pdbx_audit_revision_item.revision_ordinal 
_pdbx_audit_revision_item.data_content_type 
_pdbx_audit_revision_item.item 
1  3 'Structure model' '_software.classification'            
2  3 'Structure model' '_software.contact_author'            
3  3 'Structure model' '_software.contact_author_email'      
4  3 'Structure model' '_software.date'                      
5  3 'Structure model' '_software.language'                  
6  3 'Structure model' '_software.location'                  
7  3 'Structure model' '_software.name'                      
8  3 'Structure model' '_software.type'                      
9  3 'Structure model' '_software.version'                   
10 4 'Structure model' '_database_2.pdbx_DOI'                
11 4 'Structure model' '_database_2.pdbx_database_accession' 
12 4 'Structure model' '_struct_site.pdbx_auth_asym_id'      
13 4 'Structure model' '_struct_site.pdbx_auth_comp_id'      
14 4 'Structure model' '_struct_site.pdbx_auth_seq_id'       
# 
_pdbx_phasing_MR.entry_id                     2OSE 
_pdbx_phasing_MR.method_rotation              ? 
_pdbx_phasing_MR.method_translation           ? 
_pdbx_phasing_MR.model_details                ? 
_pdbx_phasing_MR.R_factor                     ? 
_pdbx_phasing_MR.R_rigid_body                 ? 
_pdbx_phasing_MR.correlation_coeff_Fo_to_Fc   ? 
_pdbx_phasing_MR.correlation_coeff_Io_to_Ic   ? 
_pdbx_phasing_MR.d_res_high_rotation          3.000 
_pdbx_phasing_MR.d_res_low_rotation           14.840 
_pdbx_phasing_MR.d_res_high_translation       3.000 
_pdbx_phasing_MR.d_res_low_translation        14.840 
_pdbx_phasing_MR.packing                      ? 
_pdbx_phasing_MR.reflns_percent_rotation      ? 
_pdbx_phasing_MR.reflns_percent_translation   ? 
_pdbx_phasing_MR.sigma_F_rotation             ? 
_pdbx_phasing_MR.sigma_F_translation          ? 
_pdbx_phasing_MR.sigma_I_rotation             ? 
_pdbx_phasing_MR.sigma_I_translation          ? 
# 
loop_
_software.name 
_software.version 
_software.date 
_software.type 
_software.contact_author 
_software.contact_author_email 
_software.classification 
_software.location 
_software.language 
_software.citation_id 
_software.pdbx_ordinal 
DENZO       .       ?                package 'Zbyszek Otwinowski' zbyszek@mix.swmed.edu       'data reduction'  
http://www.lnls.br/infra/linhasluz/denzo-hkl.htm ?          ? 1 
SCALEPACK   .       ?                package 'Zbyszek Otwinowski' zbyszek@mix.swmed.edu       'data scaling'    
http://www.lnls.br/infra/linhasluz/denzo-hkl.htm ?          ? 2 
PHASER      .       ?                other   'R. J. Read'         cimr-phaser@lists.cam.ac.uk phasing           
http://www-structmed.cimr.cam.ac.uk/phaser/      ?          ? 3 
REFMAC      .       ?                program 'Murshudov, G.N.'    ccp4@dl.ac.uk               refinement        
http://www.ccp4.ac.uk/main.html                  Fortran_77 ? 4 
PDB_EXTRACT 2.000   'April. 3, 2006' package PDB                  sw-help@rcsb.rutgers.edu    'data extraction' 
http://pdb.rutgers.edu/software/                 C++        ? 5 
ADSC        Quantum ?                ?       ?                    ?                           'data collection' ? ?          ? 6 
HKL-2000    .       ?                ?       ?                    ?                           'data reduction'  ? ?          ? 7 
# 
loop_
_pdbx_validate_torsion.id 
_pdbx_validate_torsion.PDB_model_num 
_pdbx_validate_torsion.auth_comp_id 
_pdbx_validate_torsion.auth_asym_id 
_pdbx_validate_torsion.auth_seq_id 
_pdbx_validate_torsion.PDB_ins_code 
_pdbx_validate_torsion.label_alt_id 
_pdbx_validate_torsion.phi 
_pdbx_validate_torsion.psi 
1 1 PHE A 40  ? ? -177.11 78.64   
2 1 ASN A 88  ? ? -130.33 -75.92  
3 1 TYR A 107 ? ? -92.16  57.41   
4 1 HIS A 123 ? ? -117.36 52.90   
5 1 ASP A 144 ? ? -146.20 -153.96 
# 
loop_
_pdbx_unobs_or_zero_occ_residues.id 
_pdbx_unobs_or_zero_occ_residues.PDB_model_num 
_pdbx_unobs_or_zero_occ_residues.polymer_flag 
_pdbx_unobs_or_zero_occ_residues.occupancy_flag 
_pdbx_unobs_or_zero_occ_residues.auth_asym_id 
_pdbx_unobs_or_zero_occ_residues.auth_comp_id 
_pdbx_unobs_or_zero_occ_residues.auth_seq_id 
_pdbx_unobs_or_zero_occ_residues.PDB_ins_code 
_pdbx_unobs_or_zero_occ_residues.label_asym_id 
_pdbx_unobs_or_zero_occ_residues.label_comp_id 
_pdbx_unobs_or_zero_occ_residues.label_seq_id 
1  1 Y 1 A VAL 58  ? A VAL 58  
2  1 Y 1 A ASN 59  ? A ASN 59  
3  1 Y 1 A SER 60  ? A SER 60  
4  1 Y 1 A ASN 61  ? A ASN 61  
5  1 Y 1 A GLY 62  ? A GLY 62  
6  1 Y 1 A THR 63  ? A THR 63  
7  1 Y 1 A GLY 64  ? A GLY 64  
8  1 Y 1 A LYS 65  ? A LYS 65  
9  1 Y 1 A TYR 66  ? A TYR 66  
10 1 Y 1 A LYS 67  ? A LYS 67  
11 1 Y 1 A TYR 68  ? A TYR 68  
12 1 Y 1 A ASN 69  ? A ASN 69  
13 1 Y 1 A ARG 70  ? A ARG 70  
14 1 Y 1 A HIS 71  ? A HIS 71  
15 1 Y 1 A ILE 72  ? A ILE 72  
16 1 Y 1 A ASN 97  ? A ASN 97  
17 1 Y 1 A SER 98  ? A SER 98  
18 1 Y 1 A ASN 99  ? A ASN 99  
19 1 Y 1 A GLY 100 ? A GLY 100 
20 1 Y 1 A LYS 215 ? A LYS 215 
21 1 Y 1 A ARG 216 ? A ARG 216 
22 1 Y 1 A PRO 217 ? A PRO 217 
23 1 Y 1 A VAL 218 ? A VAL 218 
24 1 Y 1 A ASN 219 ? A ASN 219 
25 1 Y 1 A VAL 220 ? A VAL 220 
26 1 Y 1 A ASN 221 ? A ASN 221 
27 1 Y 1 A GLY 222 ? A GLY 222 
28 1 Y 1 A THR 223 ? A THR 223 
29 1 Y 1 A LYS 224 ? A LYS 224 
30 1 Y 1 A ARG 225 ? A ARG 225 
31 1 Y 1 A PHE 226 ? A PHE 226 
32 1 Y 1 A LEU 227 ? A LEU 227 
33 1 Y 1 A ASN 228 ? A ASN 228 
34 1 Y 1 A LYS 229 ? A LYS 229 
35 1 Y 1 A PRO 230 ? A PRO 230 
36 1 Y 1 A THR 231 ? A THR 231 
37 1 Y 1 A ARG 232 ? A ARG 232 
38 1 Y 1 A VAL 233 ? A VAL 233 
39 1 Y 1 A ASN 234 ? A ASN 234 
# 
loop_
_chem_comp_atom.comp_id 
_chem_comp_atom.atom_id 
_chem_comp_atom.type_symbol 
_chem_comp_atom.pdbx_aromatic_flag 
_chem_comp_atom.pdbx_stereo_config 
_chem_comp_atom.pdbx_ordinal 
ALA N    N  N N 1   
ALA CA   C  N S 2   
ALA C    C  N N 3   
ALA O    O  N N 4   
ALA CB   C  N N 5   
ALA OXT  O  N N 6   
ALA H    H  N N 7   
ALA H2   H  N N 8   
ALA HA   H  N N 9   
ALA HB1  H  N N 10  
ALA HB2  H  N N 11  
ALA HB3  H  N N 12  
ALA HXT  H  N N 13  
ARG N    N  N N 14  
ARG CA   C  N S 15  
ARG C    C  N N 16  
ARG O    O  N N 17  
ARG CB   C  N N 18  
ARG CG   C  N N 19  
ARG CD   C  N N 20  
ARG NE   N  N N 21  
ARG CZ   C  N N 22  
ARG NH1  N  N N 23  
ARG NH2  N  N N 24  
ARG OXT  O  N N 25  
ARG H    H  N N 26  
ARG H2   H  N N 27  
ARG HA   H  N N 28  
ARG HB2  H  N N 29  
ARG HB3  H  N N 30  
ARG HG2  H  N N 31  
ARG HG3  H  N N 32  
ARG HD2  H  N N 33  
ARG HD3  H  N N 34  
ARG HE   H  N N 35  
ARG HH11 H  N N 36  
ARG HH12 H  N N 37  
ARG HH21 H  N N 38  
ARG HH22 H  N N 39  
ARG HXT  H  N N 40  
ASN N    N  N N 41  
ASN CA   C  N S 42  
ASN C    C  N N 43  
ASN O    O  N N 44  
ASN CB   C  N N 45  
ASN CG   C  N N 46  
ASN OD1  O  N N 47  
ASN ND2  N  N N 48  
ASN OXT  O  N N 49  
ASN H    H  N N 50  
ASN H2   H  N N 51  
ASN HA   H  N N 52  
ASN HB2  H  N N 53  
ASN HB3  H  N N 54  
ASN HD21 H  N N 55  
ASN HD22 H  N N 56  
ASN HXT  H  N N 57  
ASP N    N  N N 58  
ASP CA   C  N S 59  
ASP C    C  N N 60  
ASP O    O  N N 61  
ASP CB   C  N N 62  
ASP CG   C  N N 63  
ASP OD1  O  N N 64  
ASP OD2  O  N N 65  
ASP OXT  O  N N 66  
ASP H    H  N N 67  
ASP H2   H  N N 68  
ASP HA   H  N N 69  
ASP HB2  H  N N 70  
ASP HB3  H  N N 71  
ASP HD2  H  N N 72  
ASP HXT  H  N N 73  
CL  CL   CL N N 74  
CYS N    N  N N 75  
CYS CA   C  N R 76  
CYS C    C  N N 77  
CYS O    O  N N 78  
CYS CB   C  N N 79  
CYS SG   S  N N 80  
CYS OXT  O  N N 81  
CYS H    H  N N 82  
CYS H2   H  N N 83  
CYS HA   H  N N 84  
CYS HB2  H  N N 85  
CYS HB3  H  N N 86  
CYS HG   H  N N 87  
CYS HXT  H  N N 88  
GLN N    N  N N 89  
GLN CA   C  N S 90  
GLN C    C  N N 91  
GLN O    O  N N 92  
GLN CB   C  N N 93  
GLN CG   C  N N 94  
GLN CD   C  N N 95  
GLN OE1  O  N N 96  
GLN NE2  N  N N 97  
GLN OXT  O  N N 98  
GLN H    H  N N 99  
GLN H2   H  N N 100 
GLN HA   H  N N 101 
GLN HB2  H  N N 102 
GLN HB3  H  N N 103 
GLN HG2  H  N N 104 
GLN HG3  H  N N 105 
GLN HE21 H  N N 106 
GLN HE22 H  N N 107 
GLN HXT  H  N N 108 
GLU N    N  N N 109 
GLU CA   C  N S 110 
GLU C    C  N N 111 
GLU O    O  N N 112 
GLU CB   C  N N 113 
GLU CG   C  N N 114 
GLU CD   C  N N 115 
GLU OE1  O  N N 116 
GLU OE2  O  N N 117 
GLU OXT  O  N N 118 
GLU H    H  N N 119 
GLU H2   H  N N 120 
GLU HA   H  N N 121 
GLU HB2  H  N N 122 
GLU HB3  H  N N 123 
GLU HG2  H  N N 124 
GLU HG3  H  N N 125 
GLU HE2  H  N N 126 
GLU HXT  H  N N 127 
GLY N    N  N N 128 
GLY CA   C  N N 129 
GLY C    C  N N 130 
GLY O    O  N N 131 
GLY OXT  O  N N 132 
GLY H    H  N N 133 
GLY H2   H  N N 134 
GLY HA2  H  N N 135 
GLY HA3  H  N N 136 
GLY HXT  H  N N 137 
HIS N    N  N N 138 
HIS CA   C  N S 139 
HIS C    C  N N 140 
HIS O    O  N N 141 
HIS CB   C  N N 142 
HIS CG   C  Y N 143 
HIS ND1  N  Y N 144 
HIS CD2  C  Y N 145 
HIS CE1  C  Y N 146 
HIS NE2  N  Y N 147 
HIS OXT  O  N N 148 
HIS H    H  N N 149 
HIS H2   H  N N 150 
HIS HA   H  N N 151 
HIS HB2  H  N N 152 
HIS HB3  H  N N 153 
HIS HD1  H  N N 154 
HIS HD2  H  N N 155 
HIS HE1  H  N N 156 
HIS HE2  H  N N 157 
HIS HXT  H  N N 158 
HOH O    O  N N 159 
HOH H1   H  N N 160 
HOH H2   H  N N 161 
ILE N    N  N N 162 
ILE CA   C  N S 163 
ILE C    C  N N 164 
ILE O    O  N N 165 
ILE CB   C  N S 166 
ILE CG1  C  N N 167 
ILE CG2  C  N N 168 
ILE CD1  C  N N 169 
ILE OXT  O  N N 170 
ILE H    H  N N 171 
ILE H2   H  N N 172 
ILE HA   H  N N 173 
ILE HB   H  N N 174 
ILE HG12 H  N N 175 
ILE HG13 H  N N 176 
ILE HG21 H  N N 177 
ILE HG22 H  N N 178 
ILE HG23 H  N N 179 
ILE HD11 H  N N 180 
ILE HD12 H  N N 181 
ILE HD13 H  N N 182 
ILE HXT  H  N N 183 
LEU N    N  N N 184 
LEU CA   C  N S 185 
LEU C    C  N N 186 
LEU O    O  N N 187 
LEU CB   C  N N 188 
LEU CG   C  N N 189 
LEU CD1  C  N N 190 
LEU CD2  C  N N 191 
LEU OXT  O  N N 192 
LEU H    H  N N 193 
LEU H2   H  N N 194 
LEU HA   H  N N 195 
LEU HB2  H  N N 196 
LEU HB3  H  N N 197 
LEU HG   H  N N 198 
LEU HD11 H  N N 199 
LEU HD12 H  N N 200 
LEU HD13 H  N N 201 
LEU HD21 H  N N 202 
LEU HD22 H  N N 203 
LEU HD23 H  N N 204 
LEU HXT  H  N N 205 
LYS N    N  N N 206 
LYS CA   C  N S 207 
LYS C    C  N N 208 
LYS O    O  N N 209 
LYS CB   C  N N 210 
LYS CG   C  N N 211 
LYS CD   C  N N 212 
LYS CE   C  N N 213 
LYS NZ   N  N N 214 
LYS OXT  O  N N 215 
LYS H    H  N N 216 
LYS H2   H  N N 217 
LYS HA   H  N N 218 
LYS HB2  H  N N 219 
LYS HB3  H  N N 220 
LYS HG2  H  N N 221 
LYS HG3  H  N N 222 
LYS HD2  H  N N 223 
LYS HD3  H  N N 224 
LYS HE2  H  N N 225 
LYS HE3  H  N N 226 
LYS HZ1  H  N N 227 
LYS HZ2  H  N N 228 
LYS HZ3  H  N N 229 
LYS HXT  H  N N 230 
MET N    N  N N 231 
MET CA   C  N S 232 
MET C    C  N N 233 
MET O    O  N N 234 
MET CB   C  N N 235 
MET CG   C  N N 236 
MET SD   S  N N 237 
MET CE   C  N N 238 
MET OXT  O  N N 239 
MET H    H  N N 240 
MET H2   H  N N 241 
MET HA   H  N N 242 
MET HB2  H  N N 243 
MET HB3  H  N N 244 
MET HG2  H  N N 245 
MET HG3  H  N N 246 
MET HE1  H  N N 247 
MET HE2  H  N N 248 
MET HE3  H  N N 249 
MET HXT  H  N N 250 
PHE N    N  N N 251 
PHE CA   C  N S 252 
PHE C    C  N N 253 
PHE O    O  N N 254 
PHE CB   C  N N 255 
PHE CG   C  Y N 256 
PHE CD1  C  Y N 257 
PHE CD2  C  Y N 258 
PHE CE1  C  Y N 259 
PHE CE2  C  Y N 260 
PHE CZ   C  Y N 261 
PHE OXT  O  N N 262 
PHE H    H  N N 263 
PHE H2   H  N N 264 
PHE HA   H  N N 265 
PHE HB2  H  N N 266 
PHE HB3  H  N N 267 
PHE HD1  H  N N 268 
PHE HD2  H  N N 269 
PHE HE1  H  N N 270 
PHE HE2  H  N N 271 
PHE HZ   H  N N 272 
PHE HXT  H  N N 273 
PRO N    N  N N 274 
PRO CA   C  N S 275 
PRO C    C  N N 276 
PRO O    O  N N 277 
PRO CB   C  N N 278 
PRO CG   C  N N 279 
PRO CD   C  N N 280 
PRO OXT  O  N N 281 
PRO H    H  N N 282 
PRO HA   H  N N 283 
PRO HB2  H  N N 284 
PRO HB3  H  N N 285 
PRO HG2  H  N N 286 
PRO HG3  H  N N 287 
PRO HD2  H  N N 288 
PRO HD3  H  N N 289 
PRO HXT  H  N N 290 
SER N    N  N N 291 
SER CA   C  N S 292 
SER C    C  N N 293 
SER O    O  N N 294 
SER CB   C  N N 295 
SER OG   O  N N 296 
SER OXT  O  N N 297 
SER H    H  N N 298 
SER H2   H  N N 299 
SER HA   H  N N 300 
SER HB2  H  N N 301 
SER HB3  H  N N 302 
SER HG   H  N N 303 
SER HXT  H  N N 304 
THR N    N  N N 305 
THR CA   C  N S 306 
THR C    C  N N 307 
THR O    O  N N 308 
THR CB   C  N R 309 
THR OG1  O  N N 310 
THR CG2  C  N N 311 
THR OXT  O  N N 312 
THR H    H  N N 313 
THR H2   H  N N 314 
THR HA   H  N N 315 
THR HB   H  N N 316 
THR HG1  H  N N 317 
THR HG21 H  N N 318 
THR HG22 H  N N 319 
THR HG23 H  N N 320 
THR HXT  H  N N 321 
TYR N    N  N N 322 
TYR CA   C  N S 323 
TYR C    C  N N 324 
TYR O    O  N N 325 
TYR CB   C  N N 326 
TYR CG   C  Y N 327 
TYR CD1  C  Y N 328 
TYR CD2  C  Y N 329 
TYR CE1  C  Y N 330 
TYR CE2  C  Y N 331 
TYR CZ   C  Y N 332 
TYR OH   O  N N 333 
TYR OXT  O  N N 334 
TYR H    H  N N 335 
TYR H2   H  N N 336 
TYR HA   H  N N 337 
TYR HB2  H  N N 338 
TYR HB3  H  N N 339 
TYR HD1  H  N N 340 
TYR HD2  H  N N 341 
TYR HE1  H  N N 342 
TYR HE2  H  N N 343 
TYR HH   H  N N 344 
TYR HXT  H  N N 345 
VAL N    N  N N 346 
VAL CA   C  N S 347 
VAL C    C  N N 348 
VAL O    O  N N 349 
VAL CB   C  N N 350 
VAL CG1  C  N N 351 
VAL CG2  C  N N 352 
VAL OXT  O  N N 353 
VAL H    H  N N 354 
VAL H2   H  N N 355 
VAL HA   H  N N 356 
VAL HB   H  N N 357 
VAL HG11 H  N N 358 
VAL HG12 H  N N 359 
VAL HG13 H  N N 360 
VAL HG21 H  N N 361 
VAL HG22 H  N N 362 
VAL HG23 H  N N 363 
VAL HXT  H  N N 364 
# 
loop_
_chem_comp_bond.comp_id 
_chem_comp_bond.atom_id_1 
_chem_comp_bond.atom_id_2 
_chem_comp_bond.value_order 
_chem_comp_bond.pdbx_aromatic_flag 
_chem_comp_bond.pdbx_stereo_config 
_chem_comp_bond.pdbx_ordinal 
ALA N   CA   sing N N 1   
ALA N   H    sing N N 2   
ALA N   H2   sing N N 3   
ALA CA  C    sing N N 4   
ALA CA  CB   sing N N 5   
ALA CA  HA   sing N N 6   
ALA C   O    doub N N 7   
ALA C   OXT  sing N N 8   
ALA CB  HB1  sing N N 9   
ALA CB  HB2  sing N N 10  
ALA CB  HB3  sing N N 11  
ALA OXT HXT  sing N N 12  
ARG N   CA   sing N N 13  
ARG N   H    sing N N 14  
ARG N   H2   sing N N 15  
ARG CA  C    sing N N 16  
ARG CA  CB   sing N N 17  
ARG CA  HA   sing N N 18  
ARG C   O    doub N N 19  
ARG C   OXT  sing N N 20  
ARG CB  CG   sing N N 21  
ARG CB  HB2  sing N N 22  
ARG CB  HB3  sing N N 23  
ARG CG  CD   sing N N 24  
ARG CG  HG2  sing N N 25  
ARG CG  HG3  sing N N 26  
ARG CD  NE   sing N N 27  
ARG CD  HD2  sing N N 28  
ARG CD  HD3  sing N N 29  
ARG NE  CZ   sing N N 30  
ARG NE  HE   sing N N 31  
ARG CZ  NH1  sing N N 32  
ARG CZ  NH2  doub N N 33  
ARG NH1 HH11 sing N N 34  
ARG NH1 HH12 sing N N 35  
ARG NH2 HH21 sing N N 36  
ARG NH2 HH22 sing N N 37  
ARG OXT HXT  sing N N 38  
ASN N   CA   sing N N 39  
ASN N   H    sing N N 40  
ASN N   H2   sing N N 41  
ASN CA  C    sing N N 42  
ASN CA  CB   sing N N 43  
ASN CA  HA   sing N N 44  
ASN C   O    doub N N 45  
ASN C   OXT  sing N N 46  
ASN CB  CG   sing N N 47  
ASN CB  HB2  sing N N 48  
ASN CB  HB3  sing N N 49  
ASN CG  OD1  doub N N 50  
ASN CG  ND2  sing N N 51  
ASN ND2 HD21 sing N N 52  
ASN ND2 HD22 sing N N 53  
ASN OXT HXT  sing N N 54  
ASP N   CA   sing N N 55  
ASP N   H    sing N N 56  
ASP N   H2   sing N N 57  
ASP CA  C    sing N N 58  
ASP CA  CB   sing N N 59  
ASP CA  HA   sing N N 60  
ASP C   O    doub N N 61  
ASP C   OXT  sing N N 62  
ASP CB  CG   sing N N 63  
ASP CB  HB2  sing N N 64  
ASP CB  HB3  sing N N 65  
ASP CG  OD1  doub N N 66  
ASP CG  OD2  sing N N 67  
ASP OD2 HD2  sing N N 68  
ASP OXT HXT  sing N N 69  
CYS N   CA   sing N N 70  
CYS N   H    sing N N 71  
CYS N   H2   sing N N 72  
CYS CA  C    sing N N 73  
CYS CA  CB   sing N N 74  
CYS CA  HA   sing N N 75  
CYS C   O    doub N N 76  
CYS C   OXT  sing N N 77  
CYS CB  SG   sing N N 78  
CYS CB  HB2  sing N N 79  
CYS CB  HB3  sing N N 80  
CYS SG  HG   sing N N 81  
CYS OXT HXT  sing N N 82  
GLN N   CA   sing N N 83  
GLN N   H    sing N N 84  
GLN N   H2   sing N N 85  
GLN CA  C    sing N N 86  
GLN CA  CB   sing N N 87  
GLN CA  HA   sing N N 88  
GLN C   O    doub N N 89  
GLN C   OXT  sing N N 90  
GLN CB  CG   sing N N 91  
GLN CB  HB2  sing N N 92  
GLN CB  HB3  sing N N 93  
GLN CG  CD   sing N N 94  
GLN CG  HG2  sing N N 95  
GLN CG  HG3  sing N N 96  
GLN CD  OE1  doub N N 97  
GLN CD  NE2  sing N N 98  
GLN NE2 HE21 sing N N 99  
GLN NE2 HE22 sing N N 100 
GLN OXT HXT  sing N N 101 
GLU N   CA   sing N N 102 
GLU N   H    sing N N 103 
GLU N   H2   sing N N 104 
GLU CA  C    sing N N 105 
GLU CA  CB   sing N N 106 
GLU CA  HA   sing N N 107 
GLU C   O    doub N N 108 
GLU C   OXT  sing N N 109 
GLU CB  CG   sing N N 110 
GLU CB  HB2  sing N N 111 
GLU CB  HB3  sing N N 112 
GLU CG  CD   sing N N 113 
GLU CG  HG2  sing N N 114 
GLU CG  HG3  sing N N 115 
GLU CD  OE1  doub N N 116 
GLU CD  OE2  sing N N 117 
GLU OE2 HE2  sing N N 118 
GLU OXT HXT  sing N N 119 
GLY N   CA   sing N N 120 
GLY N   H    sing N N 121 
GLY N   H2   sing N N 122 
GLY CA  C    sing N N 123 
GLY CA  HA2  sing N N 124 
GLY CA  HA3  sing N N 125 
GLY C   O    doub N N 126 
GLY C   OXT  sing N N 127 
GLY OXT HXT  sing N N 128 
HIS N   CA   sing N N 129 
HIS N   H    sing N N 130 
HIS N   H2   sing N N 131 
HIS CA  C    sing N N 132 
HIS CA  CB   sing N N 133 
HIS CA  HA   sing N N 134 
HIS C   O    doub N N 135 
HIS C   OXT  sing N N 136 
HIS CB  CG   sing N N 137 
HIS CB  HB2  sing N N 138 
HIS CB  HB3  sing N N 139 
HIS CG  ND1  sing Y N 140 
HIS CG  CD2  doub Y N 141 
HIS ND1 CE1  doub Y N 142 
HIS ND1 HD1  sing N N 143 
HIS CD2 NE2  sing Y N 144 
HIS CD2 HD2  sing N N 145 
HIS CE1 NE2  sing Y N 146 
HIS CE1 HE1  sing N N 147 
HIS NE2 HE2  sing N N 148 
HIS OXT HXT  sing N N 149 
HOH O   H1   sing N N 150 
HOH O   H2   sing N N 151 
ILE N   CA   sing N N 152 
ILE N   H    sing N N 153 
ILE N   H2   sing N N 154 
ILE CA  C    sing N N 155 
ILE CA  CB   sing N N 156 
ILE CA  HA   sing N N 157 
ILE C   O    doub N N 158 
ILE C   OXT  sing N N 159 
ILE CB  CG1  sing N N 160 
ILE CB  CG2  sing N N 161 
ILE CB  HB   sing N N 162 
ILE CG1 CD1  sing N N 163 
ILE CG1 HG12 sing N N 164 
ILE CG1 HG13 sing N N 165 
ILE CG2 HG21 sing N N 166 
ILE CG2 HG22 sing N N 167 
ILE CG2 HG23 sing N N 168 
ILE CD1 HD11 sing N N 169 
ILE CD1 HD12 sing N N 170 
ILE CD1 HD13 sing N N 171 
ILE OXT HXT  sing N N 172 
LEU N   CA   sing N N 173 
LEU N   H    sing N N 174 
LEU N   H2   sing N N 175 
LEU CA  C    sing N N 176 
LEU CA  CB   sing N N 177 
LEU CA  HA   sing N N 178 
LEU C   O    doub N N 179 
LEU C   OXT  sing N N 180 
LEU CB  CG   sing N N 181 
LEU CB  HB2  sing N N 182 
LEU CB  HB3  sing N N 183 
LEU CG  CD1  sing N N 184 
LEU CG  CD2  sing N N 185 
LEU CG  HG   sing N N 186 
LEU CD1 HD11 sing N N 187 
LEU CD1 HD12 sing N N 188 
LEU CD1 HD13 sing N N 189 
LEU CD2 HD21 sing N N 190 
LEU CD2 HD22 sing N N 191 
LEU CD2 HD23 sing N N 192 
LEU OXT HXT  sing N N 193 
LYS N   CA   sing N N 194 
LYS N   H    sing N N 195 
LYS N   H2   sing N N 196 
LYS CA  C    sing N N 197 
LYS CA  CB   sing N N 198 
LYS CA  HA   sing N N 199 
LYS C   O    doub N N 200 
LYS C   OXT  sing N N 201 
LYS CB  CG   sing N N 202 
LYS CB  HB2  sing N N 203 
LYS CB  HB3  sing N N 204 
LYS CG  CD   sing N N 205 
LYS CG  HG2  sing N N 206 
LYS CG  HG3  sing N N 207 
LYS CD  CE   sing N N 208 
LYS CD  HD2  sing N N 209 
LYS CD  HD3  sing N N 210 
LYS CE  NZ   sing N N 211 
LYS CE  HE2  sing N N 212 
LYS CE  HE3  sing N N 213 
LYS NZ  HZ1  sing N N 214 
LYS NZ  HZ2  sing N N 215 
LYS NZ  HZ3  sing N N 216 
LYS OXT HXT  sing N N 217 
MET N   CA   sing N N 218 
MET N   H    sing N N 219 
MET N   H2   sing N N 220 
MET CA  C    sing N N 221 
MET CA  CB   sing N N 222 
MET CA  HA   sing N N 223 
MET C   O    doub N N 224 
MET C   OXT  sing N N 225 
MET CB  CG   sing N N 226 
MET CB  HB2  sing N N 227 
MET CB  HB3  sing N N 228 
MET CG  SD   sing N N 229 
MET CG  HG2  sing N N 230 
MET CG  HG3  sing N N 231 
MET SD  CE   sing N N 232 
MET CE  HE1  sing N N 233 
MET CE  HE2  sing N N 234 
MET CE  HE3  sing N N 235 
MET OXT HXT  sing N N 236 
PHE N   CA   sing N N 237 
PHE N   H    sing N N 238 
PHE N   H2   sing N N 239 
PHE CA  C    sing N N 240 
PHE CA  CB   sing N N 241 
PHE CA  HA   sing N N 242 
PHE C   O    doub N N 243 
PHE C   OXT  sing N N 244 
PHE CB  CG   sing N N 245 
PHE CB  HB2  sing N N 246 
PHE CB  HB3  sing N N 247 
PHE CG  CD1  doub Y N 248 
PHE CG  CD2  sing Y N 249 
PHE CD1 CE1  sing Y N 250 
PHE CD1 HD1  sing N N 251 
PHE CD2 CE2  doub Y N 252 
PHE CD2 HD2  sing N N 253 
PHE CE1 CZ   doub Y N 254 
PHE CE1 HE1  sing N N 255 
PHE CE2 CZ   sing Y N 256 
PHE CE2 HE2  sing N N 257 
PHE CZ  HZ   sing N N 258 
PHE OXT HXT  sing N N 259 
PRO N   CA   sing N N 260 
PRO N   CD   sing N N 261 
PRO N   H    sing N N 262 
PRO CA  C    sing N N 263 
PRO CA  CB   sing N N 264 
PRO CA  HA   sing N N 265 
PRO C   O    doub N N 266 
PRO C   OXT  sing N N 267 
PRO CB  CG   sing N N 268 
PRO CB  HB2  sing N N 269 
PRO CB  HB3  sing N N 270 
PRO CG  CD   sing N N 271 
PRO CG  HG2  sing N N 272 
PRO CG  HG3  sing N N 273 
PRO CD  HD2  sing N N 274 
PRO CD  HD3  sing N N 275 
PRO OXT HXT  sing N N 276 
SER N   CA   sing N N 277 
SER N   H    sing N N 278 
SER N   H2   sing N N 279 
SER CA  C    sing N N 280 
SER CA  CB   sing N N 281 
SER CA  HA   sing N N 282 
SER C   O    doub N N 283 
SER C   OXT  sing N N 284 
SER CB  OG   sing N N 285 
SER CB  HB2  sing N N 286 
SER CB  HB3  sing N N 287 
SER OG  HG   sing N N 288 
SER OXT HXT  sing N N 289 
THR N   CA   sing N N 290 
THR N   H    sing N N 291 
THR N   H2   sing N N 292 
THR CA  C    sing N N 293 
THR CA  CB   sing N N 294 
THR CA  HA   sing N N 295 
THR C   O    doub N N 296 
THR C   OXT  sing N N 297 
THR CB  OG1  sing N N 298 
THR CB  CG2  sing N N 299 
THR CB  HB   sing N N 300 
THR OG1 HG1  sing N N 301 
THR CG2 HG21 sing N N 302 
THR CG2 HG22 sing N N 303 
THR CG2 HG23 sing N N 304 
THR OXT HXT  sing N N 305 
TYR N   CA   sing N N 306 
TYR N   H    sing N N 307 
TYR N   H2   sing N N 308 
TYR CA  C    sing N N 309 
TYR CA  CB   sing N N 310 
TYR CA  HA   sing N N 311 
TYR C   O    doub N N 312 
TYR C   OXT  sing N N 313 
TYR CB  CG   sing N N 314 
TYR CB  HB2  sing N N 315 
TYR CB  HB3  sing N N 316 
TYR CG  CD1  doub Y N 317 
TYR CG  CD2  sing Y N 318 
TYR CD1 CE1  sing Y N 319 
TYR CD1 HD1  sing N N 320 
TYR CD2 CE2  doub Y N 321 
TYR CD2 HD2  sing N N 322 
TYR CE1 CZ   doub Y N 323 
TYR CE1 HE1  sing N N 324 
TYR CE2 CZ   sing Y N 325 
TYR CE2 HE2  sing N N 326 
TYR CZ  OH   sing N N 327 
TYR OH  HH   sing N N 328 
TYR OXT HXT  sing N N 329 
VAL N   CA   sing N N 330 
VAL N   H    sing N N 331 
VAL N   H2   sing N N 332 
VAL CA  C    sing N N 333 
VAL CA  CB   sing N N 334 
VAL CA  HA   sing N N 335 
VAL C   O    doub N N 336 
VAL C   OXT  sing N N 337 
VAL CB  CG1  sing N N 338 
VAL CB  CG2  sing N N 339 
VAL CB  HB   sing N N 340 
VAL CG1 HG11 sing N N 341 
VAL CG1 HG12 sing N N 342 
VAL CG1 HG13 sing N N 343 
VAL CG2 HG21 sing N N 344 
VAL CG2 HG22 sing N N 345 
VAL CG2 HG23 sing N N 346 
VAL OXT HXT  sing N N 347 
# 
loop_
_pdbx_entity_nonpoly.entity_id 
_pdbx_entity_nonpoly.name 
_pdbx_entity_nonpoly.comp_id 
2 'CHLORIDE ION' CL  
3 water          HOH 
# 
_pdbx_initial_refinement_model.id               1 
_pdbx_initial_refinement_model.entity_id_list   ? 
_pdbx_initial_refinement_model.type             'experimental model' 
_pdbx_initial_refinement_model.source_name      PDB 
_pdbx_initial_refinement_model.accession_code   2BIT 
_pdbx_initial_refinement_model.details          ? 
# 
